data_1WXA
#
_entry.id   1WXA
#
_cell.length_a   1.000
_cell.length_b   1.000
_cell.length_c   1.000
_cell.angle_alpha   90.00
_cell.angle_beta   90.00
_cell.angle_gamma   90.00
#
_symmetry.space_group_name_H-M   'P 1'
#
_entity_poly.entity_id   1
_entity_poly.type   'polypeptide(L)'
_entity_poly.pdbx_seq_one_letter_code
;GSSGSSGSGGTLRIYADSLKPNIPYKTILLSTTDTADFAVAESLEKYGLEKENPKDYCIARVMLPPGAQHSDERGAKEII
LDDDECPLQIFREWPSDKGILVFQLKRRPPSGPSSG
;
_entity_poly.pdbx_strand_id   A
#
# COMPACT_ATOMS: atom_id res chain seq x y z
N GLY A 1 -2.02 23.84 -14.19
CA GLY A 1 -3.06 24.02 -13.18
C GLY A 1 -4.03 22.83 -13.18
N SER A 2 -4.70 22.66 -12.05
CA SER A 2 -5.65 21.57 -11.90
C SER A 2 -6.48 21.77 -10.63
N SER A 3 -7.79 21.63 -10.80
CA SER A 3 -8.71 21.79 -9.68
C SER A 3 -9.02 20.43 -9.06
N GLY A 4 -8.85 20.35 -7.75
CA GLY A 4 -9.13 19.12 -7.03
C GLY A 4 -9.37 19.40 -5.54
N SER A 5 -9.12 18.38 -4.73
CA SER A 5 -9.31 18.51 -3.30
C SER A 5 -10.75 18.95 -3.00
N SER A 6 -11.62 17.97 -2.86
CA SER A 6 -13.01 18.24 -2.57
C SER A 6 -13.61 17.12 -1.73
N GLY A 7 -14.39 17.52 -0.73
CA GLY A 7 -15.03 16.55 0.16
C GLY A 7 -14.00 15.91 1.09
N SER A 8 -13.79 14.62 0.89
CA SER A 8 -12.84 13.88 1.71
C SER A 8 -11.98 12.98 0.82
N GLY A 9 -12.66 12.15 0.04
CA GLY A 9 -11.98 11.23 -0.85
C GLY A 9 -11.72 9.88 -0.17
N GLY A 10 -10.76 9.89 0.73
CA GLY A 10 -10.42 8.67 1.46
C GLY A 10 -8.98 8.73 1.97
N THR A 11 -8.67 7.79 2.86
CA THR A 11 -7.33 7.72 3.42
C THR A 11 -6.78 6.30 3.32
N LEU A 12 -5.46 6.22 3.23
CA LEU A 12 -4.79 4.93 3.12
C LEU A 12 -3.53 4.93 3.99
N ARG A 13 -3.45 3.93 4.84
CA ARG A 13 -2.29 3.80 5.73
C ARG A 13 -1.19 2.99 5.06
N ILE A 14 -0.17 3.69 4.61
CA ILE A 14 0.95 3.05 3.95
C ILE A 14 2.07 2.82 4.97
N TYR A 15 2.02 1.66 5.61
CA TYR A 15 3.01 1.31 6.61
C TYR A 15 4.39 1.11 5.96
N ALA A 16 4.39 0.38 4.86
CA ALA A 16 5.62 0.10 4.14
C ALA A 16 6.74 -0.16 5.14
N ASP A 17 6.56 -1.22 5.92
CA ASP A 17 7.55 -1.59 6.92
C ASP A 17 8.68 -2.38 6.24
N SER A 18 9.60 -1.63 5.65
CA SER A 18 10.73 -2.23 4.97
C SER A 18 11.53 -1.16 4.23
N LEU A 19 10.86 -0.52 3.29
CA LEU A 19 11.50 0.53 2.50
C LEU A 19 11.95 1.66 3.43
N LYS A 20 11.17 1.87 4.48
CA LYS A 20 11.48 2.90 5.45
C LYS A 20 11.08 2.43 6.84
N PRO A 21 12.07 1.81 7.54
CA PRO A 21 11.82 1.31 8.89
C PRO A 21 11.77 2.46 9.90
N ASN A 22 12.65 3.42 9.70
CA ASN A 22 12.72 4.57 10.58
C ASN A 22 11.30 5.07 10.86
N ILE A 23 10.59 5.39 9.80
CA ILE A 23 9.22 5.88 9.92
C ILE A 23 8.29 4.70 10.19
N PRO A 24 7.28 4.95 11.05
CA PRO A 24 6.31 3.92 11.40
C PRO A 24 5.31 3.69 10.26
N TYR A 25 4.31 4.55 10.22
CA TYR A 25 3.29 4.46 9.19
C TYR A 25 3.07 5.82 8.51
N LYS A 26 2.57 5.76 7.29
CA LYS A 26 2.30 6.97 6.53
C LYS A 26 0.86 6.95 6.03
N THR A 27 0.26 8.12 6.00
CA THR A 27 -1.12 8.26 5.55
C THR A 27 -1.24 9.39 4.53
N ILE A 28 -1.69 9.04 3.35
CA ILE A 28 -1.86 10.02 2.28
C ILE A 28 -3.32 10.01 1.82
N LEU A 29 -3.76 11.16 1.33
CA LEU A 29 -5.13 11.29 0.86
C LEU A 29 -5.28 10.53 -0.47
N LEU A 30 -6.00 9.42 -0.39
CA LEU A 30 -6.22 8.59 -1.56
C LEU A 30 -7.69 8.71 -1.98
N SER A 31 -7.94 8.36 -3.24
CA SER A 31 -9.28 8.43 -3.78
C SER A 31 -9.69 7.05 -4.32
N THR A 32 -10.97 6.93 -4.61
CA THR A 32 -11.51 5.69 -5.15
C THR A 32 -11.37 5.65 -6.67
N THR A 33 -10.16 5.94 -7.13
CA THR A 33 -9.88 5.94 -8.56
C THR A 33 -8.38 5.95 -8.80
N ASP A 34 -7.68 6.75 -8.01
CA ASP A 34 -6.23 6.85 -8.13
C ASP A 34 -5.65 5.46 -8.35
N THR A 35 -4.41 5.43 -8.84
CA THR A 35 -3.73 4.18 -9.10
C THR A 35 -2.64 3.94 -8.04
N ALA A 36 -1.88 2.87 -8.26
CA ALA A 36 -0.82 2.52 -7.35
C ALA A 36 0.37 3.46 -7.57
N ASP A 37 0.76 3.59 -8.84
CA ASP A 37 1.87 4.44 -9.19
C ASP A 37 1.77 5.75 -8.42
N PHE A 38 0.62 6.40 -8.57
CA PHE A 38 0.38 7.66 -7.89
C PHE A 38 0.69 7.55 -6.40
N ALA A 39 0.03 6.61 -5.75
CA ALA A 39 0.22 6.39 -4.34
C ALA A 39 1.71 6.18 -4.05
N VAL A 40 2.30 5.25 -4.81
CA VAL A 40 3.70 4.95 -4.65
C VAL A 40 4.50 6.24 -4.53
N ALA A 41 4.49 7.01 -5.60
CA ALA A 41 5.20 8.28 -5.64
C ALA A 41 4.90 9.04 -4.34
N GLU A 42 3.62 9.30 -4.11
CA GLU A 42 3.20 10.02 -2.93
C GLU A 42 3.90 9.47 -1.69
N SER A 43 3.63 8.20 -1.42
CA SER A 43 4.22 7.54 -0.26
C SER A 43 5.72 7.82 -0.22
N LEU A 44 6.36 7.64 -1.37
CA LEU A 44 7.79 7.87 -1.46
C LEU A 44 8.11 9.27 -0.94
N GLU A 45 7.64 10.27 -1.67
CA GLU A 45 7.87 11.66 -1.30
C GLU A 45 7.65 11.84 0.20
N LYS A 46 6.52 11.33 0.67
CA LYS A 46 6.18 11.43 2.08
C LYS A 46 7.40 11.06 2.93
N TYR A 47 7.78 9.79 2.84
CA TYR A 47 8.93 9.30 3.59
C TYR A 47 10.18 10.14 3.28
N GLY A 48 10.16 10.77 2.12
CA GLY A 48 11.28 11.59 1.70
C GLY A 48 12.07 10.93 0.57
N LEU A 49 11.34 10.20 -0.27
CA LEU A 49 11.95 9.52 -1.38
C LEU A 49 11.54 10.20 -2.70
N GLU A 50 11.77 11.50 -2.74
CA GLU A 50 11.43 12.28 -3.92
C GLU A 50 12.55 12.21 -4.95
N LYS A 51 13.01 10.99 -5.19
CA LYS A 51 14.08 10.77 -6.15
C LYS A 51 14.01 9.34 -6.66
N GLU A 52 13.84 8.41 -5.73
CA GLU A 52 13.76 7.00 -6.08
C GLU A 52 12.78 6.80 -7.23
N ASN A 53 12.84 5.62 -7.82
CA ASN A 53 11.97 5.27 -8.93
C ASN A 53 10.69 4.63 -8.39
N PRO A 54 9.56 5.36 -8.60
CA PRO A 54 8.27 4.88 -8.15
C PRO A 54 7.75 3.76 -9.05
N LYS A 55 8.37 3.65 -10.22
CA LYS A 55 7.98 2.64 -11.18
C LYS A 55 8.53 1.28 -10.72
N ASP A 56 9.59 1.34 -9.92
CA ASP A 56 10.21 0.13 -9.42
C ASP A 56 9.37 -0.42 -8.26
N TYR A 57 8.93 0.50 -7.41
CA TYR A 57 8.12 0.11 -6.26
C TYR A 57 6.64 0.10 -6.61
N CYS A 58 5.91 -0.79 -5.94
CA CYS A 58 4.48 -0.92 -6.18
C CYS A 58 3.78 -0.96 -4.82
N ILE A 59 2.48 -1.26 -4.88
CA ILE A 59 1.68 -1.33 -3.66
C ILE A 59 1.25 -2.78 -3.43
N ALA A 60 1.98 -3.44 -2.54
CA ALA A 60 1.69 -4.83 -2.22
C ALA A 60 0.70 -4.88 -1.06
N ARG A 61 -0.46 -5.47 -1.33
CA ARG A 61 -1.50 -5.60 -0.32
C ARG A 61 -1.31 -6.89 0.48
N VAL A 62 -1.42 -6.76 1.79
CA VAL A 62 -1.28 -7.91 2.66
C VAL A 62 -2.65 -8.28 3.25
N MET A 63 -3.06 -9.51 2.94
CA MET A 63 -4.34 -10.01 3.42
C MET A 63 -4.15 -11.12 4.44
N LEU A 64 -4.84 -10.99 5.56
CA LEU A 64 -4.76 -11.97 6.63
C LEU A 64 -5.48 -13.25 6.18
N PRO A 65 -5.02 -14.39 6.75
CA PRO A 65 -5.61 -15.68 6.43
C PRO A 65 -6.98 -15.85 7.10
N PRO A 66 -7.72 -16.88 6.64
CA PRO A 66 -9.04 -17.16 7.18
C PRO A 66 -8.93 -17.81 8.57
N GLY A 67 -7.90 -18.61 8.73
CA GLY A 67 -7.67 -19.30 10.00
C GLY A 67 -6.63 -18.56 10.84
N ALA A 68 -7.02 -17.38 11.31
CA ALA A 68 -6.13 -16.58 12.12
C ALA A 68 -6.94 -15.90 13.24
N GLN A 69 -6.41 -16.00 14.45
CA GLN A 69 -7.07 -15.40 15.60
C GLN A 69 -6.22 -15.62 16.86
N HIS A 70 -5.12 -14.89 16.92
CA HIS A 70 -4.22 -14.99 18.06
C HIS A 70 -3.26 -13.79 18.06
N SER A 71 -2.58 -13.61 16.93
CA SER A 71 -1.64 -12.52 16.79
C SER A 71 -2.02 -11.66 15.59
N ASP A 72 -1.14 -10.72 15.27
CA ASP A 72 -1.36 -9.82 14.16
C ASP A 72 -0.53 -10.29 12.96
N GLU A 73 -1.08 -10.06 11.77
CA GLU A 73 -0.41 -10.45 10.54
C GLU A 73 0.06 -11.90 10.65
N ARG A 74 -0.66 -12.68 11.43
CA ARG A 74 -0.32 -14.09 11.63
C ARG A 74 -0.11 -14.77 10.28
N GLY A 75 1.15 -15.03 9.97
CA GLY A 75 1.50 -15.67 8.72
C GLY A 75 0.62 -15.15 7.57
N ALA A 76 0.66 -13.84 7.39
CA ALA A 76 -0.11 -13.21 6.34
C ALA A 76 0.67 -13.27 5.03
N LYS A 77 -0.07 -13.38 3.93
CA LYS A 77 0.54 -13.44 2.62
C LYS A 77 0.04 -12.27 1.76
N GLU A 78 0.98 -11.47 1.30
CA GLU A 78 0.65 -10.32 0.48
C GLU A 78 0.81 -10.67 -1.01
N ILE A 79 0.04 -9.96 -1.83
CA ILE A 79 0.09 -10.18 -3.26
C ILE A 79 0.16 -8.84 -3.98
N ILE A 80 1.27 -8.64 -4.69
CA ILE A 80 1.48 -7.40 -5.42
C ILE A 80 0.25 -7.10 -6.28
N LEU A 81 0.06 -5.83 -6.59
CA LEU A 81 -1.06 -5.40 -7.40
C LEU A 81 -0.58 -5.11 -8.82
N ASP A 82 -1.52 -5.13 -9.75
CA ASP A 82 -1.21 -4.87 -11.14
C ASP A 82 -0.38 -3.59 -11.24
N ASP A 83 -1.08 -2.46 -11.15
CA ASP A 83 -0.42 -1.17 -11.23
C ASP A 83 -1.48 -0.08 -11.35
N ASP A 84 -2.54 -0.39 -12.07
CA ASP A 84 -3.63 0.55 -12.26
C ASP A 84 -4.79 0.18 -11.35
N GLU A 85 -4.45 -0.44 -10.23
CA GLU A 85 -5.45 -0.86 -9.27
C GLU A 85 -5.79 0.30 -8.32
N CYS A 86 -6.65 0.00 -7.35
CA CYS A 86 -7.05 1.00 -6.38
C CYS A 86 -6.88 0.41 -4.98
N PRO A 87 -5.87 0.96 -4.25
CA PRO A 87 -5.58 0.51 -2.90
C PRO A 87 -6.62 1.02 -1.91
N LEU A 88 -7.40 1.99 -2.38
CA LEU A 88 -8.44 2.59 -1.54
C LEU A 88 -9.76 1.88 -1.81
N GLN A 89 -10.15 1.87 -3.07
CA GLN A 89 -11.39 1.23 -3.48
C GLN A 89 -11.39 -0.24 -3.04
N ILE A 90 -10.26 -0.89 -3.30
CA ILE A 90 -10.12 -2.29 -2.94
C ILE A 90 -10.52 -2.49 -1.48
N PHE A 91 -9.89 -1.71 -0.61
CA PHE A 91 -10.16 -1.79 0.81
C PHE A 91 -11.63 -1.44 1.10
N ARG A 92 -12.06 -0.31 0.55
CA ARG A 92 -13.42 0.15 0.74
C ARG A 92 -14.39 -1.02 0.65
N GLU A 93 -14.14 -1.88 -0.32
CA GLU A 93 -14.98 -3.05 -0.53
C GLU A 93 -14.18 -4.33 -0.28
N TRP A 94 -13.56 -4.38 0.88
CA TRP A 94 -12.76 -5.53 1.26
C TRP A 94 -13.47 -6.25 2.41
N PRO A 95 -13.61 -7.59 2.25
CA PRO A 95 -14.27 -8.40 3.26
C PRO A 95 -13.37 -8.60 4.48
N SER A 96 -13.88 -8.22 5.62
CA SER A 96 -13.13 -8.36 6.86
C SER A 96 -12.90 -9.83 7.18
N ASP A 97 -13.86 -10.65 6.76
CA ASP A 97 -13.77 -12.09 6.99
C ASP A 97 -12.51 -12.62 6.31
N LYS A 98 -12.20 -12.05 5.16
CA LYS A 98 -11.02 -12.46 4.41
C LYS A 98 -9.76 -12.12 5.21
N GLY A 99 -9.93 -11.22 6.16
CA GLY A 99 -8.82 -10.80 7.00
C GLY A 99 -8.48 -9.33 6.78
N ILE A 100 -7.71 -8.79 7.71
CA ILE A 100 -7.31 -7.39 7.63
C ILE A 100 -6.57 -7.15 6.32
N LEU A 101 -6.61 -5.89 5.87
CA LEU A 101 -5.96 -5.52 4.63
C LEU A 101 -4.93 -4.42 4.92
N VAL A 102 -3.74 -4.61 4.36
CA VAL A 102 -2.67 -3.65 4.55
C VAL A 102 -1.95 -3.44 3.21
N PHE A 103 -1.59 -2.19 2.97
CA PHE A 103 -0.90 -1.83 1.74
C PHE A 103 0.51 -1.32 2.04
N GLN A 104 1.49 -2.19 1.81
CA GLN A 104 2.88 -1.83 2.04
C GLN A 104 3.55 -1.39 0.73
N LEU A 105 4.56 -0.56 0.87
CA LEU A 105 5.29 -0.06 -0.28
C LEU A 105 6.66 -0.74 -0.34
N LYS A 106 6.84 -1.55 -1.37
CA LYS A 106 8.10 -2.25 -1.56
C LYS A 106 8.24 -2.66 -3.03
N ARG A 107 9.47 -2.94 -3.42
CA ARG A 107 9.75 -3.34 -4.78
C ARG A 107 8.83 -4.49 -5.19
N ARG A 108 8.62 -4.59 -6.50
CA ARG A 108 7.77 -5.64 -7.04
C ARG A 108 8.58 -6.56 -7.94
N PRO A 109 8.00 -7.78 -8.17
CA PRO A 109 8.66 -8.77 -9.01
C PRO A 109 8.56 -8.40 -10.49
N PRO A 110 9.75 -8.22 -11.12
CA PRO A 110 9.81 -7.87 -12.53
C PRO A 110 9.46 -9.06 -13.41
N SER A 111 10.16 -10.16 -13.16
CA SER A 111 9.95 -11.38 -13.92
C SER A 111 10.54 -12.58 -13.18
N GLY A 112 9.70 -13.23 -12.39
CA GLY A 112 10.14 -14.38 -11.62
C GLY A 112 10.52 -13.98 -10.20
N PRO A 113 10.63 -15.01 -9.31
CA PRO A 113 10.99 -14.78 -7.92
C PRO A 113 12.47 -14.46 -7.79
N SER A 114 12.79 -13.71 -6.75
CA SER A 114 14.17 -13.31 -6.49
C SER A 114 14.74 -12.60 -7.71
N SER A 115 14.86 -11.29 -7.60
CA SER A 115 15.39 -10.49 -8.69
C SER A 115 16.90 -10.72 -8.81
N GLY A 116 17.60 -10.44 -7.72
CA GLY A 116 19.04 -10.62 -7.70
C GLY A 116 19.70 -9.88 -8.87
N GLY A 1 -9.56 23.03 -6.54
CA GLY A 1 -8.82 23.94 -5.68
C GLY A 1 -9.71 24.45 -4.55
N SER A 2 -9.11 24.53 -3.37
CA SER A 2 -9.82 24.99 -2.19
C SER A 2 -8.90 24.99 -0.97
N SER A 3 -8.37 23.81 -0.67
CA SER A 3 -7.47 23.66 0.46
C SER A 3 -8.17 24.10 1.74
N GLY A 4 -8.76 23.12 2.42
CA GLY A 4 -9.46 23.40 3.67
C GLY A 4 -10.31 22.21 4.09
N SER A 5 -11.60 22.29 3.76
CA SER A 5 -12.52 21.22 4.09
C SER A 5 -12.66 20.25 2.91
N SER A 6 -11.85 19.21 2.95
CA SER A 6 -11.86 18.22 1.89
C SER A 6 -12.91 17.15 2.21
N GLY A 7 -13.77 16.89 1.22
CA GLY A 7 -14.82 15.91 1.38
C GLY A 7 -14.87 14.97 0.17
N SER A 8 -13.80 14.20 0.01
CA SER A 8 -13.71 13.27 -1.11
C SER A 8 -12.80 12.10 -0.73
N GLY A 9 -12.96 11.00 -1.45
CA GLY A 9 -12.15 9.82 -1.21
C GLY A 9 -11.92 9.61 0.29
N GLY A 10 -10.65 9.41 0.63
CA GLY A 10 -10.28 9.20 2.02
C GLY A 10 -8.75 9.17 2.18
N THR A 11 -8.30 8.23 2.99
CA THR A 11 -6.87 8.08 3.24
C THR A 11 -6.45 6.62 3.05
N LEU A 12 -5.14 6.41 2.99
CA LEU A 12 -4.59 5.08 2.80
C LEU A 12 -3.35 4.92 3.69
N ARG A 13 -3.38 3.88 4.50
CA ARG A 13 -2.27 3.59 5.40
C ARG A 13 -1.20 2.76 4.68
N ILE A 14 -0.02 3.36 4.56
CA ILE A 14 1.09 2.70 3.90
C ILE A 14 2.19 2.41 4.92
N TYR A 15 2.04 1.31 5.62
CA TYR A 15 3.01 0.91 6.63
C TYR A 15 4.40 0.77 6.02
N ALA A 16 4.45 0.06 4.90
CA ALA A 16 5.71 -0.16 4.21
C ALA A 16 6.82 -0.43 5.24
N ASP A 17 6.66 -1.53 5.95
CA ASP A 17 7.63 -1.92 6.96
C ASP A 17 8.78 -2.69 6.30
N SER A 18 9.69 -1.95 5.71
CA SER A 18 10.83 -2.55 5.04
C SER A 18 11.67 -1.48 4.34
N LEU A 19 11.00 -0.71 3.49
CA LEU A 19 11.67 0.35 2.76
C LEU A 19 12.16 1.41 3.74
N LYS A 20 11.35 1.64 4.77
CA LYS A 20 11.70 2.62 5.78
C LYS A 20 11.27 2.10 7.17
N PRO A 21 12.25 1.45 7.86
CA PRO A 21 11.98 0.90 9.17
C PRO A 21 11.93 2.00 10.23
N ASN A 22 12.72 3.04 10.00
CA ASN A 22 12.76 4.17 10.91
C ASN A 22 11.34 4.64 11.21
N ILE A 23 10.66 5.08 10.15
CA ILE A 23 9.30 5.56 10.27
C ILE A 23 8.36 4.36 10.44
N PRO A 24 7.34 4.55 11.32
CA PRO A 24 6.37 3.51 11.59
C PRO A 24 5.38 3.37 10.42
N TYR A 25 4.31 4.15 10.50
CA TYR A 25 3.29 4.13 9.47
C TYR A 25 3.10 5.51 8.85
N LYS A 26 2.51 5.53 7.67
CA LYS A 26 2.27 6.77 6.97
C LYS A 26 0.85 6.76 6.38
N THR A 27 0.23 7.93 6.39
CA THR A 27 -1.12 8.07 5.87
C THR A 27 -1.20 9.26 4.91
N ILE A 28 -1.40 8.95 3.64
CA ILE A 28 -1.50 9.97 2.62
C ILE A 28 -2.95 10.07 2.14
N LEU A 29 -3.29 11.24 1.61
CA LEU A 29 -4.64 11.47 1.12
C LEU A 29 -4.81 10.77 -0.23
N LEU A 30 -5.58 9.69 -0.19
CA LEU A 30 -5.84 8.92 -1.40
C LEU A 30 -7.30 9.10 -1.82
N SER A 31 -7.56 8.81 -3.08
CA SER A 31 -8.90 8.94 -3.61
C SER A 31 -9.36 7.60 -4.22
N THR A 32 -10.61 7.58 -4.66
CA THR A 32 -11.17 6.38 -5.25
C THR A 32 -11.01 6.42 -6.77
N THR A 33 -9.90 7.01 -7.20
CA THR A 33 -9.61 7.12 -8.62
C THR A 33 -8.13 6.85 -8.89
N ASP A 34 -7.29 7.45 -8.06
CA ASP A 34 -5.85 7.29 -8.19
C ASP A 34 -5.53 5.79 -8.21
N THR A 35 -4.25 5.50 -8.43
CA THR A 35 -3.79 4.12 -8.47
C THR A 35 -2.58 3.93 -7.55
N ALA A 36 -1.93 2.80 -7.70
CA ALA A 36 -0.77 2.49 -6.89
C ALA A 36 0.43 3.30 -7.39
N ASP A 37 0.46 3.50 -8.69
CA ASP A 37 1.54 4.26 -9.31
C ASP A 37 1.56 5.67 -8.72
N PHE A 38 0.37 6.22 -8.54
CA PHE A 38 0.25 7.56 -7.98
C PHE A 38 0.60 7.57 -6.49
N ALA A 39 -0.05 6.69 -5.75
CA ALA A 39 0.18 6.58 -4.33
C ALA A 39 1.67 6.35 -4.07
N VAL A 40 2.23 5.46 -4.87
CA VAL A 40 3.65 5.14 -4.74
C VAL A 40 4.47 6.42 -4.67
N ALA A 41 4.47 7.14 -5.79
CA ALA A 41 5.21 8.39 -5.87
C ALA A 41 5.00 9.19 -4.58
N GLU A 42 3.74 9.37 -4.24
CA GLU A 42 3.38 10.11 -3.04
C GLU A 42 4.11 9.53 -1.82
N SER A 43 3.73 8.31 -1.46
CA SER A 43 4.34 7.64 -0.34
C SER A 43 5.85 7.94 -0.30
N LEU A 44 6.52 7.57 -1.37
CA LEU A 44 7.95 7.78 -1.47
C LEU A 44 8.29 9.17 -0.91
N GLU A 45 7.82 10.19 -1.60
CA GLU A 45 8.06 11.56 -1.18
C GLU A 45 7.58 11.76 0.26
N LYS A 46 6.33 11.40 0.50
CA LYS A 46 5.75 11.53 1.83
C LYS A 46 6.74 11.02 2.87
N TYR A 47 7.38 9.91 2.53
CA TYR A 47 8.36 9.30 3.43
C TYR A 47 9.70 10.03 3.36
N GLY A 48 9.99 10.56 2.17
CA GLY A 48 11.23 11.28 1.95
C GLY A 48 12.06 10.63 0.86
N LEU A 49 11.36 10.15 -0.17
CA LEU A 49 12.01 9.50 -1.29
C LEU A 49 11.64 10.24 -2.58
N GLU A 50 11.95 11.54 -2.59
CA GLU A 50 11.66 12.36 -3.75
C GLU A 50 12.84 12.35 -4.71
N LYS A 51 13.34 11.15 -4.99
CA LYS A 51 14.46 11.00 -5.89
C LYS A 51 14.42 9.59 -6.50
N GLU A 52 14.20 8.61 -5.63
CA GLU A 52 14.14 7.22 -6.07
C GLU A 52 13.18 7.08 -7.25
N ASN A 53 12.99 5.84 -7.66
CA ASN A 53 12.10 5.55 -8.77
C ASN A 53 10.85 4.84 -8.24
N PRO A 54 9.67 5.45 -8.55
CA PRO A 54 8.40 4.89 -8.12
C PRO A 54 8.03 3.67 -8.96
N LYS A 55 8.45 3.69 -10.21
CA LYS A 55 8.17 2.60 -11.12
C LYS A 55 8.90 1.34 -10.64
N ASP A 56 9.81 1.55 -9.70
CA ASP A 56 10.58 0.45 -9.16
C ASP A 56 9.80 -0.20 -8.02
N TYR A 57 9.08 0.63 -7.30
CA TYR A 57 8.28 0.16 -6.17
C TYR A 57 6.81 -0.03 -6.58
N CYS A 58 6.15 -0.93 -5.87
CA CYS A 58 4.75 -1.21 -6.14
C CYS A 58 4.01 -1.33 -4.81
N ILE A 59 2.69 -1.29 -4.90
CA ILE A 59 1.86 -1.39 -3.71
C ILE A 59 1.38 -2.84 -3.54
N ALA A 60 1.84 -3.46 -2.46
CA ALA A 60 1.47 -4.84 -2.19
C ALA A 60 0.43 -4.86 -1.06
N ARG A 61 -0.69 -5.51 -1.34
CA ARG A 61 -1.76 -5.61 -0.35
C ARG A 61 -1.57 -6.86 0.51
N VAL A 62 -1.45 -6.62 1.81
CA VAL A 62 -1.26 -7.71 2.75
C VAL A 62 -2.60 -8.07 3.39
N MET A 63 -2.99 -9.32 3.22
CA MET A 63 -4.24 -9.80 3.78
C MET A 63 -4.00 -10.74 4.96
N LEU A 64 -4.56 -10.34 6.10
CA LEU A 64 -4.41 -11.13 7.31
C LEU A 64 -5.39 -12.30 7.28
N PRO A 65 -4.95 -13.44 7.89
CA PRO A 65 -5.78 -14.63 7.94
C PRO A 65 -6.91 -14.47 8.96
N PRO A 66 -7.93 -15.37 8.83
CA PRO A 66 -9.07 -15.33 9.73
C PRO A 66 -8.69 -15.90 11.11
N GLY A 67 -8.15 -15.02 11.93
CA GLY A 67 -7.74 -15.41 13.27
C GLY A 67 -6.22 -15.51 13.39
N ALA A 68 -5.60 -14.35 13.54
CA ALA A 68 -4.15 -14.30 13.66
C ALA A 68 -3.77 -13.53 14.94
N GLN A 69 -2.47 -13.34 15.11
CA GLN A 69 -1.97 -12.62 16.27
C GLN A 69 -1.52 -11.21 15.87
N HIS A 70 -1.18 -10.43 16.89
CA HIS A 70 -0.73 -9.07 16.66
C HIS A 70 0.79 -8.99 16.84
N SER A 71 1.37 -7.99 16.19
CA SER A 71 2.81 -7.81 16.26
C SER A 71 3.53 -9.14 16.13
N ASP A 72 3.27 -9.81 15.02
CA ASP A 72 3.88 -11.11 14.77
C ASP A 72 3.30 -11.70 13.47
N GLU A 73 2.00 -11.51 13.32
CA GLU A 73 1.31 -12.01 12.14
C GLU A 73 1.49 -13.53 12.03
N ARG A 74 2.59 -13.91 11.40
CA ARG A 74 2.91 -15.32 11.21
C ARG A 74 1.81 -16.00 10.39
N GLY A 75 1.87 -15.78 9.09
CA GLY A 75 0.90 -16.37 8.18
C GLY A 75 0.37 -15.33 7.19
N ALA A 76 0.57 -14.07 7.55
CA ALA A 76 0.12 -12.98 6.70
C ALA A 76 0.95 -12.96 5.41
N LYS A 77 0.24 -12.98 4.30
CA LYS A 77 0.90 -12.96 3.00
C LYS A 77 0.30 -11.84 2.14
N GLU A 78 1.18 -11.13 1.45
CA GLU A 78 0.76 -10.05 0.59
C GLU A 78 1.04 -10.39 -0.88
N ILE A 79 0.17 -9.87 -1.74
CA ILE A 79 0.31 -10.12 -3.17
C ILE A 79 0.40 -8.78 -3.90
N ILE A 80 1.43 -8.64 -4.71
CA ILE A 80 1.64 -7.42 -5.47
C ILE A 80 0.41 -7.14 -6.34
N LEU A 81 0.13 -5.87 -6.53
CA LEU A 81 -1.01 -5.46 -7.33
C LEU A 81 -0.55 -5.19 -8.76
N ASP A 82 -1.52 -5.02 -9.65
CA ASP A 82 -1.24 -4.77 -11.05
C ASP A 82 -0.35 -3.52 -11.15
N ASP A 83 -0.94 -2.39 -10.81
CA ASP A 83 -0.22 -1.13 -10.88
C ASP A 83 -1.23 0.03 -11.02
N ASP A 84 -2.30 -0.26 -11.74
CA ASP A 84 -3.33 0.74 -11.96
C ASP A 84 -4.55 0.39 -11.11
N GLU A 85 -4.34 -0.49 -10.14
CA GLU A 85 -5.41 -0.90 -9.25
C GLU A 85 -5.79 0.22 -8.30
N CYS A 86 -6.83 -0.02 -7.52
CA CYS A 86 -7.30 0.97 -6.57
C CYS A 86 -7.13 0.39 -5.15
N PRO A 87 -6.12 0.93 -4.43
CA PRO A 87 -5.84 0.48 -3.07
C PRO A 87 -6.89 1.01 -2.09
N LEU A 88 -7.70 1.94 -2.59
CA LEU A 88 -8.74 2.54 -1.77
C LEU A 88 -10.06 1.79 -2.00
N GLN A 89 -10.43 1.71 -3.26
CA GLN A 89 -11.67 1.03 -3.64
C GLN A 89 -11.60 -0.45 -3.23
N ILE A 90 -10.42 -1.04 -3.43
CA ILE A 90 -10.22 -2.44 -3.09
C ILE A 90 -10.53 -2.64 -1.61
N PHE A 91 -9.95 -1.79 -0.79
CA PHE A 91 -10.17 -1.87 0.65
C PHE A 91 -11.66 -1.87 0.99
N ARG A 92 -12.32 -0.80 0.59
CA ARG A 92 -13.75 -0.66 0.84
C ARG A 92 -14.48 -1.93 0.41
N GLU A 93 -13.95 -2.57 -0.61
CA GLU A 93 -14.54 -3.78 -1.13
C GLU A 93 -13.73 -5.00 -0.69
N TRP A 94 -13.36 -5.00 0.58
CA TRP A 94 -12.58 -6.09 1.14
C TRP A 94 -13.44 -6.78 2.21
N PRO A 95 -13.50 -8.14 2.10
CA PRO A 95 -14.28 -8.92 3.05
C PRO A 95 -13.56 -9.03 4.40
N SER A 96 -14.17 -8.42 5.40
CA SER A 96 -13.61 -8.44 6.74
C SER A 96 -13.38 -9.88 7.19
N ASP A 97 -14.19 -10.78 6.64
CA ASP A 97 -14.09 -12.18 6.98
C ASP A 97 -12.74 -12.72 6.53
N LYS A 98 -12.26 -12.17 5.41
CA LYS A 98 -10.98 -12.59 4.86
C LYS A 98 -9.85 -12.12 5.79
N GLY A 99 -10.20 -11.17 6.64
CA GLY A 99 -9.23 -10.63 7.58
C GLY A 99 -8.99 -9.14 7.33
N ILE A 100 -7.92 -8.63 7.94
CA ILE A 100 -7.57 -7.23 7.79
C ILE A 100 -6.82 -7.03 6.47
N LEU A 101 -6.86 -5.80 5.98
CA LEU A 101 -6.18 -5.48 4.73
C LEU A 101 -5.16 -4.36 4.99
N VAL A 102 -4.03 -4.48 4.32
CA VAL A 102 -2.97 -3.50 4.46
C VAL A 102 -2.25 -3.33 3.12
N PHE A 103 -1.80 -2.11 2.87
CA PHE A 103 -1.10 -1.80 1.64
C PHE A 103 0.30 -1.25 1.93
N GLN A 104 1.29 -2.10 1.71
CA GLN A 104 2.67 -1.70 1.94
C GLN A 104 3.34 -1.29 0.63
N LEU A 105 4.43 -0.55 0.75
CA LEU A 105 5.16 -0.09 -0.42
C LEU A 105 6.60 -0.62 -0.35
N LYS A 106 7.02 -1.24 -1.44
CA LYS A 106 8.36 -1.79 -1.52
C LYS A 106 8.66 -2.21 -2.96
N ARG A 107 9.89 -2.63 -3.18
CA ARG A 107 10.31 -3.06 -4.50
C ARG A 107 9.46 -4.25 -4.97
N ARG A 108 9.52 -4.51 -6.26
CA ARG A 108 8.77 -5.59 -6.85
C ARG A 108 9.71 -6.56 -7.57
N PRO A 109 9.27 -7.85 -7.64
CA PRO A 109 10.06 -8.88 -8.30
C PRO A 109 9.98 -8.75 -9.82
N PRO A 110 11.14 -8.39 -10.43
CA PRO A 110 11.21 -8.22 -11.87
C PRO A 110 11.20 -9.58 -12.58
N SER A 111 10.13 -10.33 -12.34
CA SER A 111 9.99 -11.64 -12.96
C SER A 111 11.12 -12.55 -12.49
N GLY A 112 11.01 -13.02 -11.25
CA GLY A 112 12.00 -13.91 -10.68
C GLY A 112 11.77 -14.10 -9.18
N PRO A 113 12.89 -14.28 -8.44
CA PRO A 113 12.82 -14.49 -7.00
C PRO A 113 12.49 -13.18 -6.28
N SER A 114 12.43 -13.27 -4.95
CA SER A 114 12.14 -12.11 -4.14
C SER A 114 13.42 -11.61 -3.46
N SER A 115 13.40 -10.34 -3.09
CA SER A 115 14.55 -9.73 -2.44
C SER A 115 14.07 -8.75 -1.36
N GLY A 116 14.61 -8.94 -0.17
CA GLY A 116 14.25 -8.10 0.96
C GLY A 116 14.75 -6.67 0.75
N GLY A 1 -6.40 26.25 -13.35
CA GLY A 1 -7.70 26.38 -12.72
C GLY A 1 -8.44 25.05 -12.72
N SER A 2 -8.47 24.41 -11.56
CA SER A 2 -9.15 23.14 -11.41
C SER A 2 -9.71 23.00 -10.00
N SER A 3 -11.00 23.27 -9.87
CA SER A 3 -11.67 23.18 -8.58
C SER A 3 -12.16 21.75 -8.36
N GLY A 4 -12.44 21.45 -7.10
CA GLY A 4 -12.93 20.13 -6.73
C GLY A 4 -13.44 20.11 -5.29
N SER A 5 -14.64 19.56 -5.14
CA SER A 5 -15.26 19.47 -3.82
C SER A 5 -15.87 18.09 -3.61
N SER A 6 -16.79 17.74 -4.51
CA SER A 6 -17.45 16.46 -4.44
C SER A 6 -16.43 15.33 -4.57
N GLY A 7 -16.86 14.12 -4.20
CA GLY A 7 -15.98 12.97 -4.28
C GLY A 7 -15.17 12.80 -3.00
N SER A 8 -13.87 13.01 -3.13
CA SER A 8 -12.98 12.89 -1.99
C SER A 8 -13.09 11.49 -1.38
N GLY A 9 -12.13 10.65 -1.74
CA GLY A 9 -12.11 9.28 -1.24
C GLY A 9 -11.84 9.26 0.26
N GLY A 10 -10.56 9.12 0.60
CA GLY A 10 -10.15 9.08 2.00
C GLY A 10 -8.63 9.05 2.12
N THR A 11 -8.16 8.15 2.98
CA THR A 11 -6.74 8.00 3.20
C THR A 11 -6.32 6.53 3.07
N LEU A 12 -5.01 6.33 3.00
CA LEU A 12 -4.48 4.99 2.87
C LEU A 12 -3.22 4.85 3.74
N ARG A 13 -3.24 3.84 4.59
CA ARG A 13 -2.11 3.59 5.48
C ARG A 13 -1.04 2.76 4.77
N ILE A 14 0.08 3.42 4.51
CA ILE A 14 1.19 2.76 3.84
C ILE A 14 2.33 2.53 4.83
N TYR A 15 2.34 1.35 5.41
CA TYR A 15 3.35 0.99 6.38
C TYR A 15 4.74 0.96 5.73
N ALA A 16 4.81 0.32 4.58
CA ALA A 16 6.05 0.22 3.84
C ALA A 16 7.07 -0.59 4.68
N ASP A 17 6.60 -1.73 5.16
CA ASP A 17 7.44 -2.60 5.97
C ASP A 17 8.55 -3.18 5.09
N SER A 18 9.46 -2.31 4.69
CA SER A 18 10.58 -2.72 3.84
C SER A 18 11.34 -1.49 3.34
N LEU A 19 10.71 -0.79 2.43
CA LEU A 19 11.31 0.41 1.85
C LEU A 19 11.73 1.34 2.97
N LYS A 20 10.84 1.49 3.95
CA LYS A 20 11.11 2.35 5.09
C LYS A 20 10.67 1.64 6.38
N PRO A 21 11.59 0.83 6.94
CA PRO A 21 11.30 0.10 8.16
C PRO A 21 11.34 1.03 9.37
N ASN A 22 11.98 2.17 9.19
CA ASN A 22 12.10 3.15 10.25
C ASN A 22 10.69 3.63 10.65
N ILE A 23 10.11 4.43 9.77
CA ILE A 23 8.78 4.97 10.02
C ILE A 23 7.81 3.81 10.29
N PRO A 24 6.88 4.06 11.24
CA PRO A 24 5.89 3.06 11.60
C PRO A 24 4.81 2.93 10.52
N TYR A 25 4.35 4.08 10.06
CA TYR A 25 3.32 4.11 9.03
C TYR A 25 3.09 5.55 8.54
N LYS A 26 2.53 5.63 7.35
CA LYS A 26 2.25 6.93 6.74
C LYS A 26 0.85 6.91 6.12
N THR A 27 0.25 8.09 6.05
CA THR A 27 -1.07 8.21 5.48
C THR A 27 -1.11 9.35 4.45
N ILE A 28 -1.69 9.04 3.30
CA ILE A 28 -1.79 10.02 2.23
C ILE A 28 -3.23 10.08 1.73
N LEU A 29 -3.56 11.20 1.10
CA LEU A 29 -4.91 11.40 0.57
C LEU A 29 -5.07 10.60 -0.71
N LEU A 30 -5.80 9.49 -0.59
CA LEU A 30 -6.03 8.63 -1.74
C LEU A 30 -7.49 8.76 -2.18
N SER A 31 -7.75 8.36 -3.42
CA SER A 31 -9.09 8.43 -3.96
C SER A 31 -9.51 7.05 -4.47
N THR A 32 -10.82 6.89 -4.64
CA THR A 32 -11.37 5.64 -5.11
C THR A 32 -11.24 5.53 -6.63
N THR A 33 -10.01 5.70 -7.09
CA THR A 33 -9.74 5.62 -8.52
C THR A 33 -8.22 5.72 -8.78
N ASP A 34 -7.58 6.57 -8.00
CA ASP A 34 -6.14 6.76 -8.13
C ASP A 34 -5.47 5.40 -8.37
N THR A 35 -4.28 5.47 -8.95
CA THR A 35 -3.53 4.26 -9.25
C THR A 35 -2.44 4.04 -8.19
N ALA A 36 -1.92 2.82 -8.17
CA ALA A 36 -0.89 2.46 -7.23
C ALA A 36 0.39 3.26 -7.55
N ASP A 37 0.43 3.78 -8.76
CA ASP A 37 1.56 4.56 -9.21
C ASP A 37 1.57 5.90 -8.48
N PHE A 38 0.40 6.49 -8.38
CA PHE A 38 0.25 7.78 -7.72
C PHE A 38 0.57 7.66 -6.22
N ALA A 39 0.09 6.58 -5.64
CA ALA A 39 0.32 6.33 -4.21
C ALA A 39 1.80 6.11 -3.97
N VAL A 40 2.40 5.28 -4.82
CA VAL A 40 3.81 4.97 -4.71
C VAL A 40 4.60 6.28 -4.59
N ALA A 41 4.41 7.15 -5.57
CA ALA A 41 5.10 8.43 -5.59
C ALA A 41 4.85 9.15 -4.26
N GLU A 42 3.58 9.41 -3.99
CA GLU A 42 3.19 10.09 -2.77
C GLU A 42 3.95 9.50 -1.57
N SER A 43 3.63 8.26 -1.27
CA SER A 43 4.28 7.58 -0.16
C SER A 43 5.78 7.86 -0.16
N LEU A 44 6.40 7.57 -1.29
CA LEU A 44 7.82 7.80 -1.44
C LEU A 44 8.18 9.17 -0.88
N GLU A 45 7.65 10.20 -1.52
CA GLU A 45 7.90 11.57 -1.09
C GLU A 45 7.73 11.69 0.42
N LYS A 46 6.57 11.26 0.89
CA LYS A 46 6.28 11.31 2.32
C LYS A 46 7.52 10.88 3.11
N TYR A 47 7.91 9.63 2.91
CA TYR A 47 9.06 9.10 3.60
C TYR A 47 10.32 9.92 3.30
N GLY A 48 10.28 10.59 2.15
CA GLY A 48 11.40 11.42 1.74
C GLY A 48 12.06 10.86 0.46
N LEU A 49 11.47 9.79 -0.04
CA LEU A 49 11.98 9.15 -1.25
C LEU A 49 11.53 9.95 -2.48
N GLU A 50 11.86 11.23 -2.46
CA GLU A 50 11.49 12.12 -3.56
C GLU A 50 12.56 12.08 -4.65
N LYS A 51 12.96 10.86 -4.99
CA LYS A 51 13.98 10.67 -6.01
C LYS A 51 13.84 9.26 -6.60
N GLU A 52 13.68 8.29 -5.72
CA GLU A 52 13.53 6.90 -6.15
C GLU A 52 12.56 6.82 -7.32
N ASN A 53 12.57 5.67 -7.97
CA ASN A 53 11.70 5.44 -9.11
C ASN A 53 10.39 4.82 -8.63
N PRO A 54 9.28 5.60 -8.78
CA PRO A 54 7.97 5.15 -8.37
C PRO A 54 7.42 4.11 -9.35
N LYS A 55 8.12 3.95 -10.45
CA LYS A 55 7.71 3.01 -11.47
C LYS A 55 8.31 1.64 -11.16
N ASP A 56 9.38 1.65 -10.39
CA ASP A 56 10.06 0.42 -10.00
C ASP A 56 9.30 -0.22 -8.84
N TYR A 57 8.86 0.63 -7.92
CA TYR A 57 8.12 0.15 -6.75
C TYR A 57 6.63 0.07 -7.04
N CYS A 58 5.95 -0.73 -6.24
CA CYS A 58 4.51 -0.92 -6.40
C CYS A 58 3.88 -0.99 -5.01
N ILE A 59 2.58 -1.24 -5.01
CA ILE A 59 1.84 -1.33 -3.75
C ILE A 59 1.43 -2.79 -3.53
N ALA A 60 1.99 -3.37 -2.48
CA ALA A 60 1.68 -4.76 -2.14
C ALA A 60 0.66 -4.79 -1.01
N ARG A 61 -0.46 -5.44 -1.28
CA ARG A 61 -1.52 -5.55 -0.29
C ARG A 61 -1.31 -6.80 0.58
N VAL A 62 -1.43 -6.60 1.88
CA VAL A 62 -1.26 -7.70 2.82
C VAL A 62 -2.63 -8.09 3.40
N MET A 63 -3.02 -9.32 3.12
CA MET A 63 -4.30 -9.83 3.61
C MET A 63 -4.09 -10.83 4.75
N LEU A 64 -4.69 -10.52 5.88
CA LEU A 64 -4.60 -11.38 7.04
C LEU A 64 -5.42 -12.65 6.81
N PRO A 65 -4.97 -13.75 7.45
CA PRO A 65 -5.65 -15.03 7.32
C PRO A 65 -6.94 -15.04 8.15
N PRO A 66 -7.77 -16.09 7.91
CA PRO A 66 -9.02 -16.23 8.62
C PRO A 66 -8.78 -16.71 10.06
N GLY A 67 -7.78 -17.56 10.20
CA GLY A 67 -7.45 -18.10 11.51
C GLY A 67 -7.02 -16.98 12.47
N ALA A 68 -6.42 -15.95 11.90
CA ALA A 68 -5.97 -14.82 12.69
C ALA A 68 -7.17 -13.94 13.05
N GLN A 69 -7.21 -13.53 14.30
CA GLN A 69 -8.29 -12.68 14.78
C GLN A 69 -7.77 -11.69 15.82
N HIS A 70 -6.75 -10.95 15.44
CA HIS A 70 -6.15 -9.98 16.33
C HIS A 70 -5.47 -8.87 15.50
N SER A 71 -5.04 -7.84 16.20
CA SER A 71 -4.37 -6.72 15.55
C SER A 71 -2.87 -6.98 15.49
N ASP A 72 -2.46 -7.74 14.49
CA ASP A 72 -1.07 -8.07 14.30
C ASP A 72 -0.91 -9.00 13.09
N GLU A 73 0.09 -8.71 12.29
CA GLU A 73 0.35 -9.50 11.09
C GLU A 73 0.99 -10.83 11.48
N ARG A 74 0.16 -11.86 11.56
CA ARG A 74 0.62 -13.19 11.90
C ARG A 74 0.57 -14.11 10.69
N GLY A 75 1.74 -14.41 10.15
CA GLY A 75 1.83 -15.28 8.99
C GLY A 75 0.97 -14.75 7.85
N ALA A 76 0.84 -13.44 7.81
CA ALA A 76 0.04 -12.80 6.77
C ALA A 76 0.84 -12.80 5.46
N LYS A 77 0.11 -12.94 4.36
CA LYS A 77 0.72 -12.96 3.04
C LYS A 77 0.21 -11.78 2.23
N GLU A 78 1.12 -11.16 1.50
CA GLU A 78 0.78 -10.02 0.67
C GLU A 78 1.02 -10.34 -0.81
N ILE A 79 0.23 -9.70 -1.66
CA ILE A 79 0.34 -9.91 -3.09
C ILE A 79 0.48 -8.56 -3.79
N ILE A 80 1.52 -8.45 -4.61
CA ILE A 80 1.77 -7.22 -5.34
C ILE A 80 0.53 -6.86 -6.17
N LEU A 81 0.42 -5.58 -6.48
CA LEU A 81 -0.70 -5.09 -7.27
C LEU A 81 -0.18 -4.58 -8.62
N ASP A 82 -1.12 -4.38 -9.54
CA ASP A 82 -0.78 -3.91 -10.86
C ASP A 82 -0.23 -2.47 -10.75
N ASP A 83 -0.24 -1.79 -11.88
CA ASP A 83 0.26 -0.42 -11.92
C ASP A 83 -0.92 0.53 -12.15
N ASP A 84 -2.10 0.06 -11.80
CA ASP A 84 -3.31 0.86 -11.95
C ASP A 84 -4.43 0.27 -11.09
N GLU A 85 -4.01 -0.34 -9.99
CA GLU A 85 -4.96 -0.95 -9.06
C GLU A 85 -5.55 0.12 -8.13
N CYS A 86 -6.59 -0.28 -7.42
CA CYS A 86 -7.26 0.62 -6.49
C CYS A 86 -7.10 0.06 -5.08
N PRO A 87 -6.12 0.64 -4.34
CA PRO A 87 -5.87 0.21 -2.97
C PRO A 87 -6.95 0.73 -2.02
N LEU A 88 -7.64 1.76 -2.47
CA LEU A 88 -8.70 2.35 -1.67
C LEU A 88 -10.02 1.63 -1.96
N GLN A 89 -10.44 1.72 -3.22
CA GLN A 89 -11.68 1.08 -3.63
C GLN A 89 -11.71 -0.38 -3.17
N ILE A 90 -10.55 -1.02 -3.28
CA ILE A 90 -10.43 -2.42 -2.88
C ILE A 90 -10.81 -2.56 -1.40
N PHE A 91 -10.07 -1.86 -0.57
CA PHE A 91 -10.33 -1.89 0.87
C PHE A 91 -11.82 -1.80 1.16
N ARG A 92 -12.44 -0.77 0.61
CA ARG A 92 -13.87 -0.56 0.81
C ARG A 92 -14.66 -1.80 0.38
N GLU A 93 -14.22 -2.38 -0.73
CA GLU A 93 -14.87 -3.59 -1.25
C GLU A 93 -14.06 -4.83 -0.88
N TRP A 94 -13.57 -4.82 0.35
CA TRP A 94 -12.77 -5.95 0.83
C TRP A 94 -13.56 -6.64 1.94
N PRO A 95 -13.66 -7.99 1.82
CA PRO A 95 -14.38 -8.78 2.81
C PRO A 95 -13.57 -8.93 4.10
N SER A 96 -14.05 -8.26 5.14
CA SER A 96 -13.39 -8.29 6.43
C SER A 96 -13.16 -9.74 6.85
N ASP A 97 -14.07 -10.61 6.42
CA ASP A 97 -13.98 -12.02 6.76
C ASP A 97 -12.68 -12.58 6.20
N LYS A 98 -12.36 -12.20 4.97
CA LYS A 98 -11.15 -12.65 4.32
C LYS A 98 -9.95 -12.30 5.19
N GLY A 99 -10.14 -11.30 6.04
CA GLY A 99 -9.08 -10.87 6.94
C GLY A 99 -8.77 -9.38 6.72
N ILE A 100 -8.01 -8.83 7.66
CA ILE A 100 -7.63 -7.43 7.59
C ILE A 100 -6.88 -7.17 6.28
N LEU A 101 -6.95 -5.92 5.83
CA LEU A 101 -6.28 -5.55 4.60
C LEU A 101 -5.29 -4.40 4.89
N VAL A 102 -4.14 -4.50 4.25
CA VAL A 102 -3.10 -3.49 4.43
C VAL A 102 -2.32 -3.33 3.12
N PHE A 103 -1.80 -2.13 2.93
CA PHE A 103 -1.02 -1.84 1.73
C PHE A 103 0.35 -1.28 2.09
N GLN A 104 1.38 -2.07 1.76
CA GLN A 104 2.74 -1.66 2.04
C GLN A 104 3.45 -1.27 0.74
N LEU A 105 4.28 -0.24 0.85
CA LEU A 105 5.03 0.24 -0.29
C LEU A 105 6.37 -0.49 -0.37
N LYS A 106 6.51 -1.28 -1.42
CA LYS A 106 7.74 -2.05 -1.62
C LYS A 106 7.83 -2.46 -3.09
N ARG A 107 9.04 -2.87 -3.48
CA ARG A 107 9.27 -3.29 -4.85
C ARG A 107 8.23 -4.34 -5.27
N ARG A 108 8.33 -4.74 -6.53
CA ARG A 108 7.40 -5.73 -7.07
C ARG A 108 8.18 -6.92 -7.65
N PRO A 109 8.72 -7.76 -6.74
CA PRO A 109 9.49 -8.92 -7.15
C PRO A 109 8.56 -10.02 -7.66
N PRO A 110 9.19 -11.06 -8.28
CA PRO A 110 8.44 -12.18 -8.81
C PRO A 110 7.96 -13.11 -7.68
N SER A 111 6.97 -13.91 -8.01
CA SER A 111 6.41 -14.85 -7.04
C SER A 111 5.95 -16.13 -7.75
N GLY A 112 6.11 -17.24 -7.05
CA GLY A 112 5.71 -18.53 -7.60
C GLY A 112 6.67 -19.63 -7.13
N PRO A 113 6.88 -20.62 -8.04
CA PRO A 113 7.76 -21.74 -7.73
C PRO A 113 9.23 -21.31 -7.80
N SER A 114 9.46 -20.21 -8.51
CA SER A 114 10.81 -19.69 -8.65
C SER A 114 11.73 -20.78 -9.19
N SER A 115 11.68 -20.97 -10.50
CA SER A 115 12.51 -21.98 -11.13
C SER A 115 13.82 -21.36 -11.62
N GLY A 116 13.67 -20.33 -12.44
CA GLY A 116 14.83 -19.63 -12.98
C GLY A 116 14.46 -18.21 -13.42
N GLY A 1 -5.29 19.65 -17.97
CA GLY A 1 -6.48 20.37 -17.53
C GLY A 1 -7.01 19.78 -16.22
N SER A 2 -7.35 20.68 -15.30
CA SER A 2 -7.86 20.28 -14.01
C SER A 2 -8.52 21.48 -13.32
N SER A 3 -9.76 21.25 -12.87
CA SER A 3 -10.51 22.30 -12.20
C SER A 3 -11.61 21.67 -11.34
N GLY A 4 -11.54 21.96 -10.05
CA GLY A 4 -12.52 21.44 -9.11
C GLY A 4 -12.22 19.98 -8.77
N SER A 5 -12.40 19.66 -7.49
CA SER A 5 -12.15 18.30 -7.01
C SER A 5 -13.47 17.66 -6.57
N SER A 6 -14.02 16.84 -7.44
CA SER A 6 -15.27 16.16 -7.16
C SER A 6 -15.00 14.68 -6.84
N GLY A 7 -16.00 14.03 -6.27
CA GLY A 7 -15.89 12.63 -5.92
C GLY A 7 -15.98 12.44 -4.40
N SER A 8 -15.21 11.48 -3.91
CA SER A 8 -15.19 11.19 -2.49
C SER A 8 -13.92 10.41 -2.13
N GLY A 9 -12.86 11.16 -1.87
CA GLY A 9 -11.59 10.55 -1.52
C GLY A 9 -11.50 10.29 -0.02
N GLY A 10 -10.38 9.70 0.39
CA GLY A 10 -10.16 9.40 1.79
C GLY A 10 -8.67 9.29 2.10
N THR A 11 -8.34 8.31 2.92
CA THR A 11 -6.95 8.09 3.31
C THR A 11 -6.57 6.62 3.09
N LEU A 12 -5.27 6.37 3.16
CA LEU A 12 -4.75 5.02 2.98
C LEU A 12 -3.52 4.83 3.85
N ARG A 13 -3.59 3.82 4.72
CA ARG A 13 -2.49 3.52 5.61
C ARG A 13 -1.38 2.76 4.86
N ILE A 14 -0.23 3.40 4.76
CA ILE A 14 0.90 2.81 4.07
C ILE A 14 2.02 2.55 5.09
N TYR A 15 1.93 1.41 5.75
CA TYR A 15 2.93 1.03 6.73
C TYR A 15 4.32 0.93 6.10
N ALA A 16 4.37 0.24 4.97
CA ALA A 16 5.63 0.06 4.27
C ALA A 16 6.73 -0.25 5.26
N ASP A 17 6.46 -1.22 6.13
CA ASP A 17 7.41 -1.62 7.14
C ASP A 17 8.55 -2.41 6.48
N SER A 18 9.45 -1.67 5.85
CA SER A 18 10.58 -2.29 5.17
C SER A 18 11.41 -1.22 4.46
N LEU A 19 10.73 -0.47 3.61
CA LEU A 19 11.38 0.59 2.86
C LEU A 19 11.86 1.69 3.82
N LYS A 20 11.06 1.89 4.86
CA LYS A 20 11.39 2.89 5.86
C LYS A 20 11.01 2.37 7.26
N PRO A 21 12.01 1.72 7.91
CA PRO A 21 11.80 1.17 9.23
C PRO A 21 11.77 2.27 10.29
N ASN A 22 12.41 3.38 9.95
CA ASN A 22 12.46 4.52 10.87
C ASN A 22 11.04 4.91 11.26
N ILE A 23 10.24 5.21 10.26
CA ILE A 23 8.85 5.60 10.49
C ILE A 23 8.01 4.35 10.71
N PRO A 24 7.05 4.48 11.68
CA PRO A 24 6.17 3.37 12.01
C PRO A 24 5.11 3.18 10.92
N TYR A 25 4.51 4.29 10.52
CA TYR A 25 3.48 4.27 9.49
C TYR A 25 3.13 5.68 9.02
N LYS A 26 2.60 5.74 7.80
CA LYS A 26 2.22 7.03 7.23
C LYS A 26 0.92 6.86 6.44
N THR A 27 0.09 7.89 6.49
CA THR A 27 -1.17 7.87 5.80
C THR A 27 -1.30 9.10 4.88
N ILE A 28 -1.43 8.82 3.59
CA ILE A 28 -1.56 9.88 2.61
C ILE A 28 -3.00 9.94 2.11
N LEU A 29 -3.36 11.10 1.59
CA LEU A 29 -4.71 11.30 1.07
C LEU A 29 -4.85 10.59 -0.27
N LEU A 30 -5.59 9.48 -0.25
CA LEU A 30 -5.81 8.70 -1.45
C LEU A 30 -7.27 8.84 -1.88
N SER A 31 -7.52 8.54 -3.15
CA SER A 31 -8.86 8.62 -3.69
C SER A 31 -9.26 7.28 -4.29
N THR A 32 -10.50 7.22 -4.76
CA THR A 32 -11.01 6.00 -5.37
C THR A 32 -10.89 6.07 -6.89
N THR A 33 -9.79 6.66 -7.34
CA THR A 33 -9.55 6.80 -8.76
C THR A 33 -8.06 6.61 -9.07
N ASP A 34 -7.24 7.26 -8.27
CA ASP A 34 -5.80 7.18 -8.43
C ASP A 34 -5.40 5.71 -8.57
N THR A 35 -4.10 5.51 -8.82
CA THR A 35 -3.58 4.15 -8.98
C THR A 35 -2.44 3.92 -7.98
N ALA A 36 -1.80 2.78 -8.15
CA ALA A 36 -0.69 2.41 -7.27
C ALA A 36 0.53 3.25 -7.63
N ASP A 37 0.76 3.40 -8.93
CA ASP A 37 1.88 4.18 -9.41
C ASP A 37 1.90 5.54 -8.71
N PHE A 38 0.74 6.17 -8.69
CA PHE A 38 0.60 7.47 -8.06
C PHE A 38 0.88 7.37 -6.55
N ALA A 39 0.18 6.45 -5.91
CA ALA A 39 0.33 6.24 -4.48
C ALA A 39 1.80 5.99 -4.17
N VAL A 40 2.44 5.21 -5.03
CA VAL A 40 3.85 4.89 -4.85
C VAL A 40 4.64 6.19 -4.69
N ALA A 41 4.68 6.96 -5.77
CA ALA A 41 5.40 8.22 -5.76
C ALA A 41 5.05 9.00 -4.48
N GLU A 42 3.75 9.22 -4.30
CA GLU A 42 3.27 9.94 -3.14
C GLU A 42 3.98 9.44 -1.87
N SER A 43 3.64 8.22 -1.49
CA SER A 43 4.23 7.63 -0.30
C SER A 43 5.71 8.00 -0.21
N LEU A 44 6.44 7.68 -1.26
CA LEU A 44 7.86 7.98 -1.31
C LEU A 44 8.09 9.42 -0.85
N GLU A 45 7.59 10.35 -1.65
CA GLU A 45 7.74 11.76 -1.34
C GLU A 45 7.28 12.04 0.09
N LYS A 46 6.08 11.56 0.39
CA LYS A 46 5.51 11.74 1.72
C LYS A 46 6.51 11.28 2.77
N TYR A 47 7.15 10.16 2.48
CA TYR A 47 8.14 9.59 3.39
C TYR A 47 9.44 10.37 3.32
N GLY A 48 9.63 11.09 2.22
CA GLY A 48 10.82 11.88 2.03
C GLY A 48 11.69 11.30 0.91
N LEU A 49 11.17 10.26 0.28
CA LEU A 49 11.89 9.60 -0.80
C LEU A 49 11.52 10.26 -2.13
N GLU A 50 11.75 11.56 -2.19
CA GLU A 50 11.45 12.33 -3.39
C GLU A 50 12.64 12.30 -4.35
N LYS A 51 13.18 11.11 -4.54
CA LYS A 51 14.32 10.92 -5.42
C LYS A 51 14.33 9.49 -5.97
N GLU A 52 14.13 8.55 -5.06
CA GLU A 52 14.10 7.15 -5.43
C GLU A 52 13.22 6.94 -6.66
N ASN A 53 13.28 5.73 -7.19
CA ASN A 53 12.49 5.39 -8.36
C ASN A 53 11.21 4.68 -7.93
N PRO A 54 10.05 5.34 -8.23
CA PRO A 54 8.76 4.79 -7.87
C PRO A 54 8.38 3.64 -8.79
N LYS A 55 8.91 3.69 -10.01
CA LYS A 55 8.63 2.67 -11.00
C LYS A 55 9.25 1.34 -10.53
N ASP A 56 10.12 1.45 -9.55
CA ASP A 56 10.79 0.28 -9.00
C ASP A 56 9.92 -0.33 -7.90
N TYR A 57 9.35 0.56 -7.10
CA TYR A 57 8.50 0.12 -5.99
C TYR A 57 7.03 0.06 -6.43
N CYS A 58 6.29 -0.82 -5.77
CA CYS A 58 4.89 -0.99 -6.08
C CYS A 58 4.11 -1.07 -4.76
N ILE A 59 2.80 -1.29 -4.88
CA ILE A 59 1.95 -1.38 -3.72
C ILE A 59 1.48 -2.83 -3.55
N ALA A 60 2.00 -3.47 -2.52
CA ALA A 60 1.64 -4.85 -2.24
C ALA A 60 0.67 -4.89 -1.05
N ARG A 61 -0.49 -5.47 -1.30
CA ARG A 61 -1.52 -5.57 -0.27
C ARG A 61 -1.34 -6.87 0.51
N VAL A 62 -1.39 -6.76 1.83
CA VAL A 62 -1.25 -7.92 2.69
C VAL A 62 -2.62 -8.30 3.26
N MET A 63 -3.04 -9.51 2.93
CA MET A 63 -4.32 -10.01 3.40
C MET A 63 -4.13 -11.14 4.40
N LEU A 64 -4.68 -10.94 5.59
CA LEU A 64 -4.59 -11.94 6.65
C LEU A 64 -5.47 -13.14 6.29
N PRO A 65 -5.10 -14.32 6.85
CA PRO A 65 -5.85 -15.53 6.61
C PRO A 65 -7.17 -15.53 7.39
N PRO A 66 -8.03 -16.54 7.07
CA PRO A 66 -9.31 -16.67 7.73
C PRO A 66 -9.15 -17.22 9.15
N GLY A 67 -9.22 -16.31 10.12
CA GLY A 67 -9.07 -16.69 11.51
C GLY A 67 -7.60 -16.80 11.90
N ALA A 68 -7.01 -15.64 12.15
CA ALA A 68 -5.61 -15.58 12.53
C ALA A 68 -5.45 -14.61 13.71
N GLN A 69 -5.51 -13.33 13.38
CA GLN A 69 -5.38 -12.29 14.39
C GLN A 69 -5.80 -10.93 13.82
N HIS A 70 -6.28 -10.07 14.70
CA HIS A 70 -6.72 -8.75 14.31
C HIS A 70 -5.93 -7.69 15.08
N SER A 71 -4.62 -7.70 14.86
CA SER A 71 -3.75 -6.74 15.54
C SER A 71 -2.36 -6.75 14.89
N ASP A 72 -1.79 -7.94 14.84
CA ASP A 72 -0.47 -8.10 14.26
C ASP A 72 -0.58 -8.89 12.95
N GLU A 73 0.56 -9.22 12.39
CA GLU A 73 0.61 -9.96 11.13
C GLU A 73 1.15 -11.37 11.38
N ARG A 74 0.24 -12.33 11.42
CA ARG A 74 0.63 -13.71 11.64
C ARG A 74 0.68 -14.47 10.31
N GLY A 75 1.90 -14.66 9.83
CA GLY A 75 2.11 -15.37 8.58
C GLY A 75 1.17 -14.84 7.49
N ALA A 76 1.13 -13.52 7.37
CA ALA A 76 0.28 -12.89 6.38
C ALA A 76 0.87 -13.12 4.98
N LYS A 77 -0.01 -13.06 3.99
CA LYS A 77 0.41 -13.26 2.62
C LYS A 77 -0.07 -12.08 1.76
N GLU A 78 0.88 -11.38 1.18
CA GLU A 78 0.58 -10.24 0.35
C GLU A 78 0.73 -10.60 -1.13
N ILE A 79 -0.04 -9.90 -1.95
CA ILE A 79 0.00 -10.14 -3.39
C ILE A 79 0.07 -8.80 -4.12
N ILE A 80 1.17 -8.60 -4.84
CA ILE A 80 1.36 -7.38 -5.59
C ILE A 80 0.12 -7.10 -6.44
N LEU A 81 -0.02 -5.84 -6.82
CA LEU A 81 -1.16 -5.44 -7.65
C LEU A 81 -0.65 -4.96 -9.01
N ASP A 82 -1.59 -4.51 -9.83
CA ASP A 82 -1.25 -4.03 -11.15
C ASP A 82 -0.62 -2.64 -11.04
N ASP A 83 -0.77 -1.87 -12.11
CA ASP A 83 -0.23 -0.52 -12.15
C ASP A 83 -1.37 0.48 -12.31
N ASP A 84 -2.58 -0.01 -12.12
CA ASP A 84 -3.77 0.83 -12.24
C ASP A 84 -4.83 0.35 -11.25
N GLU A 85 -4.36 -0.33 -10.22
CA GLU A 85 -5.26 -0.84 -9.19
C GLU A 85 -5.73 0.29 -8.29
N CYS A 86 -6.60 -0.06 -7.35
CA CYS A 86 -7.13 0.93 -6.41
C CYS A 86 -7.04 0.34 -5.00
N PRO A 87 -6.04 0.85 -4.23
CA PRO A 87 -5.84 0.38 -2.87
C PRO A 87 -6.90 0.97 -1.93
N LEU A 88 -7.59 1.97 -2.44
CA LEU A 88 -8.64 2.62 -1.65
C LEU A 88 -9.96 1.89 -1.87
N GLN A 89 -10.41 1.91 -3.12
CA GLN A 89 -11.66 1.25 -3.47
C GLN A 89 -11.64 -0.20 -3.00
N ILE A 90 -10.49 -0.84 -3.16
CA ILE A 90 -10.34 -2.23 -2.75
C ILE A 90 -10.71 -2.36 -1.26
N PHE A 91 -9.92 -1.70 -0.44
CA PHE A 91 -10.15 -1.73 1.00
C PHE A 91 -11.63 -1.62 1.32
N ARG A 92 -12.26 -0.60 0.76
CA ARG A 92 -13.68 -0.37 0.99
C ARG A 92 -14.48 -1.62 0.60
N GLU A 93 -14.10 -2.21 -0.51
CA GLU A 93 -14.77 -3.41 -1.00
C GLU A 93 -13.95 -4.66 -0.62
N TRP A 94 -13.50 -4.69 0.62
CA TRP A 94 -12.71 -5.81 1.10
C TRP A 94 -13.50 -6.49 2.22
N PRO A 95 -13.61 -7.85 2.09
CA PRO A 95 -14.33 -8.63 3.08
C PRO A 95 -13.52 -8.77 4.37
N SER A 96 -14.11 -8.29 5.46
CA SER A 96 -13.45 -8.35 6.76
C SER A 96 -13.29 -9.82 7.19
N ASP A 97 -14.12 -10.66 6.59
CA ASP A 97 -14.08 -12.08 6.91
C ASP A 97 -12.78 -12.68 6.39
N LYS A 98 -12.33 -12.15 5.26
CA LYS A 98 -11.11 -12.62 4.63
C LYS A 98 -9.93 -12.27 5.54
N GLY A 99 -10.08 -11.19 6.29
CA GLY A 99 -9.04 -10.74 7.20
C GLY A 99 -8.76 -9.25 7.03
N ILE A 100 -7.75 -8.79 7.74
CA ILE A 100 -7.37 -7.38 7.67
C ILE A 100 -6.64 -7.11 6.36
N LEU A 101 -6.70 -5.87 5.92
CA LEU A 101 -6.05 -5.47 4.68
C LEU A 101 -5.03 -4.37 4.98
N VAL A 102 -3.89 -4.48 4.32
CA VAL A 102 -2.82 -3.51 4.50
C VAL A 102 -2.05 -3.36 3.19
N PHE A 103 -1.69 -2.11 2.90
CA PHE A 103 -0.94 -1.82 1.68
C PHE A 103 0.46 -1.30 2.01
N GLN A 104 1.44 -2.10 1.63
CA GLN A 104 2.83 -1.73 1.88
C GLN A 104 3.48 -1.19 0.60
N LEU A 105 4.61 -0.53 0.77
CA LEU A 105 5.32 0.05 -0.35
C LEU A 105 6.75 -0.50 -0.38
N LYS A 106 7.01 -1.35 -1.36
CA LYS A 106 8.32 -1.95 -1.51
C LYS A 106 8.56 -2.32 -2.97
N ARG A 107 9.70 -2.92 -3.22
CA ARG A 107 10.06 -3.32 -4.57
C ARG A 107 9.09 -4.39 -5.09
N ARG A 108 9.15 -4.62 -6.38
CA ARG A 108 8.28 -5.61 -7.00
C ARG A 108 9.11 -6.63 -7.79
N PRO A 109 8.51 -7.85 -7.95
CA PRO A 109 9.19 -8.92 -8.67
C PRO A 109 9.17 -8.66 -10.18
N PRO A 110 10.39 -8.56 -10.76
CA PRO A 110 10.51 -8.32 -12.19
C PRO A 110 10.20 -9.58 -12.98
N SER A 111 10.95 -10.64 -12.69
CA SER A 111 10.76 -11.90 -13.38
C SER A 111 10.38 -12.99 -12.37
N GLY A 112 9.09 -13.23 -12.28
CA GLY A 112 8.57 -14.23 -11.36
C GLY A 112 8.89 -13.85 -9.90
N PRO A 113 8.08 -14.43 -8.98
CA PRO A 113 8.26 -14.17 -7.56
C PRO A 113 9.48 -14.91 -7.02
N SER A 114 10.35 -14.17 -6.36
CA SER A 114 11.55 -14.74 -5.78
C SER A 114 11.77 -14.20 -4.37
N SER A 115 11.88 -12.88 -4.28
CA SER A 115 12.09 -12.22 -3.00
C SER A 115 11.08 -12.74 -1.99
N GLY A 116 11.54 -12.87 -0.75
CA GLY A 116 10.68 -13.35 0.33
C GLY A 116 11.27 -12.97 1.69
N GLY A 1 5.10 22.70 -2.33
CA GLY A 1 4.44 21.44 -2.63
C GLY A 1 3.35 21.13 -1.61
N SER A 2 2.11 21.34 -2.04
CA SER A 2 0.96 21.09 -1.18
C SER A 2 -0.33 21.27 -1.98
N SER A 3 -1.02 20.15 -2.17
CA SER A 3 -2.28 20.16 -2.89
C SER A 3 -3.06 18.88 -2.61
N GLY A 4 -4.36 19.07 -2.34
CA GLY A 4 -5.22 17.94 -2.04
C GLY A 4 -6.29 17.79 -3.13
N SER A 5 -7.54 17.77 -2.66
CA SER A 5 -8.66 17.62 -3.58
C SER A 5 -9.95 18.07 -2.88
N SER A 6 -10.72 18.90 -3.59
CA SER A 6 -11.98 19.39 -3.05
C SER A 6 -12.88 18.23 -2.67
N GLY A 7 -13.85 18.52 -1.80
CA GLY A 7 -14.78 17.50 -1.36
C GLY A 7 -14.08 16.44 -0.51
N SER A 8 -14.38 15.18 -0.82
CA SER A 8 -13.79 14.08 -0.09
C SER A 8 -13.24 13.04 -1.08
N GLY A 9 -12.42 12.13 -0.55
CA GLY A 9 -11.83 11.10 -1.37
C GLY A 9 -11.63 9.81 -0.56
N GLY A 10 -10.59 9.82 0.26
CA GLY A 10 -10.28 8.67 1.09
C GLY A 10 -8.85 8.75 1.63
N THR A 11 -8.53 7.83 2.53
CA THR A 11 -7.22 7.79 3.13
C THR A 11 -6.63 6.37 3.04
N LEU A 12 -5.32 6.31 2.92
CA LEU A 12 -4.64 5.03 2.82
C LEU A 12 -3.40 5.06 3.72
N ARG A 13 -3.25 3.99 4.50
CA ARG A 13 -2.12 3.88 5.40
C ARG A 13 -1.05 2.97 4.82
N ILE A 14 0.04 3.58 4.38
CA ILE A 14 1.14 2.85 3.79
C ILE A 14 2.22 2.61 4.84
N TYR A 15 2.01 1.57 5.63
CA TYR A 15 2.96 1.23 6.68
C TYR A 15 4.35 0.95 6.10
N ALA A 16 4.37 0.11 5.07
CA ALA A 16 5.61 -0.25 4.42
C ALA A 16 6.47 -1.06 5.38
N ASP A 17 6.99 -0.37 6.39
CA ASP A 17 7.83 -1.02 7.39
C ASP A 17 8.89 -1.86 6.69
N SER A 18 9.39 -1.33 5.58
CA SER A 18 10.40 -2.03 4.81
C SER A 18 11.28 -1.01 4.07
N LEU A 19 10.62 -0.17 3.29
CA LEU A 19 11.34 0.85 2.53
C LEU A 19 11.83 1.94 3.48
N LYS A 20 11.13 2.07 4.60
CA LYS A 20 11.49 3.06 5.59
C LYS A 20 11.17 2.53 6.99
N PRO A 21 12.22 1.96 7.64
CA PRO A 21 12.06 1.41 8.97
C PRO A 21 11.96 2.51 10.02
N ASN A 22 12.83 3.50 9.87
CA ASN A 22 12.86 4.63 10.80
C ASN A 22 11.42 5.09 11.06
N ILE A 23 10.76 5.50 9.98
CA ILE A 23 9.40 5.97 10.09
C ILE A 23 8.45 4.78 10.27
N PRO A 24 7.42 4.99 11.13
CA PRO A 24 6.46 3.93 11.40
C PRO A 24 5.49 3.75 10.22
N TYR A 25 4.46 4.56 10.21
CA TYR A 25 3.46 4.51 9.14
C TYR A 25 3.19 5.90 8.57
N LYS A 26 2.71 5.91 7.33
CA LYS A 26 2.41 7.15 6.66
C LYS A 26 0.94 7.14 6.21
N THR A 27 0.34 8.32 6.22
CA THR A 27 -1.04 8.46 5.81
C THR A 27 -1.19 9.58 4.79
N ILE A 28 -1.55 9.19 3.58
CA ILE A 28 -1.73 10.14 2.49
C ILE A 28 -3.19 10.12 2.03
N LEU A 29 -3.62 11.25 1.50
CA LEU A 29 -4.99 11.37 1.01
C LEU A 29 -5.11 10.64 -0.34
N LEU A 30 -5.72 9.47 -0.28
CA LEU A 30 -5.91 8.67 -1.48
C LEU A 30 -7.38 8.75 -1.91
N SER A 31 -7.60 8.44 -3.18
CA SER A 31 -8.95 8.46 -3.72
C SER A 31 -9.29 7.12 -4.35
N THR A 32 -10.54 6.99 -4.76
CA THR A 32 -11.01 5.76 -5.37
C THR A 32 -10.76 5.79 -6.89
N THR A 33 -9.60 6.30 -7.25
CA THR A 33 -9.23 6.40 -8.65
C THR A 33 -7.71 6.32 -8.82
N ASP A 34 -7.02 7.06 -7.95
CA ASP A 34 -5.57 7.09 -7.98
C ASP A 34 -5.04 5.69 -8.29
N THR A 35 -3.82 5.65 -8.81
CA THR A 35 -3.20 4.39 -9.15
C THR A 35 -2.00 4.12 -8.24
N ALA A 36 -1.75 2.85 -7.99
CA ALA A 36 -0.64 2.45 -7.14
C ALA A 36 0.61 3.21 -7.57
N ASP A 37 0.63 3.60 -8.83
CA ASP A 37 1.77 4.33 -9.37
C ASP A 37 1.81 5.73 -8.75
N PHE A 38 0.64 6.34 -8.68
CA PHE A 38 0.53 7.67 -8.11
C PHE A 38 0.79 7.65 -6.60
N ALA A 39 0.15 6.70 -5.93
CA ALA A 39 0.29 6.56 -4.50
C ALA A 39 1.77 6.34 -4.16
N VAL A 40 2.36 5.35 -4.84
CA VAL A 40 3.75 5.03 -4.62
C VAL A 40 4.56 6.33 -4.48
N ALA A 41 4.57 7.09 -5.56
CA ALA A 41 5.29 8.35 -5.58
C ALA A 41 5.01 9.11 -4.28
N GLU A 42 3.73 9.39 -4.07
CA GLU A 42 3.30 10.11 -2.89
C GLU A 42 4.05 9.58 -1.65
N SER A 43 3.73 8.34 -1.31
CA SER A 43 4.35 7.71 -0.15
C SER A 43 5.85 8.00 -0.13
N LEU A 44 6.50 7.65 -1.22
CA LEU A 44 7.93 7.87 -1.35
C LEU A 44 8.27 9.26 -0.81
N GLU A 45 7.74 10.27 -1.49
CA GLU A 45 7.98 11.65 -1.10
C GLU A 45 7.80 11.80 0.41
N LYS A 46 6.64 11.38 0.89
CA LYS A 46 6.34 11.46 2.31
C LYS A 46 7.57 11.05 3.12
N TYR A 47 7.92 9.78 3.00
CA TYR A 47 9.06 9.25 3.71
C TYR A 47 10.33 10.05 3.39
N GLY A 48 10.29 10.73 2.25
CA GLY A 48 11.42 11.53 1.82
C GLY A 48 12.18 10.85 0.68
N LEU A 49 11.45 10.05 -0.08
CA LEU A 49 12.04 9.33 -1.20
C LEU A 49 11.63 10.02 -2.50
N GLU A 50 11.91 11.31 -2.57
CA GLU A 50 11.58 12.10 -3.74
C GLU A 50 12.71 12.01 -4.77
N LYS A 51 13.19 10.79 -4.98
CA LYS A 51 14.26 10.56 -5.93
C LYS A 51 14.18 9.13 -6.45
N GLU A 52 14.00 8.21 -5.52
CA GLU A 52 13.90 6.79 -5.87
C GLU A 52 12.97 6.61 -7.07
N ASN A 53 13.05 5.43 -7.66
CA ASN A 53 12.23 5.12 -8.82
C ASN A 53 10.91 4.49 -8.34
N PRO A 54 9.80 5.24 -8.56
CA PRO A 54 8.49 4.77 -8.16
C PRO A 54 7.98 3.68 -9.12
N LYS A 55 8.63 3.60 -10.26
CA LYS A 55 8.26 2.63 -11.27
C LYS A 55 8.78 1.25 -10.86
N ASP A 56 9.76 1.27 -9.96
CA ASP A 56 10.35 0.04 -9.48
C ASP A 56 9.54 -0.48 -8.29
N TYR A 57 8.98 0.45 -7.54
CA TYR A 57 8.18 0.09 -6.38
C TYR A 57 6.69 0.04 -6.74
N CYS A 58 5.98 -0.83 -6.04
CA CYS A 58 4.55 -0.99 -6.28
C CYS A 58 3.84 -1.02 -4.92
N ILE A 59 2.55 -1.30 -4.98
CA ILE A 59 1.75 -1.36 -3.77
C ILE A 59 1.28 -2.80 -3.54
N ALA A 60 1.95 -3.46 -2.60
CA ALA A 60 1.62 -4.84 -2.27
C ALA A 60 0.71 -4.87 -1.05
N ARG A 61 -0.48 -5.43 -1.26
CA ARG A 61 -1.45 -5.52 -0.18
C ARG A 61 -1.26 -6.82 0.60
N VAL A 62 -1.30 -6.70 1.92
CA VAL A 62 -1.14 -7.86 2.78
C VAL A 62 -2.49 -8.25 3.37
N MET A 63 -2.93 -9.45 3.01
CA MET A 63 -4.20 -9.95 3.50
C MET A 63 -4.01 -10.94 4.66
N LEU A 64 -4.49 -10.54 5.82
CA LEU A 64 -4.37 -11.37 7.01
C LEU A 64 -5.32 -12.57 6.89
N PRO A 65 -4.97 -13.66 7.61
CA PRO A 65 -5.77 -14.87 7.59
C PRO A 65 -7.05 -14.70 8.42
N PRO A 66 -7.96 -15.69 8.30
CA PRO A 66 -9.21 -15.66 9.04
C PRO A 66 -8.99 -15.98 10.51
N GLY A 67 -8.17 -16.99 10.74
CA GLY A 67 -7.87 -17.42 12.10
C GLY A 67 -6.45 -17.03 12.50
N ALA A 68 -6.18 -15.72 12.39
CA ALA A 68 -4.88 -15.20 12.74
C ALA A 68 -4.70 -15.23 14.26
N GLN A 69 -3.53 -14.79 14.70
CA GLN A 69 -3.23 -14.76 16.12
C GLN A 69 -3.78 -13.49 16.76
N HIS A 70 -5.06 -13.23 16.49
CA HIS A 70 -5.71 -12.06 17.04
C HIS A 70 -5.32 -10.84 16.21
N SER A 71 -4.04 -10.53 16.23
CA SER A 71 -3.53 -9.40 15.49
C SER A 71 -2.14 -9.71 14.93
N ASP A 72 -1.31 -10.27 15.79
CA ASP A 72 0.05 -10.63 15.40
C ASP A 72 0.03 -11.22 13.98
N GLU A 73 0.86 -10.66 13.12
CA GLU A 73 0.94 -11.12 11.75
C GLU A 73 1.44 -12.57 11.71
N ARG A 74 0.48 -13.48 11.57
CA ARG A 74 0.80 -14.89 11.51
C ARG A 74 1.00 -15.34 10.06
N GLY A 75 2.24 -15.33 9.63
CA GLY A 75 2.57 -15.72 8.27
C GLY A 75 1.65 -15.03 7.26
N ALA A 76 1.53 -13.72 7.41
CA ALA A 76 0.70 -12.93 6.53
C ALA A 76 1.17 -13.12 5.09
N LYS A 77 0.21 -13.11 4.17
CA LYS A 77 0.51 -13.27 2.76
C LYS A 77 0.02 -12.05 1.99
N GLU A 78 0.94 -11.45 1.24
CA GLU A 78 0.61 -10.28 0.46
C GLU A 78 0.66 -10.60 -1.04
N ILE A 79 -0.09 -9.84 -1.81
CA ILE A 79 -0.13 -10.03 -3.25
C ILE A 79 -0.07 -8.67 -3.95
N ILE A 80 0.90 -8.54 -4.83
CA ILE A 80 1.08 -7.30 -5.57
C ILE A 80 -0.17 -7.02 -6.39
N LEU A 81 -0.44 -5.74 -6.60
CA LEU A 81 -1.60 -5.31 -7.37
C LEU A 81 -1.15 -4.85 -8.75
N ASP A 82 -2.12 -4.36 -9.51
CA ASP A 82 -1.84 -3.88 -10.85
C ASP A 82 -1.07 -2.56 -10.76
N ASP A 83 -0.80 -1.98 -11.92
CA ASP A 83 -0.07 -0.72 -11.99
C ASP A 83 -1.07 0.43 -12.11
N ASP A 84 -2.33 0.12 -11.84
CA ASP A 84 -3.38 1.12 -11.90
C ASP A 84 -4.61 0.60 -11.15
N GLU A 85 -4.35 -0.02 -10.02
CA GLU A 85 -5.42 -0.55 -9.19
C GLU A 85 -5.82 0.46 -8.11
N CYS A 86 -6.97 0.21 -7.51
CA CYS A 86 -7.48 1.09 -6.46
C CYS A 86 -7.33 0.37 -5.12
N PRO A 87 -6.34 0.84 -4.33
CA PRO A 87 -6.08 0.25 -3.01
C PRO A 87 -7.15 0.68 -2.01
N LEU A 88 -7.81 1.78 -2.33
CA LEU A 88 -8.85 2.31 -1.46
C LEU A 88 -10.18 1.61 -1.79
N GLN A 89 -10.54 1.68 -3.05
CA GLN A 89 -11.77 1.06 -3.51
C GLN A 89 -11.80 -0.42 -3.16
N ILE A 90 -10.62 -1.02 -3.21
CA ILE A 90 -10.50 -2.44 -2.89
C ILE A 90 -10.72 -2.64 -1.39
N PHE A 91 -10.04 -1.83 -0.61
CA PHE A 91 -10.16 -1.91 0.83
C PHE A 91 -11.62 -1.93 1.27
N ARG A 92 -12.39 -1.05 0.64
CA ARG A 92 -13.81 -0.95 0.95
C ARG A 92 -14.53 -2.25 0.60
N GLU A 93 -14.22 -2.76 -0.59
CA GLU A 93 -14.82 -4.00 -1.05
C GLU A 93 -13.96 -5.19 -0.65
N TRP A 94 -13.48 -5.15 0.58
CA TRP A 94 -12.64 -6.21 1.10
C TRP A 94 -13.40 -6.91 2.22
N PRO A 95 -13.45 -8.27 2.15
CA PRO A 95 -14.14 -9.06 3.15
C PRO A 95 -13.33 -9.13 4.45
N SER A 96 -13.96 -8.65 5.52
CA SER A 96 -13.31 -8.65 6.82
C SER A 96 -13.04 -10.08 7.27
N ASP A 97 -13.92 -10.98 6.86
CA ASP A 97 -13.78 -12.38 7.21
C ASP A 97 -12.45 -12.90 6.67
N LYS A 98 -12.07 -12.40 5.51
CA LYS A 98 -10.82 -12.80 4.88
C LYS A 98 -9.65 -12.41 5.77
N GLY A 99 -9.85 -11.31 6.50
CA GLY A 99 -8.82 -10.81 7.39
C GLY A 99 -8.54 -9.33 7.14
N ILE A 100 -7.66 -8.78 7.96
CA ILE A 100 -7.31 -7.37 7.85
C ILE A 100 -6.58 -7.14 6.52
N LEU A 101 -6.66 -5.92 6.04
CA LEU A 101 -6.03 -5.55 4.78
C LEU A 101 -5.05 -4.39 5.03
N VAL A 102 -3.88 -4.51 4.41
CA VAL A 102 -2.86 -3.49 4.55
C VAL A 102 -2.10 -3.36 3.23
N PHE A 103 -1.75 -2.11 2.91
CA PHE A 103 -1.03 -1.84 1.68
C PHE A 103 0.38 -1.29 1.99
N GLN A 104 1.38 -2.10 1.68
CA GLN A 104 2.75 -1.70 1.92
C GLN A 104 3.36 -1.12 0.65
N LEU A 105 4.53 -0.51 0.82
CA LEU A 105 5.23 0.11 -0.30
C LEU A 105 6.64 -0.46 -0.39
N LYS A 106 6.84 -1.32 -1.39
CA LYS A 106 8.14 -1.93 -1.60
C LYS A 106 8.23 -2.43 -3.03
N ARG A 107 9.46 -2.80 -3.42
CA ARG A 107 9.69 -3.30 -4.76
C ARG A 107 8.66 -4.37 -5.12
N ARG A 108 8.65 -4.73 -6.40
CA ARG A 108 7.73 -5.74 -6.89
C ARG A 108 8.47 -6.80 -7.69
N PRO A 109 7.80 -7.97 -7.87
CA PRO A 109 8.39 -9.07 -8.62
C PRO A 109 8.36 -8.79 -10.12
N PRO A 110 9.58 -8.62 -10.70
CA PRO A 110 9.70 -8.35 -12.13
C PRO A 110 9.43 -9.61 -12.95
N SER A 111 8.19 -10.07 -12.88
CA SER A 111 7.80 -11.26 -13.61
C SER A 111 8.92 -12.31 -13.56
N GLY A 112 8.83 -13.16 -12.54
CA GLY A 112 9.84 -14.20 -12.36
C GLY A 112 9.74 -14.81 -10.97
N PRO A 113 10.25 -16.06 -10.85
CA PRO A 113 10.23 -16.78 -9.59
C PRO A 113 11.28 -16.21 -8.63
N SER A 114 12.53 -16.27 -9.08
CA SER A 114 13.64 -15.77 -8.27
C SER A 114 13.64 -14.24 -8.28
N SER A 115 12.88 -13.68 -7.34
CA SER A 115 12.79 -12.23 -7.23
C SER A 115 12.12 -11.86 -5.91
N GLY A 116 12.92 -11.28 -5.02
CA GLY A 116 12.42 -10.87 -3.72
C GLY A 116 11.47 -9.68 -3.85
N GLY A 1 -10.11 18.11 -12.71
CA GLY A 1 -10.99 18.96 -11.92
C GLY A 1 -10.94 20.41 -12.42
N SER A 2 -11.64 20.63 -13.53
CA SER A 2 -11.68 21.96 -14.11
C SER A 2 -12.60 22.87 -13.28
N SER A 3 -12.03 23.39 -12.20
CA SER A 3 -12.79 24.27 -11.32
C SER A 3 -14.10 23.61 -10.92
N GLY A 4 -14.08 22.96 -9.77
CA GLY A 4 -15.27 22.29 -9.26
C GLY A 4 -14.98 21.58 -7.94
N SER A 5 -15.99 21.52 -7.10
CA SER A 5 -15.86 20.87 -5.81
C SER A 5 -15.64 19.36 -6.00
N SER A 6 -14.80 18.80 -5.14
CA SER A 6 -14.49 17.38 -5.21
C SER A 6 -14.46 16.79 -3.80
N GLY A 7 -15.56 16.13 -3.45
CA GLY A 7 -15.68 15.53 -2.13
C GLY A 7 -15.97 14.02 -2.26
N SER A 8 -14.90 13.24 -2.17
CA SER A 8 -15.03 11.80 -2.26
C SER A 8 -13.66 11.13 -2.11
N GLY A 9 -13.66 9.99 -1.46
CA GLY A 9 -12.42 9.25 -1.24
C GLY A 9 -12.14 9.09 0.26
N GLY A 10 -10.88 9.26 0.61
CA GLY A 10 -10.46 9.15 1.99
C GLY A 10 -8.94 9.14 2.11
N THR A 11 -8.44 8.25 2.96
CA THR A 11 -7.01 8.14 3.16
C THR A 11 -6.57 6.68 3.04
N LEU A 12 -5.25 6.49 2.94
CA LEU A 12 -4.69 5.15 2.82
C LEU A 12 -3.43 5.06 3.67
N ARG A 13 -3.41 4.06 4.54
CA ARG A 13 -2.27 3.85 5.42
C ARG A 13 -1.21 3.01 4.70
N ILE A 14 -0.06 3.62 4.51
CA ILE A 14 1.05 2.94 3.85
C ILE A 14 2.17 2.68 4.86
N TYR A 15 1.99 1.62 5.64
CA TYR A 15 2.97 1.26 6.65
C TYR A 15 4.36 1.10 6.02
N ALA A 16 4.39 0.35 4.93
CA ALA A 16 5.65 0.11 4.24
C ALA A 16 6.69 -0.41 5.23
N ASP A 17 6.69 -1.73 5.40
CA ASP A 17 7.63 -2.37 6.31
C ASP A 17 8.79 -2.96 5.52
N SER A 18 9.54 -2.07 4.88
CA SER A 18 10.68 -2.49 4.08
C SER A 18 11.09 -1.37 3.12
N LEU A 19 11.30 -0.19 3.69
CA LEU A 19 11.69 0.96 2.89
C LEU A 19 12.03 2.13 3.83
N LYS A 20 11.20 2.27 4.86
CA LYS A 20 11.40 3.33 5.83
C LYS A 20 11.03 2.82 7.22
N PRO A 21 12.05 2.30 7.94
CA PRO A 21 11.84 1.77 9.27
C PRO A 21 11.68 2.91 10.29
N ASN A 22 12.48 3.95 10.10
CA ASN A 22 12.42 5.09 10.98
C ASN A 22 10.97 5.47 11.25
N ILE A 23 10.24 5.71 10.18
CA ILE A 23 8.84 6.08 10.28
C ILE A 23 8.00 4.80 10.38
N PRO A 24 6.94 4.89 11.24
CA PRO A 24 6.06 3.75 11.43
C PRO A 24 5.11 3.58 10.24
N TYR A 25 4.11 4.44 10.20
CA TYR A 25 3.13 4.40 9.12
C TYR A 25 2.92 5.79 8.52
N LYS A 26 2.49 5.80 7.27
CA LYS A 26 2.24 7.05 6.57
C LYS A 26 0.83 7.03 5.99
N THR A 27 0.15 8.16 6.15
CA THR A 27 -1.21 8.29 5.65
C THR A 27 -1.31 9.45 4.66
N ILE A 28 -1.66 9.10 3.43
CA ILE A 28 -1.79 10.10 2.38
C ILE A 28 -3.23 10.12 1.87
N LEU A 29 -3.61 11.26 1.31
CA LEU A 29 -4.95 11.42 0.77
C LEU A 29 -5.07 10.67 -0.55
N LEU A 30 -5.74 9.53 -0.50
CA LEU A 30 -5.92 8.71 -1.68
C LEU A 30 -7.38 8.82 -2.14
N SER A 31 -7.59 8.50 -3.42
CA SER A 31 -8.93 8.55 -3.99
C SER A 31 -9.29 7.20 -4.59
N THR A 32 -10.55 7.08 -4.97
CA THR A 32 -11.04 5.84 -5.56
C THR A 32 -10.92 5.89 -7.09
N THR A 33 -9.74 6.32 -7.53
CA THR A 33 -9.48 6.42 -8.96
C THR A 33 -7.98 6.32 -9.24
N ASP A 34 -7.22 7.05 -8.43
CA ASP A 34 -5.77 7.06 -8.57
C ASP A 34 -5.26 5.61 -8.68
N THR A 35 -3.97 5.49 -8.95
CA THR A 35 -3.36 4.18 -9.08
C THR A 35 -2.24 4.01 -8.05
N ALA A 36 -1.68 2.81 -8.01
CA ALA A 36 -0.62 2.50 -7.07
C ALA A 36 0.63 3.29 -7.47
N ASP A 37 0.76 3.52 -8.77
CA ASP A 37 1.90 4.26 -9.28
C ASP A 37 1.89 5.68 -8.72
N PHE A 38 0.69 6.25 -8.64
CA PHE A 38 0.53 7.59 -8.12
C PHE A 38 0.82 7.63 -6.61
N ALA A 39 0.18 6.71 -5.90
CA ALA A 39 0.36 6.63 -4.46
C ALA A 39 1.83 6.40 -4.14
N VAL A 40 2.42 5.43 -4.83
CA VAL A 40 3.81 5.09 -4.64
C VAL A 40 4.62 6.39 -4.52
N ALA A 41 4.56 7.19 -5.57
CA ALA A 41 5.28 8.45 -5.59
C ALA A 41 5.03 9.20 -4.29
N GLU A 42 3.74 9.47 -4.04
CA GLU A 42 3.35 10.18 -2.84
C GLU A 42 4.05 9.59 -1.61
N SER A 43 3.73 8.34 -1.33
CA SER A 43 4.32 7.66 -0.19
C SER A 43 5.83 7.92 -0.14
N LEU A 44 6.46 7.75 -1.29
CA LEU A 44 7.89 7.97 -1.40
C LEU A 44 8.23 9.36 -0.88
N GLU A 45 7.77 10.36 -1.62
CA GLU A 45 8.02 11.74 -1.25
C GLU A 45 7.77 11.94 0.24
N LYS A 46 6.63 11.45 0.70
CA LYS A 46 6.28 11.57 2.10
C LYS A 46 7.49 11.22 2.97
N TYR A 47 7.87 9.96 2.90
CA TYR A 47 9.01 9.48 3.66
C TYR A 47 10.27 10.31 3.36
N GLY A 48 10.26 10.92 2.19
CA GLY A 48 11.38 11.74 1.77
C GLY A 48 12.13 11.09 0.61
N LEU A 49 11.49 10.09 0.01
CA LEU A 49 12.09 9.37 -1.09
C LEU A 49 11.72 10.07 -2.41
N GLU A 50 12.03 11.36 -2.46
CA GLU A 50 11.74 12.15 -3.65
C GLU A 50 12.89 12.05 -4.65
N LYS A 51 13.38 10.84 -4.82
CA LYS A 51 14.48 10.60 -5.74
C LYS A 51 14.37 9.19 -6.32
N GLU A 52 14.12 8.23 -5.42
CA GLU A 52 13.99 6.85 -5.82
C GLU A 52 13.05 6.73 -7.02
N ASN A 53 12.98 5.52 -7.55
CA ASN A 53 12.12 5.25 -8.70
C ASN A 53 10.80 4.65 -8.23
N PRO A 54 9.70 5.39 -8.49
CA PRO A 54 8.38 4.94 -8.09
C PRO A 54 7.88 3.82 -9.01
N LYS A 55 8.61 3.64 -10.10
CA LYS A 55 8.26 2.60 -11.07
C LYS A 55 8.83 1.25 -10.60
N ASP A 56 9.72 1.33 -9.62
CA ASP A 56 10.33 0.14 -9.07
C ASP A 56 9.47 -0.40 -7.93
N TYR A 57 8.97 0.52 -7.12
CA TYR A 57 8.14 0.16 -5.99
C TYR A 57 6.65 0.15 -6.38
N CYS A 58 5.91 -0.73 -5.74
CA CYS A 58 4.48 -0.85 -6.01
C CYS A 58 3.75 -0.97 -4.67
N ILE A 59 2.46 -1.20 -4.76
CA ILE A 59 1.63 -1.34 -3.57
C ILE A 59 1.22 -2.80 -3.41
N ALA A 60 1.85 -3.46 -2.44
CA ALA A 60 1.55 -4.85 -2.17
C ALA A 60 0.57 -4.95 -1.01
N ARG A 61 -0.59 -5.55 -1.31
CA ARG A 61 -1.63 -5.70 -0.30
C ARG A 61 -1.43 -7.02 0.45
N VAL A 62 -1.37 -6.90 1.77
CA VAL A 62 -1.19 -8.07 2.62
C VAL A 62 -2.53 -8.44 3.27
N MET A 63 -3.03 -9.61 2.91
CA MET A 63 -4.29 -10.09 3.44
C MET A 63 -4.06 -11.18 4.49
N LEU A 64 -4.48 -10.89 5.70
CA LEU A 64 -4.33 -11.84 6.79
C LEU A 64 -5.32 -13.00 6.59
N PRO A 65 -4.95 -14.17 7.17
CA PRO A 65 -5.79 -15.35 7.07
C PRO A 65 -7.01 -15.24 7.98
N PRO A 66 -8.00 -16.13 7.73
CA PRO A 66 -9.22 -16.15 8.52
C PRO A 66 -8.98 -16.76 9.89
N GLY A 67 -8.51 -15.93 10.80
CA GLY A 67 -8.23 -16.39 12.15
C GLY A 67 -6.76 -16.19 12.52
N ALA A 68 -6.34 -14.93 12.48
CA ALA A 68 -4.96 -14.58 12.80
C ALA A 68 -4.94 -13.53 13.90
N GLN A 69 -3.93 -13.62 14.75
CA GLN A 69 -3.78 -12.68 15.84
C GLN A 69 -3.62 -11.25 15.31
N HIS A 70 -4.70 -10.49 15.42
CA HIS A 70 -4.69 -9.11 14.94
C HIS A 70 -3.44 -8.41 15.45
N SER A 71 -3.05 -7.36 14.73
CA SER A 71 -1.87 -6.58 15.09
C SER A 71 -0.61 -7.33 14.65
N ASP A 72 -0.45 -8.53 15.19
CA ASP A 72 0.70 -9.36 14.87
C ASP A 72 0.52 -9.97 13.48
N GLU A 73 1.46 -9.68 12.60
CA GLU A 73 1.41 -10.20 11.24
C GLU A 73 2.61 -11.11 10.98
N ARG A 74 2.44 -12.37 11.37
CA ARG A 74 3.49 -13.35 11.18
C ARG A 74 3.22 -14.20 9.94
N GLY A 75 2.08 -14.87 9.96
CA GLY A 75 1.69 -15.71 8.84
C GLY A 75 0.74 -14.97 7.90
N ALA A 76 1.28 -13.97 7.23
CA ALA A 76 0.50 -13.18 6.29
C ALA A 76 1.04 -13.37 4.88
N LYS A 77 0.13 -13.30 3.92
CA LYS A 77 0.51 -13.47 2.52
C LYS A 77 -0.02 -12.28 1.71
N GLU A 78 0.89 -11.58 1.06
CA GLU A 78 0.52 -10.43 0.24
C GLU A 78 0.60 -10.79 -1.24
N ILE A 79 -0.17 -10.05 -2.03
CA ILE A 79 -0.19 -10.27 -3.47
C ILE A 79 -0.12 -8.93 -4.19
N ILE A 80 1.04 -8.66 -4.77
CA ILE A 80 1.26 -7.41 -5.49
C ILE A 80 0.02 -7.11 -6.33
N LEU A 81 -0.16 -5.83 -6.62
CA LEU A 81 -1.29 -5.40 -7.42
C LEU A 81 -0.81 -5.07 -8.84
N ASP A 82 -1.76 -5.14 -9.77
CA ASP A 82 -1.45 -4.87 -11.16
C ASP A 82 -0.52 -3.65 -11.24
N ASP A 83 -1.12 -2.48 -11.12
CA ASP A 83 -0.36 -1.24 -11.18
C ASP A 83 -1.32 -0.05 -11.24
N ASP A 84 -2.39 -0.25 -12.01
CA ASP A 84 -3.39 0.80 -12.15
C ASP A 84 -4.62 0.44 -11.30
N GLU A 85 -4.36 -0.25 -10.20
CA GLU A 85 -5.42 -0.65 -9.30
C GLU A 85 -5.69 0.44 -8.27
N CYS A 86 -6.71 0.21 -7.46
CA CYS A 86 -7.07 1.17 -6.42
C CYS A 86 -7.03 0.45 -5.07
N PRO A 87 -6.08 0.91 -4.21
CA PRO A 87 -5.92 0.33 -2.89
C PRO A 87 -7.04 0.78 -1.95
N LEU A 88 -7.76 1.81 -2.39
CA LEU A 88 -8.86 2.35 -1.61
C LEU A 88 -10.12 1.51 -1.85
N GLN A 89 -10.60 1.58 -3.07
CA GLN A 89 -11.79 0.84 -3.45
C GLN A 89 -11.65 -0.63 -3.04
N ILE A 90 -10.47 -1.18 -3.29
CA ILE A 90 -10.20 -2.56 -2.94
C ILE A 90 -10.46 -2.77 -1.45
N PHE A 91 -10.00 -1.81 -0.66
CA PHE A 91 -10.18 -1.88 0.78
C PHE A 91 -11.65 -1.66 1.17
N ARG A 92 -12.20 -0.57 0.64
CA ARG A 92 -13.58 -0.23 0.92
C ARG A 92 -14.47 -1.48 0.86
N GLU A 93 -14.37 -2.16 -0.29
CA GLU A 93 -15.16 -3.37 -0.49
C GLU A 93 -14.31 -4.61 -0.19
N TRP A 94 -13.68 -4.57 0.98
CA TRP A 94 -12.83 -5.69 1.40
C TRP A 94 -13.61 -6.50 2.43
N PRO A 95 -13.64 -7.84 2.21
CA PRO A 95 -14.35 -8.74 3.10
C PRO A 95 -13.54 -8.94 4.40
N SER A 96 -14.16 -8.56 5.51
CA SER A 96 -13.53 -8.70 6.81
C SER A 96 -13.36 -10.18 7.14
N ASP A 97 -14.09 -11.01 6.42
CA ASP A 97 -14.03 -12.45 6.63
C ASP A 97 -12.75 -13.00 5.99
N LYS A 98 -12.25 -12.25 5.02
CA LYS A 98 -11.03 -12.65 4.32
C LYS A 98 -9.82 -12.40 5.22
N GLY A 99 -9.97 -11.42 6.09
CA GLY A 99 -8.89 -11.06 7.01
C GLY A 99 -8.56 -9.57 6.91
N ILE A 100 -7.60 -9.17 7.73
CA ILE A 100 -7.17 -7.77 7.74
C ILE A 100 -6.50 -7.44 6.42
N LEU A 101 -6.54 -6.16 6.08
CA LEU A 101 -5.94 -5.69 4.83
C LEU A 101 -4.90 -4.62 5.15
N VAL A 102 -3.77 -4.72 4.45
CA VAL A 102 -2.69 -3.77 4.65
C VAL A 102 -1.96 -3.54 3.32
N PHE A 103 -1.59 -2.29 3.09
CA PHE A 103 -0.91 -1.92 1.87
C PHE A 103 0.51 -1.42 2.17
N GLN A 104 1.49 -2.27 1.87
CA GLN A 104 2.87 -1.93 2.10
C GLN A 104 3.53 -1.50 0.79
N LEU A 105 4.40 -0.50 0.89
CA LEU A 105 5.11 0.01 -0.27
C LEU A 105 6.52 -0.57 -0.30
N LYS A 106 6.82 -1.25 -1.39
CA LYS A 106 8.13 -1.85 -1.56
C LYS A 106 8.35 -2.20 -3.03
N ARG A 107 9.45 -2.89 -3.29
CA ARG A 107 9.78 -3.29 -4.65
C ARG A 107 8.86 -4.41 -5.11
N ARG A 108 8.85 -4.63 -6.42
CA ARG A 108 8.03 -5.67 -7.00
C ARG A 108 8.87 -6.57 -7.92
N PRO A 109 8.32 -7.78 -8.20
CA PRO A 109 9.00 -8.74 -9.05
C PRO A 109 8.90 -8.32 -10.52
N PRO A 110 10.09 -8.25 -11.19
CA PRO A 110 10.15 -7.88 -12.58
C PRO A 110 9.67 -9.02 -13.48
N SER A 111 9.38 -8.67 -14.73
CA SER A 111 8.92 -9.65 -15.69
C SER A 111 10.09 -10.49 -16.20
N GLY A 112 9.99 -11.79 -15.97
CA GLY A 112 11.03 -12.70 -16.41
C GLY A 112 10.65 -14.15 -16.12
N PRO A 113 10.19 -14.85 -17.19
CA PRO A 113 9.78 -16.23 -17.07
C PRO A 113 10.99 -17.16 -16.96
N SER A 114 11.82 -16.88 -15.94
CA SER A 114 13.01 -17.67 -15.71
C SER A 114 13.75 -17.15 -14.48
N SER A 115 14.11 -15.88 -14.53
CA SER A 115 14.83 -15.26 -13.43
C SER A 115 13.89 -14.30 -12.69
N GLY A 116 13.52 -14.71 -11.48
CA GLY A 116 12.64 -13.90 -10.65
C GLY A 116 12.62 -14.41 -9.21
N GLY A 1 6.41 22.48 1.87
CA GLY A 1 5.22 21.66 2.06
C GLY A 1 4.79 21.64 3.52
N SER A 2 3.95 22.60 3.88
CA SER A 2 3.47 22.71 5.24
C SER A 2 1.98 22.35 5.30
N SER A 3 1.65 21.52 6.28
CA SER A 3 0.27 21.09 6.44
C SER A 3 -0.19 20.28 5.24
N GLY A 4 -0.93 19.22 5.51
CA GLY A 4 -1.43 18.36 4.46
C GLY A 4 -2.89 18.67 4.14
N SER A 5 -3.30 18.29 2.94
CA SER A 5 -4.67 18.52 2.50
C SER A 5 -5.58 17.41 3.05
N SER A 6 -6.80 17.81 3.38
CA SER A 6 -7.77 16.86 3.91
C SER A 6 -9.19 17.41 3.73
N GLY A 7 -10.02 16.62 3.06
CA GLY A 7 -11.39 17.02 2.82
C GLY A 7 -12.27 15.79 2.55
N SER A 8 -12.17 15.29 1.33
CA SER A 8 -12.96 14.13 0.93
C SER A 8 -12.12 13.22 0.03
N GLY A 9 -12.48 11.95 0.03
CA GLY A 9 -11.78 10.98 -0.79
C GLY A 9 -11.51 9.69 0.00
N GLY A 10 -10.50 9.75 0.85
CA GLY A 10 -10.13 8.61 1.67
C GLY A 10 -8.65 8.64 2.03
N THR A 11 -8.30 7.88 3.05
CA THR A 11 -6.92 7.82 3.51
C THR A 11 -6.42 6.37 3.48
N LEU A 12 -5.19 6.23 3.02
CA LEU A 12 -4.57 4.91 2.94
C LEU A 12 -3.37 4.85 3.87
N ARG A 13 -3.29 3.77 4.62
CA ARG A 13 -2.19 3.57 5.55
C ARG A 13 -1.09 2.74 4.91
N ILE A 14 0.02 3.40 4.59
CA ILE A 14 1.14 2.73 3.97
C ILE A 14 2.27 2.59 5.00
N TYR A 15 2.20 1.49 5.74
CA TYR A 15 3.20 1.22 6.76
C TYR A 15 4.59 1.03 6.13
N ALA A 16 4.62 0.24 5.07
CA ALA A 16 5.88 -0.02 4.37
C ALA A 16 6.75 -0.93 5.23
N ASP A 17 7.15 -0.40 6.38
CA ASP A 17 8.00 -1.14 7.30
C ASP A 17 9.04 -1.93 6.51
N SER A 18 9.72 -1.22 5.61
CA SER A 18 10.74 -1.85 4.78
C SER A 18 11.50 -0.78 4.00
N LEU A 19 10.75 -0.02 3.21
CA LEU A 19 11.34 1.03 2.41
C LEU A 19 11.70 2.21 3.31
N LYS A 20 10.99 2.31 4.43
CA LYS A 20 11.22 3.37 5.38
C LYS A 20 11.11 2.82 6.80
N PRO A 21 12.30 2.49 7.38
CA PRO A 21 12.35 1.95 8.72
C PRO A 21 12.11 3.04 9.76
N ASN A 22 12.20 2.65 11.02
CA ASN A 22 12.00 3.58 12.12
C ASN A 22 10.56 4.11 12.08
N ILE A 23 10.32 5.00 11.13
CA ILE A 23 9.00 5.58 10.97
C ILE A 23 7.93 4.50 11.20
N PRO A 24 6.83 4.91 11.88
CA PRO A 24 5.74 3.99 12.16
C PRO A 24 4.91 3.73 10.90
N TYR A 25 3.92 4.59 10.69
CA TYR A 25 3.05 4.46 9.53
C TYR A 25 2.76 5.82 8.90
N LYS A 26 2.53 5.80 7.60
CA LYS A 26 2.24 7.03 6.88
C LYS A 26 0.83 6.94 6.29
N THR A 27 0.13 8.07 6.34
CA THR A 27 -1.22 8.14 5.82
C THR A 27 -1.34 9.26 4.79
N ILE A 28 -1.52 8.85 3.54
CA ILE A 28 -1.65 9.81 2.45
C ILE A 28 -3.10 9.83 1.96
N LEU A 29 -3.50 10.98 1.43
CA LEU A 29 -4.85 11.13 0.92
C LEU A 29 -4.99 10.36 -0.40
N LEU A 30 -5.84 9.35 -0.38
CA LEU A 30 -6.07 8.54 -1.56
C LEU A 30 -7.54 8.62 -1.95
N SER A 31 -7.81 8.30 -3.21
CA SER A 31 -9.17 8.34 -3.72
C SER A 31 -9.53 6.98 -4.32
N THR A 32 -10.80 6.86 -4.69
CA THR A 32 -11.29 5.62 -5.28
C THR A 32 -11.08 5.63 -6.80
N THR A 33 -9.82 5.71 -7.19
CA THR A 33 -9.47 5.73 -8.60
C THR A 33 -7.96 5.82 -8.78
N ASP A 34 -7.33 6.56 -7.88
CA ASP A 34 -5.89 6.73 -7.92
C ASP A 34 -5.23 5.41 -8.31
N THR A 35 -4.02 5.51 -8.85
CA THR A 35 -3.29 4.33 -9.26
C THR A 35 -2.15 4.04 -8.28
N ALA A 36 -1.81 2.77 -8.19
CA ALA A 36 -0.75 2.35 -7.29
C ALA A 36 0.52 3.16 -7.58
N ASP A 37 0.73 3.43 -8.86
CA ASP A 37 1.89 4.20 -9.27
C ASP A 37 1.87 5.56 -8.58
N PHE A 38 0.75 6.26 -8.75
CA PHE A 38 0.59 7.58 -8.15
C PHE A 38 0.83 7.51 -6.64
N ALA A 39 0.18 6.55 -6.01
CA ALA A 39 0.32 6.38 -4.57
C ALA A 39 1.79 6.15 -4.22
N VAL A 40 2.40 5.25 -4.97
CA VAL A 40 3.81 4.93 -4.75
C VAL A 40 4.61 6.22 -4.64
N ALA A 41 4.53 7.03 -5.69
CA ALA A 41 5.24 8.29 -5.71
C ALA A 41 4.95 9.07 -4.42
N GLU A 42 3.66 9.24 -4.16
CA GLU A 42 3.23 9.96 -2.98
C GLU A 42 3.96 9.43 -1.74
N SER A 43 3.64 8.18 -1.41
CA SER A 43 4.25 7.54 -0.25
C SER A 43 5.74 7.90 -0.18
N LEU A 44 6.43 7.67 -1.28
CA LEU A 44 7.85 7.96 -1.36
C LEU A 44 8.10 9.38 -0.84
N GLU A 45 7.60 10.34 -1.60
CA GLU A 45 7.75 11.74 -1.24
C GLU A 45 7.33 11.97 0.21
N LYS A 46 6.13 11.48 0.52
CA LYS A 46 5.60 11.62 1.87
C LYS A 46 6.62 11.11 2.88
N TYR A 47 7.17 9.94 2.57
CA TYR A 47 8.16 9.33 3.44
C TYR A 47 9.49 10.09 3.39
N GLY A 48 9.70 10.76 2.26
CA GLY A 48 10.91 11.55 2.07
C GLY A 48 11.81 10.90 1.02
N LEU A 49 11.18 10.20 0.08
CA LEU A 49 11.91 9.54 -0.98
C LEU A 49 11.58 10.21 -2.32
N GLU A 50 11.90 11.50 -2.38
CA GLU A 50 11.65 12.27 -3.59
C GLU A 50 12.84 12.16 -4.54
N LYS A 51 13.33 10.94 -4.69
CA LYS A 51 14.47 10.69 -5.56
C LYS A 51 14.37 9.26 -6.12
N GLU A 52 14.10 8.33 -5.21
CA GLU A 52 13.99 6.93 -5.59
C GLU A 52 13.06 6.78 -6.80
N ASN A 53 13.10 5.61 -7.40
CA ASN A 53 12.28 5.32 -8.56
C ASN A 53 10.97 4.67 -8.11
N PRO A 54 9.85 5.38 -8.37
CA PRO A 54 8.54 4.87 -8.00
C PRO A 54 8.09 3.76 -8.94
N LYS A 55 8.56 3.85 -10.19
CA LYS A 55 8.22 2.86 -11.20
C LYS A 55 8.81 1.51 -10.79
N ASP A 56 9.74 1.56 -9.85
CA ASP A 56 10.39 0.36 -9.36
C ASP A 56 9.58 -0.24 -8.22
N TYR A 57 9.07 0.63 -7.38
CA TYR A 57 8.26 0.20 -6.24
C TYR A 57 6.78 0.17 -6.60
N CYS A 58 6.07 -0.77 -5.98
CA CYS A 58 4.65 -0.93 -6.23
C CYS A 58 3.93 -0.95 -4.89
N ILE A 59 2.65 -1.26 -4.95
CA ILE A 59 1.83 -1.32 -3.74
C ILE A 59 1.38 -2.77 -3.51
N ALA A 60 2.03 -3.41 -2.54
CA ALA A 60 1.70 -4.78 -2.22
C ALA A 60 0.73 -4.81 -1.03
N ARG A 61 -0.44 -5.38 -1.28
CA ARG A 61 -1.46 -5.48 -0.25
C ARG A 61 -1.30 -6.79 0.53
N VAL A 62 -1.36 -6.67 1.85
CA VAL A 62 -1.24 -7.82 2.72
C VAL A 62 -2.61 -8.16 3.32
N MET A 63 -3.07 -9.37 3.00
CA MET A 63 -4.36 -9.82 3.49
C MET A 63 -4.18 -10.88 4.58
N LEU A 64 -4.70 -10.57 5.75
CA LEU A 64 -4.61 -11.49 6.88
C LEU A 64 -5.56 -12.67 6.65
N PRO A 65 -5.23 -13.81 7.31
CA PRO A 65 -6.04 -15.01 7.19
C PRO A 65 -7.34 -14.88 7.99
N PRO A 66 -8.27 -15.83 7.74
CA PRO A 66 -9.54 -15.84 8.44
C PRO A 66 -9.39 -16.32 9.89
N GLY A 67 -9.57 -15.38 10.80
CA GLY A 67 -9.46 -15.68 12.22
C GLY A 67 -8.50 -14.72 12.91
N ALA A 68 -7.33 -14.56 12.31
CA ALA A 68 -6.33 -13.66 12.86
C ALA A 68 -6.86 -12.23 12.87
N GLN A 69 -7.08 -11.72 14.07
CA GLN A 69 -7.59 -10.37 14.23
C GLN A 69 -6.45 -9.36 14.20
N HIS A 70 -5.53 -9.52 15.13
CA HIS A 70 -4.38 -8.63 15.23
C HIS A 70 -3.44 -9.12 16.33
N SER A 71 -2.83 -10.27 16.08
CA SER A 71 -1.91 -10.85 17.03
C SER A 71 -0.58 -11.19 16.34
N ASP A 72 0.23 -10.15 16.14
CA ASP A 72 1.52 -10.33 15.51
C ASP A 72 1.31 -10.86 14.08
N GLU A 73 1.44 -9.96 13.12
CA GLU A 73 1.27 -10.32 11.73
C GLU A 73 2.39 -11.25 11.27
N ARG A 74 2.19 -12.53 11.52
CA ARG A 74 3.19 -13.53 11.15
C ARG A 74 2.70 -14.33 9.94
N GLY A 75 1.50 -14.86 10.06
CA GLY A 75 0.92 -15.65 8.98
C GLY A 75 0.08 -14.76 8.05
N ALA A 76 0.74 -13.74 7.53
CA ALA A 76 0.08 -12.81 6.62
C ALA A 76 0.75 -12.88 5.25
N LYS A 77 -0.08 -13.02 4.24
CA LYS A 77 0.41 -13.10 2.87
C LYS A 77 -0.03 -11.86 2.09
N GLU A 78 0.87 -11.38 1.25
CA GLU A 78 0.58 -10.20 0.44
C GLU A 78 0.75 -10.52 -1.05
N ILE A 79 -0.01 -9.80 -1.86
CA ILE A 79 0.05 -10.00 -3.30
C ILE A 79 0.13 -8.63 -3.99
N ILE A 80 1.17 -8.49 -4.81
CA ILE A 80 1.37 -7.25 -5.54
C ILE A 80 0.14 -6.96 -6.41
N LEU A 81 0.01 -5.70 -6.78
CA LEU A 81 -1.12 -5.29 -7.61
C LEU A 81 -0.57 -4.72 -8.93
N ASP A 82 -1.50 -4.25 -9.76
CA ASP A 82 -1.14 -3.69 -11.05
C ASP A 82 -0.52 -2.31 -10.84
N ASP A 83 -0.19 -1.67 -11.96
CA ASP A 83 0.41 -0.35 -11.91
C ASP A 83 -0.67 0.71 -12.12
N ASP A 84 -1.91 0.30 -11.88
CA ASP A 84 -3.05 1.19 -12.04
C ASP A 84 -4.24 0.63 -11.29
N GLU A 85 -3.97 0.02 -10.14
CA GLU A 85 -5.00 -0.56 -9.33
C GLU A 85 -5.60 0.49 -8.38
N CYS A 86 -6.53 0.04 -7.56
CA CYS A 86 -7.18 0.94 -6.60
C CYS A 86 -7.13 0.29 -5.23
N PRO A 87 -6.14 0.77 -4.41
CA PRO A 87 -5.97 0.25 -3.06
C PRO A 87 -7.06 0.77 -2.13
N LEU A 88 -7.55 1.96 -2.45
CA LEU A 88 -8.58 2.59 -1.65
C LEU A 88 -9.91 1.85 -1.87
N GLN A 89 -10.38 1.92 -3.11
CA GLN A 89 -11.63 1.27 -3.47
C GLN A 89 -11.60 -0.20 -3.05
N ILE A 90 -10.49 -0.85 -3.36
CA ILE A 90 -10.33 -2.26 -3.02
C ILE A 90 -10.60 -2.45 -1.53
N PHE A 91 -10.00 -1.58 -0.73
CA PHE A 91 -10.16 -1.64 0.72
C PHE A 91 -11.60 -1.29 1.11
N ARG A 92 -12.10 -0.22 0.54
CA ARG A 92 -13.45 0.22 0.82
C ARG A 92 -14.43 -0.96 0.77
N GLU A 93 -14.26 -1.78 -0.26
CA GLU A 93 -15.11 -2.95 -0.44
C GLU A 93 -14.31 -4.22 -0.16
N TRP A 94 -13.62 -4.21 0.98
CA TRP A 94 -12.82 -5.35 1.37
C TRP A 94 -13.57 -6.08 2.50
N PRO A 95 -13.67 -7.43 2.35
CA PRO A 95 -14.35 -8.24 3.34
C PRO A 95 -13.49 -8.41 4.58
N SER A 96 -14.11 -8.20 5.74
CA SER A 96 -13.41 -8.34 7.01
C SER A 96 -13.12 -9.81 7.29
N ASP A 97 -14.09 -10.64 6.97
CA ASP A 97 -13.96 -12.07 7.18
C ASP A 97 -12.68 -12.57 6.49
N LYS A 98 -12.41 -11.99 5.33
CA LYS A 98 -11.23 -12.36 4.55
C LYS A 98 -9.98 -12.10 5.40
N GLY A 99 -10.08 -11.10 6.26
CA GLY A 99 -8.97 -10.75 7.13
C GLY A 99 -8.58 -9.28 6.93
N ILE A 100 -7.75 -8.79 7.85
CA ILE A 100 -7.29 -7.42 7.79
C ILE A 100 -6.55 -7.19 6.47
N LEU A 101 -6.62 -5.95 6.00
CA LEU A 101 -5.97 -5.59 4.75
C LEU A 101 -5.00 -4.43 5.01
N VAL A 102 -3.85 -4.51 4.37
CA VAL A 102 -2.84 -3.48 4.52
C VAL A 102 -2.05 -3.34 3.22
N PHE A 103 -1.60 -2.12 2.96
CA PHE A 103 -0.83 -1.85 1.75
C PHE A 103 0.57 -1.37 2.09
N GLN A 104 1.54 -2.21 1.80
CA GLN A 104 2.93 -1.90 2.08
C GLN A 104 3.62 -1.41 0.79
N LEU A 105 4.48 -0.42 0.96
CA LEU A 105 5.21 0.14 -0.17
C LEU A 105 6.57 -0.55 -0.28
N LYS A 106 6.67 -1.46 -1.24
CA LYS A 106 7.90 -2.19 -1.46
C LYS A 106 8.10 -2.42 -2.95
N ARG A 107 9.21 -3.07 -3.28
CA ARG A 107 9.52 -3.36 -4.67
C ARG A 107 8.48 -4.32 -5.25
N ARG A 108 8.62 -4.58 -6.54
CA ARG A 108 7.71 -5.48 -7.23
C ARG A 108 8.48 -6.43 -8.14
N PRO A 109 7.92 -7.66 -8.29
CA PRO A 109 8.56 -8.68 -9.12
C PRO A 109 8.36 -8.38 -10.61
N PRO A 110 9.43 -8.63 -11.39
CA PRO A 110 9.39 -8.39 -12.82
C PRO A 110 8.56 -9.46 -13.54
N SER A 111 7.69 -9.00 -14.42
CA SER A 111 6.83 -9.90 -15.17
C SER A 111 7.61 -10.50 -16.35
N GLY A 112 7.97 -11.76 -16.19
CA GLY A 112 8.72 -12.46 -17.23
C GLY A 112 9.61 -13.54 -16.63
N PRO A 113 10.83 -13.13 -16.22
CA PRO A 113 11.78 -14.05 -15.62
C PRO A 113 11.38 -14.41 -14.19
N SER A 114 11.46 -15.69 -13.89
CA SER A 114 11.10 -16.17 -12.55
C SER A 114 11.68 -17.57 -12.33
N SER A 115 12.29 -17.74 -11.17
CA SER A 115 12.90 -19.02 -10.81
C SER A 115 11.91 -20.15 -11.08
N GLY A 116 12.45 -21.26 -11.57
CA GLY A 116 11.63 -22.43 -11.87
C GLY A 116 10.84 -22.21 -13.17
N GLY A 1 6.43 22.94 0.32
CA GLY A 1 5.00 23.03 0.57
C GLY A 1 4.26 23.58 -0.65
N SER A 2 3.35 22.77 -1.17
CA SER A 2 2.57 23.16 -2.33
C SER A 2 1.56 22.06 -2.68
N SER A 3 0.33 22.27 -2.21
CA SER A 3 -0.73 21.30 -2.46
C SER A 3 -1.72 21.88 -3.46
N GLY A 4 -2.56 21.00 -3.99
CA GLY A 4 -3.57 21.40 -4.96
C GLY A 4 -4.95 21.53 -4.32
N SER A 5 -5.56 20.38 -4.09
CA SER A 5 -6.88 20.35 -3.48
C SER A 5 -6.86 19.43 -2.25
N SER A 6 -7.88 19.59 -1.43
CA SER A 6 -8.01 18.78 -0.22
C SER A 6 -9.46 18.79 0.27
N GLY A 7 -9.97 17.59 0.50
CA GLY A 7 -11.34 17.43 0.97
C GLY A 7 -11.78 15.98 0.91
N SER A 8 -13.00 15.77 0.44
CA SER A 8 -13.56 14.44 0.32
C SER A 8 -12.67 13.58 -0.56
N GLY A 9 -12.74 12.27 -0.35
CA GLY A 9 -11.94 11.34 -1.12
C GLY A 9 -11.74 10.03 -0.35
N GLY A 10 -10.58 9.94 0.29
CA GLY A 10 -10.24 8.76 1.07
C GLY A 10 -8.80 8.82 1.56
N THR A 11 -8.51 7.97 2.53
CA THR A 11 -7.17 7.92 3.10
C THR A 11 -6.61 6.50 3.02
N LEU A 12 -5.31 6.43 2.72
CA LEU A 12 -4.64 5.14 2.61
C LEU A 12 -3.39 5.14 3.48
N ARG A 13 -3.27 4.13 4.31
CA ARG A 13 -2.13 4.00 5.20
C ARG A 13 -1.08 3.07 4.58
N ILE A 14 0.04 3.67 4.21
CA ILE A 14 1.12 2.92 3.60
C ILE A 14 2.19 2.65 4.66
N TYR A 15 1.99 1.59 5.42
CA TYR A 15 2.93 1.21 6.46
C TYR A 15 4.34 1.05 5.89
N ALA A 16 4.42 0.30 4.80
CA ALA A 16 5.70 0.06 4.15
C ALA A 16 6.77 -0.18 5.22
N ASP A 17 6.61 -1.27 5.94
CA ASP A 17 7.54 -1.62 6.99
C ASP A 17 8.72 -2.39 6.38
N SER A 18 9.53 -1.66 5.63
CA SER A 18 10.69 -2.27 4.98
C SER A 18 11.50 -1.18 4.28
N LEU A 19 10.85 -0.51 3.34
CA LEU A 19 11.51 0.54 2.58
C LEU A 19 11.98 1.63 3.54
N LYS A 20 11.28 1.74 4.66
CA LYS A 20 11.62 2.74 5.66
C LYS A 20 11.09 2.29 7.03
N PRO A 21 11.98 1.62 7.80
CA PRO A 21 11.61 1.13 9.12
C PRO A 21 11.53 2.28 10.13
N ASN A 22 12.45 3.22 9.98
CA ASN A 22 12.49 4.37 10.86
C ASN A 22 11.07 4.87 11.13
N ILE A 23 10.40 5.28 10.05
CA ILE A 23 9.04 5.77 10.15
C ILE A 23 8.11 4.61 10.46
N PRO A 24 7.08 4.89 11.31
CA PRO A 24 6.12 3.87 11.69
C PRO A 24 5.13 3.60 10.56
N TYR A 25 4.48 4.67 10.12
CA TYR A 25 3.51 4.57 9.04
C TYR A 25 3.29 5.92 8.37
N LYS A 26 2.70 5.87 7.18
CA LYS A 26 2.43 7.08 6.42
C LYS A 26 0.95 7.10 6.03
N THR A 27 0.39 8.30 6.06
CA THR A 27 -1.01 8.48 5.71
C THR A 27 -1.16 9.59 4.67
N ILE A 28 -1.54 9.19 3.47
CA ILE A 28 -1.73 10.14 2.37
C ILE A 28 -3.20 10.12 1.94
N LEU A 29 -3.63 11.26 1.43
CA LEU A 29 -5.01 11.40 0.97
C LEU A 29 -5.15 10.75 -0.41
N LEU A 30 -5.79 9.59 -0.43
CA LEU A 30 -5.98 8.86 -1.67
C LEU A 30 -7.42 9.07 -2.15
N SER A 31 -7.63 8.78 -3.43
CA SER A 31 -8.95 8.94 -4.02
C SER A 31 -9.39 7.62 -4.64
N THR A 32 -10.72 7.47 -4.76
CA THR A 32 -11.28 6.26 -5.33
C THR A 32 -11.20 6.32 -6.86
N THR A 33 -9.99 6.54 -7.35
CA THR A 33 -9.77 6.62 -8.79
C THR A 33 -8.29 6.43 -9.11
N ASP A 34 -7.45 7.09 -8.31
CA ASP A 34 -6.01 7.02 -8.49
C ASP A 34 -5.59 5.55 -8.47
N THR A 35 -4.29 5.34 -8.64
CA THR A 35 -3.74 4.00 -8.64
C THR A 35 -2.60 3.88 -7.63
N ALA A 36 -1.91 2.75 -7.68
CA ALA A 36 -0.80 2.51 -6.78
C ALA A 36 0.40 3.36 -7.21
N ASP A 37 0.45 3.65 -8.51
CA ASP A 37 1.54 4.45 -9.04
C ASP A 37 1.53 5.83 -8.38
N PHE A 38 0.33 6.38 -8.26
CA PHE A 38 0.16 7.69 -7.64
C PHE A 38 0.52 7.64 -6.15
N ALA A 39 -0.11 6.71 -5.46
CA ALA A 39 0.12 6.55 -4.03
C ALA A 39 1.61 6.26 -3.79
N VAL A 40 2.17 5.44 -4.66
CA VAL A 40 3.58 5.09 -4.55
C VAL A 40 4.42 6.37 -4.46
N ALA A 41 4.42 7.12 -5.55
CA ALA A 41 5.16 8.37 -5.60
C ALA A 41 4.88 9.17 -4.33
N GLU A 42 3.60 9.36 -4.06
CA GLU A 42 3.20 10.11 -2.88
C GLU A 42 3.96 9.63 -1.65
N SER A 43 3.70 8.38 -1.29
CA SER A 43 4.35 7.78 -0.14
C SER A 43 5.85 8.14 -0.14
N LEU A 44 6.50 7.79 -1.24
CA LEU A 44 7.92 8.06 -1.38
C LEU A 44 8.23 9.45 -0.82
N GLU A 45 7.61 10.45 -1.43
CA GLU A 45 7.82 11.82 -1.00
C GLU A 45 7.67 11.94 0.52
N LYS A 46 6.56 11.42 1.02
CA LYS A 46 6.29 11.45 2.44
C LYS A 46 7.55 11.02 3.20
N TYR A 47 7.92 9.77 3.00
CA TYR A 47 9.10 9.23 3.65
C TYR A 47 10.33 10.09 3.37
N GLY A 48 10.27 10.79 2.25
CA GLY A 48 11.37 11.65 1.85
C GLY A 48 12.12 11.06 0.65
N LEU A 49 11.35 10.59 -0.32
CA LEU A 49 11.93 10.00 -1.52
C LEU A 49 11.37 10.71 -2.75
N GLU A 50 11.65 12.01 -2.82
CA GLU A 50 11.20 12.81 -3.94
C GLU A 50 12.24 12.82 -5.06
N LYS A 51 12.77 11.64 -5.33
CA LYS A 51 13.78 11.49 -6.36
C LYS A 51 13.78 10.05 -6.87
N GLU A 52 13.74 9.13 -5.92
CA GLU A 52 13.72 7.71 -6.27
C GLU A 52 12.74 7.44 -7.41
N ASN A 53 12.81 6.22 -7.92
CA ASN A 53 11.93 5.83 -9.01
C ASN A 53 10.74 5.04 -8.44
N PRO A 54 9.52 5.61 -8.66
CA PRO A 54 8.31 4.97 -8.18
C PRO A 54 7.94 3.76 -9.05
N LYS A 55 8.55 3.72 -10.23
CA LYS A 55 8.29 2.63 -11.15
C LYS A 55 8.97 1.36 -10.64
N ASP A 56 9.73 1.53 -9.57
CA ASP A 56 10.44 0.40 -8.98
C ASP A 56 9.64 -0.13 -7.79
N TYR A 57 8.97 0.79 -7.10
CA TYR A 57 8.17 0.43 -5.96
C TYR A 57 6.70 0.21 -6.34
N CYS A 58 6.13 -0.86 -5.82
CA CYS A 58 4.75 -1.18 -6.10
C CYS A 58 3.97 -1.18 -4.78
N ILE A 59 2.69 -1.53 -4.89
CA ILE A 59 1.84 -1.57 -3.72
C ILE A 59 1.34 -3.01 -3.51
N ALA A 60 1.99 -3.69 -2.58
CA ALA A 60 1.64 -5.07 -2.28
C ALA A 60 0.65 -5.08 -1.11
N ARG A 61 -0.50 -5.70 -1.35
CA ARG A 61 -1.53 -5.80 -0.33
C ARG A 61 -1.33 -7.06 0.52
N VAL A 62 -1.37 -6.86 1.83
CA VAL A 62 -1.19 -7.96 2.76
C VAL A 62 -2.55 -8.34 3.36
N MET A 63 -2.97 -9.56 3.06
CA MET A 63 -4.24 -10.05 3.56
C MET A 63 -4.03 -11.11 4.64
N LEU A 64 -4.48 -10.78 5.84
CA LEU A 64 -4.34 -11.69 6.97
C LEU A 64 -5.36 -12.84 6.82
N PRO A 65 -5.01 -13.99 7.45
CA PRO A 65 -5.87 -15.16 7.38
C PRO A 65 -7.09 -14.99 8.29
N PRO A 66 -8.11 -15.86 8.07
CA PRO A 66 -9.33 -15.82 8.86
C PRO A 66 -9.10 -16.39 10.25
N GLY A 67 -8.71 -15.52 11.16
CA GLY A 67 -8.45 -15.92 12.53
C GLY A 67 -7.08 -16.57 12.67
N ALA A 68 -6.06 -15.79 12.32
CA ALA A 68 -4.70 -16.28 12.40
C ALA A 68 -4.46 -16.92 13.76
N GLN A 69 -3.30 -17.53 13.90
CA GLN A 69 -2.94 -18.20 15.15
C GLN A 69 -3.36 -17.34 16.35
N HIS A 70 -2.72 -16.18 16.45
CA HIS A 70 -3.02 -15.26 17.54
C HIS A 70 -3.34 -13.88 16.97
N SER A 71 -3.76 -12.99 17.86
CA SER A 71 -4.11 -11.64 17.46
C SER A 71 -2.85 -10.88 17.04
N ASP A 72 -2.31 -11.28 15.89
CA ASP A 72 -1.12 -10.65 15.36
C ASP A 72 -0.85 -11.16 13.95
N GLU A 73 0.04 -10.47 13.26
CA GLU A 73 0.39 -10.84 11.90
C GLU A 73 1.58 -11.82 11.91
N ARG A 74 1.26 -13.09 11.69
CA ARG A 74 2.29 -14.11 11.66
C ARG A 74 2.63 -14.49 10.23
N GLY A 75 3.59 -13.77 9.67
CA GLY A 75 4.02 -14.03 8.30
C GLY A 75 3.05 -13.40 7.30
N ALA A 76 1.78 -13.75 7.43
CA ALA A 76 0.76 -13.22 6.55
C ALA A 76 1.15 -13.50 5.10
N LYS A 77 0.20 -13.27 4.21
CA LYS A 77 0.42 -13.48 2.79
C LYS A 77 -0.05 -12.26 2.00
N GLU A 78 0.88 -11.63 1.32
CA GLU A 78 0.58 -10.46 0.52
C GLU A 78 0.65 -10.78 -0.96
N ILE A 79 -0.15 -10.06 -1.74
CA ILE A 79 -0.18 -10.27 -3.18
C ILE A 79 -0.03 -8.93 -3.88
N ILE A 80 0.98 -8.85 -4.73
CA ILE A 80 1.24 -7.63 -5.48
C ILE A 80 -0.01 -7.22 -6.25
N LEU A 81 -0.10 -5.93 -6.54
CA LEU A 81 -1.23 -5.40 -7.27
C LEU A 81 -0.81 -5.07 -8.70
N ASP A 82 -1.81 -4.86 -9.54
CA ASP A 82 -1.55 -4.54 -10.94
C ASP A 82 -0.88 -3.16 -11.02
N ASP A 83 -0.94 -2.45 -9.91
CA ASP A 83 -0.34 -1.12 -9.84
C ASP A 83 -1.37 -0.08 -10.29
N ASP A 84 -2.13 -0.45 -11.31
CA ASP A 84 -3.15 0.44 -11.84
C ASP A 84 -4.47 0.18 -11.11
N GLU A 85 -4.39 -0.62 -10.06
CA GLU A 85 -5.56 -0.96 -9.27
C GLU A 85 -5.85 0.15 -8.25
N CYS A 86 -6.99 0.02 -7.59
CA CYS A 86 -7.39 1.00 -6.60
C CYS A 86 -7.21 0.37 -5.21
N PRO A 87 -6.23 0.95 -4.45
CA PRO A 87 -5.95 0.45 -3.11
C PRO A 87 -7.03 0.89 -2.13
N LEU A 88 -7.79 1.90 -2.54
CA LEU A 88 -8.86 2.43 -1.70
C LEU A 88 -10.13 1.61 -1.93
N GLN A 89 -10.65 1.70 -3.15
CA GLN A 89 -11.85 0.97 -3.51
C GLN A 89 -11.74 -0.49 -3.07
N ILE A 90 -10.55 -1.05 -3.28
CA ILE A 90 -10.30 -2.42 -2.92
C ILE A 90 -10.54 -2.61 -1.42
N PHE A 91 -9.93 -1.72 -0.64
CA PHE A 91 -10.06 -1.77 0.80
C PHE A 91 -11.51 -1.56 1.23
N ARG A 92 -12.14 -0.56 0.61
CA ARG A 92 -13.52 -0.25 0.92
C ARG A 92 -14.39 -1.51 0.81
N GLU A 93 -14.30 -2.16 -0.34
CA GLU A 93 -15.06 -3.37 -0.58
C GLU A 93 -14.21 -4.60 -0.29
N TRP A 94 -13.72 -4.69 0.94
CA TRP A 94 -12.89 -5.80 1.36
C TRP A 94 -13.64 -6.56 2.45
N PRO A 95 -13.70 -7.91 2.29
CA PRO A 95 -14.38 -8.76 3.25
C PRO A 95 -13.54 -8.92 4.52
N SER A 96 -14.12 -8.49 5.63
CA SER A 96 -13.44 -8.59 6.91
C SER A 96 -13.17 -10.05 7.26
N ASP A 97 -14.07 -10.91 6.79
CA ASP A 97 -13.94 -12.33 7.05
C ASP A 97 -12.63 -12.84 6.44
N LYS A 98 -12.30 -12.29 5.28
CA LYS A 98 -11.07 -12.67 4.59
C LYS A 98 -9.87 -12.38 5.50
N GLY A 99 -10.02 -11.35 6.30
CA GLY A 99 -8.97 -10.95 7.22
C GLY A 99 -8.63 -9.47 7.07
N ILE A 100 -7.64 -9.03 7.84
CA ILE A 100 -7.22 -7.64 7.80
C ILE A 100 -6.56 -7.36 6.45
N LEU A 101 -6.64 -6.10 6.05
CA LEU A 101 -6.04 -5.68 4.79
C LEU A 101 -5.05 -4.55 5.04
N VAL A 102 -3.90 -4.66 4.37
CA VAL A 102 -2.86 -3.66 4.52
C VAL A 102 -2.10 -3.52 3.20
N PHE A 103 -1.60 -2.31 2.97
CA PHE A 103 -0.86 -2.04 1.75
C PHE A 103 0.55 -1.53 2.07
N GLN A 104 1.54 -2.29 1.62
CA GLN A 104 2.93 -1.93 1.85
C GLN A 104 3.56 -1.43 0.55
N LEU A 105 4.61 -0.64 0.71
CA LEU A 105 5.32 -0.09 -0.43
C LEU A 105 6.75 -0.61 -0.43
N LYS A 106 7.14 -1.18 -1.56
CA LYS A 106 8.48 -1.73 -1.72
C LYS A 106 8.73 -2.06 -3.19
N ARG A 107 9.96 -2.44 -3.48
CA ARG A 107 10.34 -2.79 -4.84
C ARG A 107 9.63 -4.07 -5.27
N ARG A 108 9.23 -4.09 -6.53
CA ARG A 108 8.54 -5.24 -7.09
C ARG A 108 9.34 -6.52 -6.81
N PRO A 109 8.65 -7.50 -6.16
CA PRO A 109 9.29 -8.76 -5.84
C PRO A 109 9.44 -9.65 -7.09
N PRO A 110 10.69 -10.14 -7.29
CA PRO A 110 10.97 -10.99 -8.43
C PRO A 110 10.41 -12.40 -8.23
N SER A 111 9.85 -12.94 -9.31
CA SER A 111 9.27 -14.27 -9.26
C SER A 111 10.37 -15.32 -9.25
N GLY A 112 10.90 -15.56 -8.05
CA GLY A 112 11.96 -16.53 -7.88
C GLY A 112 12.61 -16.41 -6.50
N PRO A 113 13.61 -17.29 -6.24
CA PRO A 113 14.31 -17.29 -4.97
C PRO A 113 15.28 -16.12 -4.89
N SER A 114 14.73 -14.94 -4.62
CA SER A 114 15.54 -13.74 -4.51
C SER A 114 16.36 -13.54 -5.79
N SER A 115 16.94 -12.35 -5.91
CA SER A 115 17.74 -12.03 -7.07
C SER A 115 18.64 -10.83 -6.75
N GLY A 116 19.75 -11.12 -6.09
CA GLY A 116 20.70 -10.09 -5.74
C GLY A 116 21.57 -9.69 -6.93
N GLY A 1 7.51 20.27 -9.66
CA GLY A 1 6.16 19.74 -9.82
C GLY A 1 5.13 20.67 -9.16
N SER A 2 3.93 20.15 -9.01
CA SER A 2 2.86 20.91 -8.40
C SER A 2 2.63 20.43 -6.96
N SER A 3 1.92 21.26 -6.20
CA SER A 3 1.64 20.94 -4.81
C SER A 3 0.24 21.43 -4.44
N GLY A 4 -0.58 20.49 -3.99
CA GLY A 4 -1.94 20.81 -3.59
C GLY A 4 -2.50 19.75 -2.65
N SER A 5 -3.78 19.92 -2.31
CA SER A 5 -4.45 18.98 -1.43
C SER A 5 -5.97 19.07 -1.62
N SER A 6 -6.56 17.92 -1.89
CA SER A 6 -8.00 17.86 -2.09
C SER A 6 -8.57 16.59 -1.45
N GLY A 7 -9.74 16.75 -0.85
CA GLY A 7 -10.40 15.62 -0.20
C GLY A 7 -11.62 15.17 -1.00
N SER A 8 -11.67 13.86 -1.23
CA SER A 8 -12.78 13.28 -1.97
C SER A 8 -12.95 11.80 -1.60
N GLY A 9 -11.95 11.02 -1.96
CA GLY A 9 -11.98 9.59 -1.66
C GLY A 9 -11.87 9.34 -0.16
N GLY A 10 -10.64 9.36 0.32
CA GLY A 10 -10.38 9.14 1.73
C GLY A 10 -8.87 9.10 2.03
N THR A 11 -8.49 8.19 2.89
CA THR A 11 -7.10 8.04 3.26
C THR A 11 -6.64 6.59 3.13
N LEU A 12 -5.34 6.39 3.19
CA LEU A 12 -4.77 5.06 3.07
C LEU A 12 -3.52 4.96 3.95
N ARG A 13 -3.50 3.95 4.80
CA ARG A 13 -2.37 3.75 5.68
C ARG A 13 -1.30 2.89 5.00
N ILE A 14 -0.22 3.57 4.61
CA ILE A 14 0.87 2.89 3.94
C ILE A 14 2.03 2.69 4.93
N TYR A 15 1.94 1.60 5.68
CA TYR A 15 2.96 1.28 6.67
C TYR A 15 4.34 1.18 6.01
N ALA A 16 4.38 0.44 4.92
CA ALA A 16 5.63 0.26 4.19
C ALA A 16 6.77 0.08 5.18
N ASP A 17 6.56 -0.83 6.13
CA ASP A 17 7.57 -1.11 7.14
C ASP A 17 8.71 -1.91 6.51
N SER A 18 9.51 -1.22 5.72
CA SER A 18 10.64 -1.87 5.06
C SER A 18 11.42 -0.83 4.25
N LEU A 19 10.68 0.02 3.56
CA LEU A 19 11.29 1.06 2.74
C LEU A 19 11.71 2.23 3.64
N LYS A 20 10.89 2.50 4.64
CA LYS A 20 11.15 3.57 5.58
C LYS A 20 11.08 3.04 7.01
N PRO A 21 12.26 2.59 7.51
CA PRO A 21 12.34 2.04 8.86
C PRO A 21 12.29 3.17 9.90
N ASN A 22 12.15 2.76 11.15
CA ASN A 22 12.10 3.72 12.25
C ASN A 22 10.69 4.31 12.32
N ILE A 23 10.27 4.91 11.21
CA ILE A 23 8.95 5.51 11.13
C ILE A 23 7.89 4.46 11.42
N PRO A 24 6.82 4.88 12.13
CA PRO A 24 5.73 3.99 12.48
C PRO A 24 4.85 3.71 11.26
N TYR A 25 4.02 4.69 10.95
CA TYR A 25 3.11 4.58 9.82
C TYR A 25 2.91 5.93 9.13
N LYS A 26 2.53 5.86 7.86
CA LYS A 26 2.31 7.06 7.08
C LYS A 26 0.92 7.00 6.43
N THR A 27 0.27 8.15 6.41
CA THR A 27 -1.06 8.24 5.83
C THR A 27 -1.13 9.39 4.82
N ILE A 28 -1.27 9.02 3.56
CA ILE A 28 -1.34 10.01 2.50
C ILE A 28 -2.79 10.10 2.00
N LEU A 29 -3.12 11.25 1.42
CA LEU A 29 -4.45 11.48 0.90
C LEU A 29 -4.62 10.70 -0.41
N LEU A 30 -5.35 9.60 -0.31
CA LEU A 30 -5.59 8.77 -1.47
C LEU A 30 -7.05 8.93 -1.91
N SER A 31 -7.30 8.58 -3.17
CA SER A 31 -8.65 8.69 -3.73
C SER A 31 -9.09 7.34 -4.27
N THR A 32 -10.32 7.31 -4.77
CA THR A 32 -10.88 6.09 -5.32
C THR A 32 -10.54 5.97 -6.80
N THR A 33 -10.05 7.08 -7.36
CA THR A 33 -9.68 7.11 -8.77
C THR A 33 -8.17 6.88 -8.92
N ASP A 34 -7.42 7.42 -7.97
CA ASP A 34 -5.97 7.28 -8.01
C ASP A 34 -5.61 5.79 -7.99
N THR A 35 -4.43 5.50 -8.53
CA THR A 35 -3.95 4.13 -8.59
C THR A 35 -2.80 3.93 -7.60
N ALA A 36 -2.08 2.84 -7.80
CA ALA A 36 -0.96 2.52 -6.93
C ALA A 36 0.23 3.42 -7.29
N ASP A 37 0.49 3.52 -8.58
CA ASP A 37 1.59 4.34 -9.06
C ASP A 37 1.57 5.69 -8.32
N PHE A 38 0.45 6.37 -8.44
CA PHE A 38 0.29 7.66 -7.78
C PHE A 38 0.58 7.56 -6.28
N ALA A 39 -0.12 6.63 -5.64
CA ALA A 39 0.06 6.43 -4.22
C ALA A 39 1.54 6.17 -3.91
N VAL A 40 2.15 5.38 -4.78
CA VAL A 40 3.56 5.05 -4.62
C VAL A 40 4.38 6.34 -4.63
N ALA A 41 4.38 7.01 -5.77
CA ALA A 41 5.12 8.25 -5.91
C ALA A 41 4.87 9.13 -4.69
N GLU A 42 3.62 9.18 -4.28
CA GLU A 42 3.23 9.97 -3.13
C GLU A 42 3.96 9.49 -1.88
N SER A 43 3.70 8.23 -1.53
CA SER A 43 4.32 7.63 -0.36
C SER A 43 5.80 8.00 -0.31
N LEU A 44 6.50 7.64 -1.38
CA LEU A 44 7.92 7.93 -1.47
C LEU A 44 8.20 9.33 -0.92
N GLU A 45 7.70 10.32 -1.64
CA GLU A 45 7.88 11.70 -1.24
C GLU A 45 7.40 11.91 0.19
N LYS A 46 6.15 11.53 0.43
CA LYS A 46 5.56 11.67 1.75
C LYS A 46 6.54 11.12 2.79
N TYR A 47 7.27 10.09 2.39
CA TYR A 47 8.24 9.47 3.28
C TYR A 47 9.57 10.22 3.25
N GLY A 48 9.87 10.77 2.08
CA GLY A 48 11.11 11.52 1.92
C GLY A 48 11.91 10.99 0.71
N LEU A 49 11.42 9.90 0.16
CA LEU A 49 12.07 9.29 -1.00
C LEU A 49 11.71 10.09 -2.25
N GLU A 50 12.02 11.37 -2.22
CA GLU A 50 11.74 12.25 -3.34
C GLU A 50 12.90 12.22 -4.34
N LYS A 51 13.39 11.01 -4.60
CA LYS A 51 14.49 10.84 -5.53
C LYS A 51 14.43 9.42 -6.13
N GLU A 52 14.21 8.46 -5.25
CA GLU A 52 14.12 7.08 -5.67
C GLU A 52 13.17 6.94 -6.86
N ASN A 53 13.04 5.71 -7.35
CA ASN A 53 12.16 5.44 -8.48
C ASN A 53 10.92 4.69 -7.97
N PRO A 54 9.74 5.28 -8.27
CA PRO A 54 8.47 4.69 -7.87
C PRO A 54 8.14 3.48 -8.74
N LYS A 55 8.63 3.52 -9.96
CA LYS A 55 8.38 2.43 -10.91
C LYS A 55 9.00 1.14 -10.36
N ASP A 56 9.85 1.30 -9.36
CA ASP A 56 10.50 0.16 -8.74
C ASP A 56 9.66 -0.34 -7.58
N TYR A 57 9.03 0.60 -6.89
CA TYR A 57 8.19 0.27 -5.75
C TYR A 57 6.72 0.17 -6.17
N CYS A 58 6.05 -0.83 -5.62
CA CYS A 58 4.65 -1.04 -5.92
C CYS A 58 3.88 -1.16 -4.60
N ILE A 59 2.57 -1.27 -4.72
CA ILE A 59 1.72 -1.39 -3.55
C ILE A 59 1.28 -2.85 -3.39
N ALA A 60 1.92 -3.52 -2.43
CA ALA A 60 1.60 -4.91 -2.17
C ALA A 60 0.62 -5.00 -1.00
N ARG A 61 -0.54 -5.57 -1.28
CA ARG A 61 -1.57 -5.72 -0.28
C ARG A 61 -1.39 -7.05 0.48
N VAL A 62 -1.23 -6.92 1.79
CA VAL A 62 -1.05 -8.09 2.64
C VAL A 62 -2.33 -8.35 3.43
N MET A 63 -2.95 -9.47 3.14
CA MET A 63 -4.19 -9.84 3.81
C MET A 63 -3.92 -10.88 4.91
N LEU A 64 -4.27 -10.52 6.13
CA LEU A 64 -4.07 -11.41 7.26
C LEU A 64 -5.12 -12.52 7.21
N PRO A 65 -4.73 -13.71 7.76
CA PRO A 65 -5.63 -14.84 7.78
C PRO A 65 -6.70 -14.68 8.85
N PRO A 66 -7.76 -15.53 8.75
CA PRO A 66 -8.87 -15.47 9.69
C PRO A 66 -8.46 -16.09 11.03
N GLY A 67 -7.47 -16.96 10.97
CA GLY A 67 -6.99 -17.63 12.17
C GLY A 67 -6.23 -16.66 13.07
N ALA A 68 -5.34 -15.91 12.45
CA ALA A 68 -4.55 -14.93 13.20
C ALA A 68 -5.49 -13.96 13.90
N GLN A 69 -6.40 -13.39 13.12
CA GLN A 69 -7.36 -12.44 13.66
C GLN A 69 -6.63 -11.26 14.31
N HIS A 70 -5.63 -10.77 13.61
CA HIS A 70 -4.85 -9.65 14.11
C HIS A 70 -3.76 -10.16 15.06
N SER A 71 -2.53 -10.09 14.59
CA SER A 71 -1.39 -10.54 15.39
C SER A 71 -0.09 -10.02 14.78
N ASP A 72 0.20 -10.48 13.58
CA ASP A 72 1.41 -10.07 12.90
C ASP A 72 1.77 -11.09 11.83
N GLU A 73 1.32 -10.83 10.61
CA GLU A 73 1.59 -11.71 9.50
C GLU A 73 1.19 -13.15 9.86
N ARG A 74 2.15 -13.88 10.39
CA ARG A 74 1.92 -15.26 10.78
C ARG A 74 1.06 -15.98 9.73
N GLY A 75 1.67 -16.18 8.56
CA GLY A 75 0.98 -16.84 7.47
C GLY A 75 0.46 -15.83 6.45
N ALA A 76 0.14 -14.64 6.95
CA ALA A 76 -0.37 -13.58 6.10
C ALA A 76 0.41 -13.58 4.78
N LYS A 77 -0.34 -13.46 3.69
CA LYS A 77 0.26 -13.45 2.37
C LYS A 77 -0.25 -12.23 1.60
N GLU A 78 0.66 -11.59 0.88
CA GLU A 78 0.30 -10.43 0.10
C GLU A 78 0.32 -10.76 -1.40
N ILE A 79 -0.38 -9.94 -2.17
CA ILE A 79 -0.46 -10.14 -3.60
C ILE A 79 -0.21 -8.81 -4.32
N ILE A 80 0.98 -8.68 -4.88
CA ILE A 80 1.35 -7.47 -5.59
C ILE A 80 0.23 -7.09 -6.55
N LEU A 81 0.06 -5.78 -6.71
CA LEU A 81 -0.97 -5.27 -7.60
C LEU A 81 -0.32 -4.70 -8.86
N ASP A 82 -1.16 -4.44 -9.86
CA ASP A 82 -0.69 -3.90 -11.12
C ASP A 82 -0.11 -2.50 -10.88
N ASP A 83 -0.03 -1.75 -11.96
CA ASP A 83 0.49 -0.39 -11.90
C ASP A 83 -0.64 0.61 -12.14
N ASP A 84 -1.85 0.13 -11.95
CA ASP A 84 -3.03 0.96 -12.14
C ASP A 84 -4.16 0.46 -11.24
N GLU A 85 -3.77 -0.21 -10.17
CA GLU A 85 -4.73 -0.73 -9.22
C GLU A 85 -5.12 0.34 -8.20
N CYS A 86 -6.26 0.12 -7.56
CA CYS A 86 -6.76 1.06 -6.58
C CYS A 86 -6.72 0.38 -5.21
N PRO A 87 -5.81 0.89 -4.34
CA PRO A 87 -5.67 0.34 -3.00
C PRO A 87 -6.82 0.77 -2.10
N LEU A 88 -7.39 1.92 -2.43
CA LEU A 88 -8.51 2.45 -1.66
C LEU A 88 -9.79 1.69 -2.03
N GLN A 89 -10.12 1.75 -3.31
CA GLN A 89 -11.31 1.07 -3.80
C GLN A 89 -11.31 -0.40 -3.35
N ILE A 90 -10.14 -1.00 -3.45
CA ILE A 90 -10.00 -2.40 -3.06
C ILE A 90 -10.44 -2.57 -1.61
N PHE A 91 -9.79 -1.81 -0.73
CA PHE A 91 -10.11 -1.87 0.68
C PHE A 91 -11.58 -1.57 0.93
N ARG A 92 -12.06 -0.51 0.28
CA ARG A 92 -13.46 -0.12 0.42
C ARG A 92 -14.36 -1.34 0.30
N GLU A 93 -14.05 -2.18 -0.68
CA GLU A 93 -14.84 -3.38 -0.90
C GLU A 93 -14.04 -4.62 -0.48
N TRP A 94 -13.49 -4.55 0.72
CA TRP A 94 -12.71 -5.66 1.25
C TRP A 94 -13.53 -6.33 2.35
N PRO A 95 -13.61 -7.68 2.25
CA PRO A 95 -14.36 -8.46 3.23
C PRO A 95 -13.59 -8.56 4.55
N SER A 96 -14.25 -8.16 5.62
CA SER A 96 -13.64 -8.20 6.93
C SER A 96 -13.48 -9.66 7.39
N ASP A 97 -14.38 -10.50 6.91
CA ASP A 97 -14.36 -11.90 7.25
C ASP A 97 -13.10 -12.55 6.65
N LYS A 98 -12.63 -11.96 5.57
CA LYS A 98 -11.45 -12.45 4.90
C LYS A 98 -10.23 -12.23 5.80
N GLY A 99 -10.23 -11.09 6.47
CA GLY A 99 -9.13 -10.74 7.36
C GLY A 99 -8.79 -9.26 7.24
N ILE A 100 -7.67 -8.89 7.87
CA ILE A 100 -7.22 -7.52 7.84
C ILE A 100 -6.53 -7.24 6.50
N LEU A 101 -6.53 -5.97 6.12
CA LEU A 101 -5.90 -5.55 4.88
C LEU A 101 -4.82 -4.51 5.18
N VAL A 102 -3.72 -4.62 4.45
CA VAL A 102 -2.61 -3.70 4.63
C VAL A 102 -1.91 -3.48 3.28
N PHE A 103 -1.56 -2.23 3.03
CA PHE A 103 -0.89 -1.88 1.79
C PHE A 103 0.53 -1.38 2.06
N GLN A 104 1.49 -2.25 1.81
CA GLN A 104 2.89 -1.91 2.02
C GLN A 104 3.53 -1.47 0.70
N LEU A 105 4.52 -0.59 0.82
CA LEU A 105 5.22 -0.09 -0.34
C LEU A 105 6.67 -0.59 -0.32
N LYS A 106 7.01 -1.38 -1.33
CA LYS A 106 8.35 -1.93 -1.44
C LYS A 106 8.57 -2.42 -2.87
N ARG A 107 9.84 -2.47 -3.24
CA ARG A 107 10.21 -2.92 -4.58
C ARG A 107 9.43 -4.19 -4.95
N ARG A 108 9.11 -4.29 -6.22
CA ARG A 108 8.36 -5.44 -6.72
C ARG A 108 9.19 -6.72 -6.54
N PRO A 109 8.54 -7.73 -5.90
CA PRO A 109 9.20 -9.00 -5.66
C PRO A 109 9.30 -9.82 -6.95
N PRO A 110 10.55 -10.28 -7.25
CA PRO A 110 10.78 -11.08 -8.45
C PRO A 110 10.26 -12.50 -8.27
N SER A 111 10.34 -12.99 -7.04
CA SER A 111 9.88 -14.33 -6.73
C SER A 111 10.18 -14.66 -5.27
N GLY A 112 9.51 -13.94 -4.39
CA GLY A 112 9.69 -14.14 -2.95
C GLY A 112 9.79 -12.80 -2.22
N PRO A 113 9.55 -12.87 -0.88
CA PRO A 113 9.60 -11.68 -0.04
C PRO A 113 11.04 -11.24 0.19
N SER A 114 11.22 -9.93 0.35
CA SER A 114 12.54 -9.38 0.59
C SER A 114 12.63 -8.84 2.01
N SER A 115 13.75 -9.13 2.65
CA SER A 115 13.98 -8.68 4.01
C SER A 115 14.37 -7.20 4.02
N GLY A 116 13.94 -6.51 5.07
CA GLY A 116 14.24 -5.09 5.21
C GLY A 116 14.92 -4.81 6.55
N GLY A 1 -10.40 10.97 -17.09
CA GLY A 1 -10.58 12.39 -16.84
C GLY A 1 -11.80 12.65 -15.97
N SER A 2 -11.61 13.52 -14.99
CA SER A 2 -12.68 13.86 -14.08
C SER A 2 -12.73 15.38 -13.87
N SER A 3 -13.94 15.90 -13.86
CA SER A 3 -14.14 17.34 -13.68
C SER A 3 -15.43 17.59 -12.89
N GLY A 4 -15.52 18.78 -12.33
CA GLY A 4 -16.69 19.16 -11.56
C GLY A 4 -16.95 18.16 -10.44
N SER A 5 -16.00 18.10 -9.51
CA SER A 5 -16.12 17.19 -8.39
C SER A 5 -14.99 17.44 -7.39
N SER A 6 -15.34 17.38 -6.11
CA SER A 6 -14.37 17.61 -5.05
C SER A 6 -13.37 16.46 -5.01
N GLY A 7 -13.90 15.24 -4.91
CA GLY A 7 -13.06 14.06 -4.87
C GLY A 7 -13.20 13.34 -3.52
N SER A 8 -14.03 12.31 -3.51
CA SER A 8 -14.25 11.53 -2.30
C SER A 8 -13.34 10.30 -2.30
N GLY A 9 -12.82 10.00 -1.12
CA GLY A 9 -11.94 8.85 -0.97
C GLY A 9 -11.60 8.62 0.51
N GLY A 10 -10.45 9.16 0.90
CA GLY A 10 -9.99 9.02 2.28
C GLY A 10 -8.47 8.98 2.35
N THR A 11 -7.97 8.08 3.18
CA THR A 11 -6.53 7.94 3.35
C THR A 11 -6.12 6.46 3.20
N LEU A 12 -4.82 6.26 3.08
CA LEU A 12 -4.29 4.91 2.94
C LEU A 12 -3.01 4.77 3.77
N ARG A 13 -3.01 3.74 4.60
CA ARG A 13 -1.85 3.49 5.46
C ARG A 13 -0.80 2.68 4.71
N ILE A 14 0.34 3.31 4.48
CA ILE A 14 1.43 2.66 3.78
C ILE A 14 2.58 2.40 4.75
N TYR A 15 2.48 1.27 5.44
CA TYR A 15 3.50 0.88 6.40
C TYR A 15 4.89 0.99 5.79
N ALA A 16 5.04 0.41 4.61
CA ALA A 16 6.32 0.43 3.92
C ALA A 16 7.37 -0.25 4.79
N ASP A 17 7.29 -1.57 4.85
CA ASP A 17 8.24 -2.35 5.64
C ASP A 17 9.61 -2.29 4.98
N SER A 18 9.64 -2.69 3.72
CA SER A 18 10.89 -2.69 2.96
C SER A 18 11.11 -1.32 2.32
N LEU A 19 11.37 -0.34 3.17
CA LEU A 19 11.60 1.02 2.70
C LEU A 19 11.82 1.94 3.91
N LYS A 20 10.90 1.85 4.86
CA LYS A 20 10.98 2.66 6.05
C LYS A 20 10.55 1.83 7.26
N PRO A 21 11.54 1.09 7.83
CA PRO A 21 11.27 0.25 8.98
C PRO A 21 11.13 1.09 10.26
N ASN A 22 12.15 1.90 10.51
CA ASN A 22 12.14 2.76 11.68
C ASN A 22 10.74 3.36 11.86
N ILE A 23 10.18 3.84 10.76
CA ILE A 23 8.86 4.43 10.78
C ILE A 23 7.81 3.33 10.99
N PRO A 24 6.79 3.66 11.83
CA PRO A 24 5.73 2.71 12.12
C PRO A 24 4.77 2.59 10.94
N TYR A 25 4.24 3.73 10.52
CA TYR A 25 3.31 3.77 9.42
C TYR A 25 3.08 5.20 8.93
N LYS A 26 2.52 5.32 7.74
CA LYS A 26 2.24 6.62 7.15
C LYS A 26 0.87 6.59 6.48
N THR A 27 0.19 7.72 6.53
CA THR A 27 -1.13 7.84 5.94
C THR A 27 -1.16 9.01 4.95
N ILE A 28 -1.33 8.67 3.68
CA ILE A 28 -1.38 9.67 2.63
C ILE A 28 -2.82 9.78 2.11
N LEU A 29 -3.11 10.93 1.51
CA LEU A 29 -4.43 11.17 0.97
C LEU A 29 -4.57 10.45 -0.37
N LEU A 30 -5.30 9.35 -0.34
CA LEU A 30 -5.52 8.56 -1.55
C LEU A 30 -6.97 8.72 -2.00
N SER A 31 -7.21 8.37 -3.25
CA SER A 31 -8.55 8.46 -3.82
C SER A 31 -8.99 7.09 -4.35
N THR A 32 -10.16 7.09 -4.97
CA THR A 32 -10.71 5.86 -5.52
C THR A 32 -10.51 5.82 -7.04
N THR A 33 -9.85 6.86 -7.54
CA THR A 33 -9.59 6.96 -8.96
C THR A 33 -8.09 6.86 -9.24
N ASP A 34 -7.31 7.19 -8.22
CA ASP A 34 -5.86 7.14 -8.33
C ASP A 34 -5.42 5.69 -8.61
N THR A 35 -4.12 5.53 -8.79
CA THR A 35 -3.57 4.22 -9.07
C THR A 35 -2.38 3.93 -8.15
N ALA A 36 -1.94 2.69 -8.15
CA ALA A 36 -0.82 2.27 -7.33
C ALA A 36 0.39 3.17 -7.63
N ASP A 37 0.54 3.49 -8.91
CA ASP A 37 1.64 4.35 -9.34
C ASP A 37 1.58 5.67 -8.59
N PHE A 38 0.41 6.30 -8.65
CA PHE A 38 0.21 7.57 -7.99
C PHE A 38 0.46 7.46 -6.48
N ALA A 39 -0.16 6.44 -5.88
CA ALA A 39 -0.01 6.21 -4.45
C ALA A 39 1.47 6.05 -4.12
N VAL A 40 2.14 5.26 -4.95
CA VAL A 40 3.56 5.01 -4.76
C VAL A 40 4.30 6.34 -4.61
N ALA A 41 4.35 7.07 -5.71
CA ALA A 41 5.01 8.37 -5.72
C ALA A 41 4.65 9.13 -4.45
N GLU A 42 3.36 9.26 -4.21
CA GLU A 42 2.87 9.96 -3.05
C GLU A 42 3.60 9.46 -1.79
N SER A 43 3.38 8.18 -1.48
CA SER A 43 4.01 7.58 -0.33
C SER A 43 5.47 8.00 -0.23
N LEU A 44 6.21 7.70 -1.29
CA LEU A 44 7.62 8.04 -1.34
C LEU A 44 7.81 9.47 -0.84
N GLU A 45 7.31 10.42 -1.61
CA GLU A 45 7.42 11.83 -1.24
C GLU A 45 6.96 12.03 0.19
N LYS A 46 5.72 11.62 0.46
CA LYS A 46 5.17 11.76 1.79
C LYS A 46 6.19 11.31 2.83
N TYR A 47 6.76 10.14 2.57
CA TYR A 47 7.76 9.58 3.47
C TYR A 47 9.04 10.40 3.43
N GLY A 48 9.26 11.05 2.30
CA GLY A 48 10.46 11.86 2.12
C GLY A 48 11.37 11.28 1.04
N LEU A 49 10.76 10.55 0.12
CA LEU A 49 11.50 9.94 -0.96
C LEU A 49 11.11 10.61 -2.29
N GLU A 50 11.41 11.90 -2.37
CA GLU A 50 11.10 12.67 -3.56
C GLU A 50 12.29 12.66 -4.51
N LYS A 51 12.87 11.48 -4.69
CA LYS A 51 14.02 11.33 -5.57
C LYS A 51 14.06 9.89 -6.11
N GLU A 52 13.88 8.95 -5.18
CA GLU A 52 13.89 7.54 -5.56
C GLU A 52 13.01 7.31 -6.78
N ASN A 53 13.02 6.07 -7.25
CA ASN A 53 12.23 5.69 -8.41
C ASN A 53 10.96 4.96 -7.94
N PRO A 54 9.80 5.59 -8.24
CA PRO A 54 8.52 5.01 -7.86
C PRO A 54 8.16 3.83 -8.77
N LYS A 55 8.94 3.69 -9.83
CA LYS A 55 8.72 2.62 -10.78
C LYS A 55 9.32 1.32 -10.24
N ASP A 56 10.10 1.47 -9.18
CA ASP A 56 10.75 0.33 -8.56
C ASP A 56 9.85 -0.22 -7.45
N TYR A 57 9.21 0.70 -6.75
CA TYR A 57 8.32 0.32 -5.66
C TYR A 57 6.88 0.15 -6.17
N CYS A 58 6.19 -0.81 -5.57
CA CYS A 58 4.81 -1.09 -5.94
C CYS A 58 3.98 -1.19 -4.66
N ILE A 59 2.67 -1.28 -4.85
CA ILE A 59 1.75 -1.38 -3.73
C ILE A 59 1.33 -2.84 -3.55
N ALA A 60 1.77 -3.41 -2.43
CA ALA A 60 1.46 -4.79 -2.13
C ALA A 60 0.42 -4.84 -1.00
N ARG A 61 -0.71 -5.47 -1.30
CA ARG A 61 -1.77 -5.58 -0.32
C ARG A 61 -1.60 -6.85 0.52
N VAL A 62 -1.62 -6.66 1.83
CA VAL A 62 -1.45 -7.77 2.75
C VAL A 62 -2.80 -8.07 3.43
N MET A 63 -3.27 -9.29 3.23
CA MET A 63 -4.53 -9.71 3.82
C MET A 63 -4.30 -10.65 5.00
N LEU A 64 -4.82 -10.24 6.15
CA LEU A 64 -4.68 -11.03 7.35
C LEU A 64 -5.63 -12.23 7.28
N PRO A 65 -5.23 -13.32 7.99
CA PRO A 65 -6.03 -14.54 8.02
C PRO A 65 -7.26 -14.36 8.91
N PRO A 66 -8.19 -15.36 8.81
CA PRO A 66 -9.41 -15.33 9.59
C PRO A 66 -9.13 -15.67 11.06
N GLY A 67 -8.15 -16.53 11.25
CA GLY A 67 -7.77 -16.95 12.59
C GLY A 67 -6.60 -16.14 13.12
N ALA A 68 -6.78 -14.83 13.12
CA ALA A 68 -5.75 -13.92 13.60
C ALA A 68 -6.26 -13.16 14.82
N GLN A 69 -7.33 -12.39 14.59
CA GLN A 69 -7.93 -11.61 15.66
C GLN A 69 -6.84 -10.87 16.44
N HIS A 70 -6.46 -9.71 15.92
CA HIS A 70 -5.44 -8.90 16.56
C HIS A 70 -4.16 -9.72 16.73
N SER A 71 -3.23 -9.50 15.81
CA SER A 71 -1.97 -10.21 15.84
C SER A 71 -0.96 -9.53 14.91
N ASP A 72 0.29 -9.52 15.36
CA ASP A 72 1.36 -8.91 14.57
C ASP A 72 1.55 -9.70 13.28
N GLU A 73 0.64 -9.48 12.35
CA GLU A 73 0.69 -10.16 11.06
C GLU A 73 1.04 -11.64 11.26
N ARG A 74 0.10 -12.35 11.86
CA ARG A 74 0.30 -13.77 12.10
C ARG A 74 0.13 -14.57 10.81
N GLY A 75 1.24 -14.74 10.11
CA GLY A 75 1.23 -15.48 8.86
C GLY A 75 0.38 -14.77 7.81
N ALA A 76 0.60 -13.47 7.68
CA ALA A 76 -0.14 -12.67 6.72
C ALA A 76 0.53 -12.78 5.35
N LYS A 77 -0.30 -12.95 4.33
CA LYS A 77 0.19 -13.07 2.97
C LYS A 77 -0.29 -11.87 2.16
N GLU A 78 0.62 -11.34 1.34
CA GLU A 78 0.30 -10.20 0.50
C GLU A 78 0.45 -10.57 -0.97
N ILE A 79 -0.27 -9.83 -1.80
CA ILE A 79 -0.23 -10.06 -3.24
C ILE A 79 0.04 -8.74 -3.96
N ILE A 80 1.18 -8.68 -4.62
CA ILE A 80 1.57 -7.47 -5.35
C ILE A 80 0.42 -7.07 -6.29
N LEU A 81 0.32 -5.77 -6.50
CA LEU A 81 -0.72 -5.24 -7.37
C LEU A 81 -0.10 -4.78 -8.68
N ASP A 82 -0.96 -4.52 -9.66
CA ASP A 82 -0.51 -4.08 -10.96
C ASP A 82 -0.02 -2.63 -10.86
N ASP A 83 0.20 -2.03 -12.02
CA ASP A 83 0.68 -0.66 -12.07
C ASP A 83 -0.48 0.27 -12.44
N ASP A 84 -1.68 -0.16 -12.03
CA ASP A 84 -2.87 0.62 -12.31
C ASP A 84 -4.01 0.16 -11.39
N GLU A 85 -3.61 -0.32 -10.21
CA GLU A 85 -4.57 -0.79 -9.24
C GLU A 85 -4.94 0.32 -8.26
N CYS A 86 -6.00 0.08 -7.51
CA CYS A 86 -6.46 1.06 -6.54
C CYS A 86 -6.51 0.38 -5.16
N PRO A 87 -5.56 0.82 -4.28
CA PRO A 87 -5.47 0.26 -2.94
C PRO A 87 -6.59 0.81 -2.06
N LEU A 88 -7.19 1.90 -2.52
CA LEU A 88 -8.28 2.53 -1.77
C LEU A 88 -9.59 1.81 -2.10
N GLN A 89 -9.92 1.81 -3.38
CA GLN A 89 -11.15 1.18 -3.83
C GLN A 89 -11.18 -0.29 -3.37
N ILE A 90 -10.04 -0.93 -3.48
CA ILE A 90 -9.92 -2.33 -3.08
C ILE A 90 -10.37 -2.47 -1.62
N PHE A 91 -9.85 -1.60 -0.78
CA PHE A 91 -10.18 -1.61 0.63
C PHE A 91 -11.65 -1.24 0.85
N ARG A 92 -12.06 -0.17 0.19
CA ARG A 92 -13.44 0.30 0.30
C ARG A 92 -14.41 -0.88 0.17
N GLU A 93 -14.03 -1.82 -0.68
CA GLU A 93 -14.85 -2.99 -0.91
C GLU A 93 -14.09 -4.26 -0.52
N TRP A 94 -13.62 -4.27 0.71
CA TRP A 94 -12.88 -5.41 1.22
C TRP A 94 -13.67 -6.01 2.39
N PRO A 95 -13.84 -7.36 2.34
CA PRO A 95 -14.57 -8.06 3.39
C PRO A 95 -13.73 -8.18 4.66
N SER A 96 -14.33 -7.75 5.76
CA SER A 96 -13.65 -7.79 7.05
C SER A 96 -13.44 -9.25 7.47
N ASP A 97 -14.45 -10.07 7.21
CA ASP A 97 -14.39 -11.47 7.56
C ASP A 97 -13.13 -12.09 6.94
N LYS A 98 -12.79 -11.60 5.76
CA LYS A 98 -11.62 -12.09 5.05
C LYS A 98 -10.37 -11.79 5.88
N GLY A 99 -10.47 -10.73 6.67
CA GLY A 99 -9.35 -10.32 7.51
C GLY A 99 -8.97 -8.86 7.26
N ILE A 100 -8.05 -8.38 8.07
CA ILE A 100 -7.60 -7.00 7.94
C ILE A 100 -6.87 -6.83 6.61
N LEU A 101 -6.89 -5.59 6.11
CA LEU A 101 -6.24 -5.28 4.85
C LEU A 101 -5.19 -4.19 5.08
N VAL A 102 -4.08 -4.33 4.38
CA VAL A 102 -3.00 -3.37 4.49
C VAL A 102 -2.27 -3.26 3.15
N PHE A 103 -1.61 -2.13 2.96
CA PHE A 103 -0.88 -1.88 1.73
C PHE A 103 0.54 -1.39 2.02
N GLN A 104 1.50 -2.27 1.78
CA GLN A 104 2.89 -1.93 2.01
C GLN A 104 3.56 -1.49 0.70
N LEU A 105 4.49 -0.55 0.83
CA LEU A 105 5.20 -0.03 -0.32
C LEU A 105 6.66 -0.51 -0.27
N LYS A 106 7.11 -1.06 -1.38
CA LYS A 106 8.47 -1.55 -1.47
C LYS A 106 8.75 -1.99 -2.92
N ARG A 107 10.01 -2.34 -3.16
CA ARG A 107 10.41 -2.77 -4.49
C ARG A 107 9.67 -4.06 -4.87
N ARG A 108 9.40 -4.18 -6.17
CA ARG A 108 8.70 -5.34 -6.68
C ARG A 108 9.55 -6.61 -6.47
N PRO A 109 8.99 -7.54 -5.64
CA PRO A 109 9.69 -8.78 -5.36
C PRO A 109 9.60 -9.74 -6.54
N PRO A 110 10.80 -10.22 -6.99
CA PRO A 110 10.87 -11.13 -8.11
C PRO A 110 10.44 -12.54 -7.70
N SER A 111 10.87 -12.93 -6.51
CA SER A 111 10.52 -14.24 -5.99
C SER A 111 10.93 -14.34 -4.51
N GLY A 112 10.14 -13.69 -3.67
CA GLY A 112 10.41 -13.68 -2.24
C GLY A 112 10.59 -12.26 -1.71
N PRO A 113 11.06 -12.18 -0.45
CA PRO A 113 11.29 -10.89 0.19
C PRO A 113 12.55 -10.21 -0.37
N SER A 114 12.45 -8.90 -0.52
CA SER A 114 13.57 -8.13 -1.03
C SER A 114 14.32 -7.46 0.12
N SER A 115 15.64 -7.45 -0.01
CA SER A 115 16.49 -6.85 1.02
C SER A 115 16.57 -5.33 0.81
N GLY A 116 17.05 -4.96 -0.38
CA GLY A 116 17.18 -3.55 -0.71
C GLY A 116 18.56 -3.27 -1.33
N GLY A 1 -11.84 21.70 -10.32
CA GLY A 1 -11.02 22.89 -10.50
C GLY A 1 -9.61 22.66 -9.96
N SER A 2 -9.13 23.65 -9.21
CA SER A 2 -7.80 23.57 -8.62
C SER A 2 -7.90 23.58 -7.09
N SER A 3 -8.51 24.64 -6.58
CA SER A 3 -8.68 24.78 -5.15
C SER A 3 -9.39 23.56 -4.57
N GLY A 4 -9.01 23.19 -3.36
CA GLY A 4 -9.60 22.04 -2.71
C GLY A 4 -10.87 22.43 -1.94
N SER A 5 -12.00 21.96 -2.45
CA SER A 5 -13.28 22.26 -1.84
C SER A 5 -13.87 20.99 -1.20
N SER A 6 -14.09 20.00 -2.05
CA SER A 6 -14.64 18.73 -1.59
C SER A 6 -14.65 17.73 -2.74
N GLY A 7 -14.23 16.51 -2.42
CA GLY A 7 -14.18 15.45 -3.41
C GLY A 7 -14.73 14.13 -2.83
N SER A 8 -14.43 13.05 -3.53
CA SER A 8 -14.89 11.74 -3.10
C SER A 8 -13.70 10.80 -2.94
N GLY A 9 -13.24 10.68 -1.70
CA GLY A 9 -12.11 9.82 -1.39
C GLY A 9 -11.90 9.70 0.11
N GLY A 10 -10.67 9.37 0.48
CA GLY A 10 -10.32 9.23 1.89
C GLY A 10 -8.80 9.20 2.08
N THR A 11 -8.37 8.27 2.92
CA THR A 11 -6.94 8.13 3.19
C THR A 11 -6.51 6.67 3.02
N LEU A 12 -5.20 6.48 3.00
CA LEU A 12 -4.65 5.15 2.84
C LEU A 12 -3.37 5.02 3.69
N ARG A 13 -3.40 4.06 4.59
CA ARG A 13 -2.27 3.82 5.47
C ARG A 13 -1.23 2.94 4.78
N ILE A 14 -0.06 3.52 4.53
CA ILE A 14 1.01 2.80 3.88
C ILE A 14 2.14 2.56 4.88
N TYR A 15 1.96 1.50 5.67
CA TYR A 15 2.95 1.15 6.67
C TYR A 15 4.34 0.99 6.05
N ALA A 16 4.37 0.24 4.96
CA ALA A 16 5.63 0.00 4.26
C ALA A 16 6.74 -0.24 5.28
N ASP A 17 6.50 -1.19 6.16
CA ASP A 17 7.47 -1.52 7.19
C ASP A 17 8.57 -2.40 6.59
N SER A 18 9.43 -1.76 5.81
CA SER A 18 10.53 -2.46 5.17
C SER A 18 11.40 -1.47 4.40
N LEU A 19 10.78 -0.78 3.46
CA LEU A 19 11.50 0.19 2.64
C LEU A 19 12.10 1.26 3.56
N LYS A 20 11.35 1.61 4.59
CA LYS A 20 11.80 2.61 5.54
C LYS A 20 11.66 2.06 6.97
N PRO A 21 12.72 1.32 7.41
CA PRO A 21 12.72 0.74 8.74
C PRO A 21 12.97 1.81 9.81
N ASN A 22 12.22 2.90 9.69
CA ASN A 22 12.35 4.00 10.65
C ASN A 22 10.96 4.52 11.01
N ILE A 23 10.19 4.82 9.97
CA ILE A 23 8.84 5.32 10.16
C ILE A 23 7.89 4.15 10.45
N PRO A 24 6.95 4.40 11.40
CA PRO A 24 5.98 3.38 11.76
C PRO A 24 4.91 3.22 10.68
N TYR A 25 4.38 4.35 10.25
CA TYR A 25 3.35 4.35 9.22
C TYR A 25 3.11 5.76 8.68
N LYS A 26 2.56 5.82 7.47
CA LYS A 26 2.28 7.09 6.84
C LYS A 26 0.94 7.00 6.10
N THR A 27 0.23 8.11 6.10
CA THR A 27 -1.06 8.18 5.43
C THR A 27 -1.10 9.34 4.44
N ILE A 28 -1.66 9.08 3.27
CA ILE A 28 -1.76 10.09 2.24
C ILE A 28 -3.22 10.15 1.74
N LEU A 29 -3.56 11.30 1.19
CA LEU A 29 -4.91 11.51 0.67
C LEU A 29 -5.08 10.70 -0.62
N LEU A 30 -5.85 9.63 -0.51
CA LEU A 30 -6.10 8.77 -1.65
C LEU A 30 -7.58 8.85 -2.03
N SER A 31 -7.86 8.48 -3.27
CA SER A 31 -9.23 8.51 -3.77
C SER A 31 -9.62 7.14 -4.29
N THR A 32 -10.84 7.06 -4.81
CA THR A 32 -11.34 5.81 -5.36
C THR A 32 -11.09 5.74 -6.87
N THR A 33 -10.15 6.57 -7.31
CA THR A 33 -9.80 6.62 -8.72
C THR A 33 -8.29 6.48 -8.89
N ASP A 34 -7.56 7.19 -8.04
CA ASP A 34 -6.10 7.15 -8.09
C ASP A 34 -5.64 5.70 -8.24
N THR A 35 -4.36 5.55 -8.53
CA THR A 35 -3.77 4.23 -8.69
C THR A 35 -2.67 4.00 -7.66
N ALA A 36 -2.04 2.84 -7.77
CA ALA A 36 -0.97 2.48 -6.85
C ALA A 36 0.28 3.29 -7.20
N ASP A 37 0.49 3.47 -8.49
CA ASP A 37 1.64 4.21 -8.97
C ASP A 37 1.63 5.61 -8.34
N PHE A 38 0.47 6.25 -8.41
CA PHE A 38 0.32 7.59 -7.85
C PHE A 38 0.69 7.60 -6.37
N ALA A 39 0.08 6.68 -5.63
CA ALA A 39 0.33 6.58 -4.20
C ALA A 39 1.83 6.32 -3.96
N VAL A 40 2.33 5.31 -4.67
CA VAL A 40 3.73 4.96 -4.55
C VAL A 40 4.57 6.23 -4.46
N ALA A 41 4.48 7.03 -5.50
CA ALA A 41 5.22 8.28 -5.55
C ALA A 41 5.00 9.07 -4.26
N GLU A 42 3.73 9.37 -4.00
CA GLU A 42 3.37 10.11 -2.81
C GLU A 42 4.06 9.51 -1.59
N SER A 43 3.73 8.25 -1.31
CA SER A 43 4.30 7.55 -0.18
C SER A 43 5.80 7.81 -0.12
N LEU A 44 6.46 7.61 -1.26
CA LEU A 44 7.89 7.81 -1.35
C LEU A 44 8.24 9.20 -0.82
N GLU A 45 7.78 10.21 -1.55
CA GLU A 45 8.03 11.59 -1.18
C GLU A 45 7.81 11.77 0.33
N LYS A 46 6.66 11.31 0.79
CA LYS A 46 6.31 11.41 2.20
C LYS A 46 7.53 11.04 3.04
N TYR A 47 7.90 9.76 2.96
CA TYR A 47 9.04 9.26 3.71
C TYR A 47 10.29 10.09 3.43
N GLY A 48 10.29 10.72 2.26
CA GLY A 48 11.42 11.55 1.86
C GLY A 48 12.20 10.89 0.72
N LEU A 49 11.48 10.11 -0.07
CA LEU A 49 12.08 9.42 -1.20
C LEU A 49 11.68 10.13 -2.50
N GLU A 50 11.97 11.42 -2.55
CA GLU A 50 11.64 12.21 -3.73
C GLU A 50 12.77 12.14 -4.76
N LYS A 51 13.23 10.92 -5.01
CA LYS A 51 14.29 10.70 -5.95
C LYS A 51 14.22 9.27 -6.50
N GLU A 52 14.02 8.34 -5.58
CA GLU A 52 13.92 6.93 -5.95
C GLU A 52 12.96 6.76 -7.12
N ASN A 53 12.95 5.56 -7.67
CA ASN A 53 12.09 5.25 -8.79
C ASN A 53 10.81 4.58 -8.28
N PRO A 54 9.66 5.28 -8.50
CA PRO A 54 8.37 4.77 -8.07
C PRO A 54 7.90 3.64 -8.97
N LYS A 55 8.34 3.70 -10.22
CA LYS A 55 7.96 2.69 -11.20
C LYS A 55 8.53 1.34 -10.77
N ASP A 56 9.58 1.40 -9.96
CA ASP A 56 10.21 0.19 -9.46
C ASP A 56 9.37 -0.40 -8.34
N TYR A 57 8.89 0.47 -7.47
CA TYR A 57 8.06 0.05 -6.34
C TYR A 57 6.58 0.02 -6.72
N CYS A 58 5.85 -0.85 -6.05
CA CYS A 58 4.43 -0.98 -6.31
C CYS A 58 3.70 -1.07 -4.96
N ILE A 59 2.39 -1.18 -5.04
CA ILE A 59 1.57 -1.28 -3.84
C ILE A 59 1.19 -2.73 -3.60
N ALA A 60 1.83 -3.32 -2.60
CA ALA A 60 1.58 -4.71 -2.26
C ALA A 60 0.60 -4.77 -1.09
N ARG A 61 -0.53 -5.42 -1.33
CA ARG A 61 -1.55 -5.55 -0.31
C ARG A 61 -1.32 -6.83 0.51
N VAL A 62 -1.36 -6.66 1.82
CA VAL A 62 -1.16 -7.79 2.72
C VAL A 62 -2.50 -8.22 3.30
N MET A 63 -2.87 -9.46 3.00
CA MET A 63 -4.12 -10.01 3.48
C MET A 63 -3.88 -11.14 4.49
N LEU A 64 -4.51 -11.00 5.64
CA LEU A 64 -4.37 -11.98 6.70
C LEU A 64 -5.13 -13.26 6.31
N PRO A 65 -4.60 -14.41 6.77
CA PRO A 65 -5.22 -15.69 6.48
C PRO A 65 -6.49 -15.90 7.31
N PRO A 66 -7.23 -16.99 6.97
CA PRO A 66 -8.46 -17.30 7.68
C PRO A 66 -8.16 -17.90 9.05
N GLY A 67 -7.06 -18.64 9.12
CA GLY A 67 -6.65 -19.26 10.36
C GLY A 67 -5.39 -18.60 10.93
N ALA A 68 -5.58 -17.38 11.42
CA ALA A 68 -4.48 -16.63 11.99
C ALA A 68 -4.72 -16.43 13.48
N GLN A 69 -5.81 -15.74 13.78
CA GLN A 69 -6.18 -15.46 15.16
C GLN A 69 -5.25 -14.40 15.75
N HIS A 70 -5.65 -13.89 16.91
CA HIS A 70 -4.86 -12.87 17.58
C HIS A 70 -4.85 -11.60 16.75
N SER A 71 -4.04 -10.64 17.19
CA SER A 71 -3.93 -9.37 16.48
C SER A 71 -2.47 -8.90 16.49
N ASP A 72 -1.73 -9.37 15.48
CA ASP A 72 -0.34 -9.01 15.35
C ASP A 72 0.22 -9.62 14.07
N GLU A 73 -0.60 -9.61 13.03
CA GLU A 73 -0.21 -10.15 11.75
C GLU A 73 0.48 -11.51 11.93
N ARG A 74 -0.32 -12.55 11.88
CA ARG A 74 0.20 -13.90 12.04
C ARG A 74 0.41 -14.56 10.67
N GLY A 75 1.68 -14.76 10.34
CA GLY A 75 2.02 -15.38 9.06
C GLY A 75 1.11 -14.88 7.95
N ALA A 76 1.11 -13.56 7.77
CA ALA A 76 0.29 -12.94 6.74
C ALA A 76 1.06 -12.96 5.41
N LYS A 77 0.28 -13.04 4.33
CA LYS A 77 0.87 -13.08 3.00
C LYS A 77 0.29 -11.93 2.17
N GLU A 78 1.17 -11.29 1.41
CA GLU A 78 0.76 -10.18 0.57
C GLU A 78 0.93 -10.54 -0.91
N ILE A 79 0.18 -9.84 -1.75
CA ILE A 79 0.23 -10.08 -3.18
C ILE A 79 0.29 -8.74 -3.92
N ILE A 80 1.33 -8.59 -4.72
CA ILE A 80 1.52 -7.36 -5.48
C ILE A 80 0.27 -7.11 -6.34
N LEU A 81 0.04 -5.84 -6.63
CA LEU A 81 -1.10 -5.45 -7.44
C LEU A 81 -0.64 -5.15 -8.86
N ASP A 82 -1.59 -5.16 -9.77
CA ASP A 82 -1.29 -4.89 -11.17
C ASP A 82 -0.45 -3.63 -11.28
N ASP A 83 -1.09 -2.50 -11.03
CA ASP A 83 -0.41 -1.22 -11.10
C ASP A 83 -1.44 -0.10 -11.27
N ASP A 84 -2.51 -0.43 -12.00
CA ASP A 84 -3.57 0.53 -12.25
C ASP A 84 -4.77 0.19 -11.37
N GLU A 85 -4.49 -0.50 -10.28
CA GLU A 85 -5.54 -0.89 -9.35
C GLU A 85 -5.80 0.23 -8.34
N CYS A 86 -6.79 -0.01 -7.49
CA CYS A 86 -7.14 0.97 -6.48
C CYS A 86 -7.11 0.28 -5.11
N PRO A 87 -6.21 0.81 -4.23
CA PRO A 87 -6.07 0.25 -2.90
C PRO A 87 -7.24 0.66 -2.00
N LEU A 88 -7.78 1.84 -2.29
CA LEU A 88 -8.89 2.35 -1.53
C LEU A 88 -10.15 1.53 -1.84
N GLN A 89 -10.57 1.61 -3.08
CA GLN A 89 -11.76 0.87 -3.51
C GLN A 89 -11.64 -0.60 -3.12
N ILE A 90 -10.44 -1.14 -3.33
CA ILE A 90 -10.20 -2.54 -2.99
C ILE A 90 -10.47 -2.76 -1.51
N PHE A 91 -10.01 -1.80 -0.71
CA PHE A 91 -10.21 -1.88 0.73
C PHE A 91 -11.68 -1.69 1.11
N ARG A 92 -12.31 -0.75 0.42
CA ARG A 92 -13.71 -0.46 0.67
C ARG A 92 -14.55 -1.71 0.51
N GLU A 93 -14.24 -2.47 -0.53
CA GLU A 93 -14.96 -3.70 -0.80
C GLU A 93 -14.08 -4.91 -0.49
N TRP A 94 -13.56 -4.92 0.73
CA TRP A 94 -12.70 -6.01 1.16
C TRP A 94 -13.42 -6.76 2.28
N PRO A 95 -13.45 -8.12 2.15
CA PRO A 95 -14.09 -8.95 3.14
C PRO A 95 -13.24 -9.06 4.41
N SER A 96 -13.87 -8.74 5.53
CA SER A 96 -13.17 -8.80 6.82
C SER A 96 -12.82 -10.25 7.15
N ASP A 97 -13.77 -11.14 6.87
CA ASP A 97 -13.57 -12.55 7.13
C ASP A 97 -12.25 -13.01 6.50
N LYS A 98 -11.98 -12.47 5.33
CA LYS A 98 -10.77 -12.81 4.61
C LYS A 98 -9.55 -12.46 5.47
N GLY A 99 -9.69 -11.37 6.22
CA GLY A 99 -8.62 -10.92 7.08
C GLY A 99 -8.35 -9.43 6.89
N ILE A 100 -7.47 -8.90 7.74
CA ILE A 100 -7.12 -7.49 7.67
C ILE A 100 -6.43 -7.21 6.33
N LEU A 101 -6.55 -5.97 5.88
CA LEU A 101 -5.94 -5.56 4.63
C LEU A 101 -4.99 -4.38 4.88
N VAL A 102 -3.83 -4.46 4.26
CA VAL A 102 -2.83 -3.42 4.41
C VAL A 102 -2.04 -3.28 3.12
N PHE A 103 -1.71 -2.05 2.78
CA PHE A 103 -0.95 -1.77 1.57
C PHE A 103 0.43 -1.22 1.91
N GLN A 104 1.45 -2.03 1.64
CA GLN A 104 2.82 -1.65 1.90
C GLN A 104 3.48 -1.12 0.63
N LEU A 105 4.61 -0.46 0.81
CA LEU A 105 5.35 0.09 -0.31
C LEU A 105 6.68 -0.65 -0.45
N LYS A 106 6.73 -1.52 -1.45
CA LYS A 106 7.93 -2.29 -1.71
C LYS A 106 7.99 -2.66 -3.19
N ARG A 107 9.14 -3.17 -3.60
CA ARG A 107 9.33 -3.57 -4.99
C ARG A 107 8.20 -4.49 -5.44
N ARG A 108 8.18 -4.76 -6.74
CA ARG A 108 7.16 -5.62 -7.30
C ARG A 108 7.81 -6.81 -8.01
N PRO A 109 8.26 -7.80 -7.18
CA PRO A 109 8.90 -8.98 -7.70
C PRO A 109 7.87 -9.94 -8.33
N PRO A 110 8.08 -10.23 -9.64
CA PRO A 110 7.18 -11.11 -10.36
C PRO A 110 7.41 -12.57 -9.95
N SER A 111 6.73 -12.97 -8.89
CA SER A 111 6.86 -14.33 -8.38
C SER A 111 8.28 -14.58 -7.89
N GLY A 112 8.50 -14.22 -6.64
CA GLY A 112 9.81 -14.41 -6.04
C GLY A 112 10.00 -13.46 -4.84
N PRO A 113 9.55 -13.95 -3.65
CA PRO A 113 9.66 -13.15 -2.43
C PRO A 113 11.09 -13.15 -1.92
N SER A 114 11.44 -12.07 -1.22
CA SER A 114 12.77 -11.92 -0.68
C SER A 114 12.69 -11.50 0.80
N SER A 115 12.02 -10.39 1.03
CA SER A 115 11.87 -9.87 2.38
C SER A 115 10.56 -10.38 2.98
N GLY A 116 10.67 -10.92 4.20
CA GLY A 116 9.52 -11.45 4.89
C GLY A 116 9.71 -11.39 6.40
N GLY A 1 1.56 22.97 -7.55
CA GLY A 1 0.54 23.64 -6.75
C GLY A 1 -0.38 22.62 -6.09
N SER A 2 -1.59 23.08 -5.75
CA SER A 2 -2.57 22.22 -5.12
C SER A 2 -3.84 22.17 -5.96
N SER A 3 -4.46 21.00 -5.97
CA SER A 3 -5.68 20.80 -6.74
C SER A 3 -6.75 20.15 -5.85
N GLY A 4 -6.43 18.96 -5.38
CA GLY A 4 -7.35 18.23 -4.52
C GLY A 4 -7.36 18.79 -3.10
N SER A 5 -7.48 17.89 -2.14
CA SER A 5 -7.50 18.29 -0.74
C SER A 5 -8.80 19.03 -0.42
N SER A 6 -9.19 18.98 0.84
CA SER A 6 -10.40 19.65 1.28
C SER A 6 -11.59 19.16 0.44
N GLY A 7 -12.35 18.24 1.03
CA GLY A 7 -13.51 17.69 0.36
C GLY A 7 -13.84 16.28 0.88
N SER A 8 -13.78 15.32 -0.04
CA SER A 8 -14.06 13.94 0.32
C SER A 8 -13.30 12.99 -0.61
N GLY A 9 -12.78 11.93 -0.01
CA GLY A 9 -12.02 10.95 -0.76
C GLY A 9 -11.73 9.70 0.08
N GLY A 10 -10.59 9.72 0.74
CA GLY A 10 -10.19 8.62 1.59
C GLY A 10 -8.70 8.69 1.91
N THR A 11 -8.29 7.84 2.85
CA THR A 11 -6.90 7.80 3.26
C THR A 11 -6.36 6.36 3.22
N LEU A 12 -5.11 6.24 2.82
CA LEU A 12 -4.47 4.94 2.73
C LEU A 12 -3.26 4.90 3.66
N ARG A 13 -3.21 3.86 4.48
CA ARG A 13 -2.13 3.69 5.42
C ARG A 13 -1.03 2.82 4.82
N ILE A 14 0.05 3.46 4.40
CA ILE A 14 1.17 2.75 3.80
C ILE A 14 2.22 2.47 4.88
N TYR A 15 1.97 1.42 5.65
CA TYR A 15 2.89 1.03 6.71
C TYR A 15 4.31 0.88 6.18
N ALA A 16 4.43 0.14 5.08
CA ALA A 16 5.73 -0.09 4.47
C ALA A 16 6.70 -0.60 5.53
N ASP A 17 6.89 -1.92 5.51
CA ASP A 17 7.80 -2.55 6.46
C ASP A 17 9.12 -2.87 5.76
N SER A 18 9.00 -3.49 4.59
CA SER A 18 10.18 -3.85 3.81
C SER A 18 10.62 -2.66 2.95
N LEU A 19 10.82 -1.53 3.61
CA LEU A 19 11.24 -0.33 2.91
C LEU A 19 11.52 0.77 3.94
N LYS A 20 10.64 0.88 4.91
CA LYS A 20 10.78 1.88 5.95
C LYS A 20 10.64 1.21 7.31
N PRO A 21 11.78 0.71 7.84
CA PRO A 21 11.80 0.05 9.13
C PRO A 21 11.68 1.07 10.27
N ASN A 22 12.46 2.13 10.16
CA ASN A 22 12.46 3.17 11.17
C ASN A 22 11.03 3.70 11.34
N ILE A 23 10.56 4.39 10.31
CA ILE A 23 9.22 4.95 10.33
C ILE A 23 8.21 3.82 10.54
N PRO A 24 7.16 4.14 11.37
CA PRO A 24 6.13 3.16 11.66
C PRO A 24 5.18 3.00 10.47
N TYR A 25 4.51 4.09 10.13
CA TYR A 25 3.57 4.06 9.01
C TYR A 25 3.38 5.47 8.44
N LYS A 26 2.86 5.51 7.22
CA LYS A 26 2.62 6.77 6.55
C LYS A 26 1.16 6.83 6.08
N THR A 27 0.62 8.04 6.08
CA THR A 27 -0.76 8.24 5.66
C THR A 27 -0.83 9.33 4.59
N ILE A 28 -1.26 8.91 3.41
CA ILE A 28 -1.38 9.84 2.28
C ILE A 28 -2.84 9.90 1.84
N LEU A 29 -3.19 11.01 1.20
CA LEU A 29 -4.53 11.22 0.72
C LEU A 29 -4.74 10.44 -0.59
N LEU A 30 -5.58 9.42 -0.50
CA LEU A 30 -5.86 8.58 -1.66
C LEU A 30 -7.33 8.73 -2.04
N SER A 31 -7.63 8.38 -3.29
CA SER A 31 -8.99 8.47 -3.79
C SER A 31 -9.44 7.10 -4.31
N THR A 32 -10.68 7.07 -4.76
CA THR A 32 -11.24 5.84 -5.30
C THR A 32 -11.02 5.77 -6.81
N THR A 33 -9.93 6.38 -7.25
CA THR A 33 -9.59 6.39 -8.66
C THR A 33 -8.09 6.25 -8.84
N ASP A 34 -7.35 7.02 -8.06
CA ASP A 34 -5.90 6.99 -8.13
C ASP A 34 -5.43 5.54 -8.25
N THR A 35 -4.17 5.39 -8.67
CA THR A 35 -3.60 4.06 -8.84
C THR A 35 -2.42 3.87 -7.87
N ALA A 36 -1.84 2.69 -7.94
CA ALA A 36 -0.71 2.37 -7.08
C ALA A 36 0.45 3.32 -7.38
N ASP A 37 0.66 3.54 -8.68
CA ASP A 37 1.73 4.42 -9.11
C ASP A 37 1.59 5.78 -8.41
N PHE A 38 0.37 6.30 -8.44
CA PHE A 38 0.09 7.58 -7.82
C PHE A 38 0.41 7.54 -6.33
N ALA A 39 -0.10 6.52 -5.66
CA ALA A 39 0.13 6.36 -4.23
C ALA A 39 1.63 6.24 -3.98
N VAL A 40 2.25 5.34 -4.72
CA VAL A 40 3.68 5.12 -4.58
C VAL A 40 4.41 6.46 -4.58
N ALA A 41 4.21 7.21 -5.66
CA ALA A 41 4.85 8.51 -5.80
C ALA A 41 4.62 9.30 -4.51
N GLU A 42 3.36 9.43 -4.13
CA GLU A 42 3.00 10.16 -2.93
C GLU A 42 3.80 9.64 -1.73
N SER A 43 3.55 8.37 -1.40
CA SER A 43 4.23 7.75 -0.29
C SER A 43 5.72 8.10 -0.30
N LEU A 44 6.35 7.77 -1.42
CA LEU A 44 7.77 8.06 -1.58
C LEU A 44 8.08 9.43 -0.99
N GLU A 45 7.56 10.46 -1.66
CA GLU A 45 7.78 11.82 -1.20
C GLU A 45 7.61 11.92 0.31
N LYS A 46 6.45 11.50 0.78
CA LYS A 46 6.15 11.53 2.20
C LYS A 46 7.38 11.04 2.98
N TYR A 47 7.68 9.76 2.82
CA TYR A 47 8.81 9.16 3.49
C TYR A 47 10.09 9.98 3.26
N GLY A 48 10.06 10.75 2.18
CA GLY A 48 11.20 11.59 1.84
C GLY A 48 11.91 11.07 0.58
N LEU A 49 11.18 10.27 -0.18
CA LEU A 49 11.72 9.71 -1.41
C LEU A 49 11.32 10.60 -2.58
N GLU A 50 11.70 11.86 -2.47
CA GLU A 50 11.40 12.84 -3.52
C GLU A 50 12.53 12.86 -4.55
N LYS A 51 12.95 11.67 -4.95
CA LYS A 51 14.02 11.55 -5.93
C LYS A 51 13.85 10.24 -6.71
N GLU A 52 13.60 9.18 -5.96
CA GLU A 52 13.42 7.86 -6.56
C GLU A 52 12.22 7.89 -7.52
N ASN A 53 12.08 6.80 -8.26
CA ASN A 53 10.98 6.68 -9.21
C ASN A 53 9.90 5.77 -8.62
N PRO A 54 8.62 6.21 -8.77
CA PRO A 54 7.51 5.44 -8.27
C PRO A 54 7.23 4.22 -9.16
N LYS A 55 8.03 4.10 -10.20
CA LYS A 55 7.89 2.99 -11.13
C LYS A 55 8.76 1.82 -10.67
N ASP A 56 9.60 2.11 -9.68
CA ASP A 56 10.49 1.10 -9.14
C ASP A 56 9.82 0.45 -7.92
N TYR A 57 8.72 1.03 -7.50
CA TYR A 57 7.98 0.52 -6.35
C TYR A 57 6.50 0.33 -6.70
N CYS A 58 5.87 -0.55 -5.94
CA CYS A 58 4.45 -0.84 -6.15
C CYS A 58 3.78 -0.97 -4.79
N ILE A 59 2.47 -1.10 -4.82
CA ILE A 59 1.69 -1.23 -3.59
C ILE A 59 1.31 -2.71 -3.40
N ALA A 60 1.90 -3.32 -2.38
CA ALA A 60 1.63 -4.71 -2.08
C ALA A 60 0.63 -4.79 -0.92
N ARG A 61 -0.51 -5.40 -1.20
CA ARG A 61 -1.55 -5.55 -0.20
C ARG A 61 -1.34 -6.85 0.59
N VAL A 62 -1.42 -6.72 1.91
CA VAL A 62 -1.25 -7.87 2.78
C VAL A 62 -2.61 -8.27 3.36
N MET A 63 -3.06 -9.47 2.98
CA MET A 63 -4.33 -9.98 3.46
C MET A 63 -4.12 -11.13 4.45
N LEU A 64 -4.92 -11.12 5.50
CA LEU A 64 -4.84 -12.14 6.52
C LEU A 64 -5.40 -13.45 5.96
N PRO A 65 -4.90 -14.57 6.53
CA PRO A 65 -5.34 -15.89 6.11
C PRO A 65 -6.74 -16.21 6.64
N PRO A 66 -7.37 -17.26 6.04
CA PRO A 66 -8.70 -17.66 6.44
C PRO A 66 -8.66 -18.41 7.78
N GLY A 67 -8.45 -17.65 8.85
CA GLY A 67 -8.39 -18.23 10.17
C GLY A 67 -7.36 -17.50 11.04
N ALA A 68 -7.48 -16.18 11.06
CA ALA A 68 -6.58 -15.35 11.85
C ALA A 68 -7.32 -14.11 12.34
N GLN A 69 -7.94 -13.42 11.40
CA GLN A 69 -8.70 -12.21 11.73
C GLN A 69 -7.78 -11.19 12.39
N HIS A 70 -8.33 -10.00 12.60
CA HIS A 70 -7.58 -8.93 13.22
C HIS A 70 -7.23 -9.32 14.66
N SER A 71 -5.92 -9.43 14.90
CA SER A 71 -5.44 -9.81 16.23
C SER A 71 -3.92 -9.78 16.24
N ASP A 72 -3.33 -10.58 15.37
CA ASP A 72 -1.88 -10.66 15.27
C ASP A 72 -1.49 -11.26 13.92
N GLU A 73 -1.00 -10.40 13.04
CA GLU A 73 -0.59 -10.83 11.72
C GLU A 73 0.38 -12.02 11.82
N ARG A 74 -0.18 -13.20 11.68
CA ARG A 74 0.62 -14.41 11.76
C ARG A 74 1.09 -14.84 10.36
N GLY A 75 2.31 -14.44 10.05
CA GLY A 75 2.89 -14.76 8.75
C GLY A 75 1.88 -14.52 7.62
N ALA A 76 1.34 -13.31 7.60
CA ALA A 76 0.36 -12.95 6.59
C ALA A 76 0.96 -13.18 5.20
N LYS A 77 0.11 -13.04 4.19
CA LYS A 77 0.54 -13.23 2.82
C LYS A 77 0.06 -12.05 1.97
N GLU A 78 1.01 -11.34 1.40
CA GLU A 78 0.69 -10.19 0.56
C GLU A 78 0.91 -10.54 -0.91
N ILE A 79 0.12 -9.90 -1.75
CA ILE A 79 0.22 -10.12 -3.19
C ILE A 79 0.25 -8.78 -3.91
N ILE A 80 1.34 -8.54 -4.62
CA ILE A 80 1.50 -7.30 -5.37
C ILE A 80 0.28 -7.08 -6.26
N LEU A 81 0.01 -5.82 -6.52
CA LEU A 81 -1.12 -5.45 -7.36
C LEU A 81 -0.64 -5.17 -8.79
N ASP A 82 -1.57 -5.21 -9.72
CA ASP A 82 -1.25 -4.95 -11.11
C ASP A 82 -0.42 -3.67 -11.21
N ASP A 83 -1.11 -2.54 -11.12
CA ASP A 83 -0.44 -1.26 -11.20
C ASP A 83 -1.50 -0.14 -11.27
N ASP A 84 -2.51 -0.39 -12.07
CA ASP A 84 -3.59 0.57 -12.24
C ASP A 84 -4.76 0.19 -11.33
N GLU A 85 -4.42 -0.49 -10.25
CA GLU A 85 -5.42 -0.91 -9.29
C GLU A 85 -5.75 0.22 -8.31
N CYS A 86 -6.72 -0.05 -7.45
CA CYS A 86 -7.14 0.94 -6.46
C CYS A 86 -7.07 0.30 -5.08
N PRO A 87 -6.07 0.75 -4.28
CA PRO A 87 -5.89 0.22 -2.94
C PRO A 87 -6.96 0.77 -1.98
N LEU A 88 -7.54 1.90 -2.37
CA LEU A 88 -8.56 2.53 -1.57
C LEU A 88 -9.92 1.90 -1.89
N GLN A 89 -10.22 1.84 -3.18
CA GLN A 89 -11.47 1.26 -3.63
C GLN A 89 -11.56 -0.21 -3.23
N ILE A 90 -10.43 -0.90 -3.38
CA ILE A 90 -10.35 -2.31 -3.04
C ILE A 90 -10.66 -2.48 -1.55
N PHE A 91 -10.03 -1.66 -0.74
CA PHE A 91 -10.22 -1.71 0.70
C PHE A 91 -11.71 -1.65 1.05
N ARG A 92 -12.38 -0.65 0.46
CA ARG A 92 -13.80 -0.47 0.70
C ARG A 92 -14.57 -1.71 0.28
N GLU A 93 -14.19 -2.25 -0.87
CA GLU A 93 -14.85 -3.44 -1.39
C GLU A 93 -14.04 -4.69 -1.04
N TRP A 94 -13.55 -4.72 0.19
CA TRP A 94 -12.75 -5.84 0.65
C TRP A 94 -13.55 -6.56 1.74
N PRO A 95 -13.62 -7.92 1.59
CA PRO A 95 -14.35 -8.73 2.54
C PRO A 95 -13.56 -8.88 3.85
N SER A 96 -14.24 -8.61 4.95
CA SER A 96 -13.62 -8.71 6.26
C SER A 96 -13.32 -10.18 6.58
N ASP A 97 -14.24 -11.04 6.17
CA ASP A 97 -14.10 -12.46 6.41
C ASP A 97 -12.75 -12.93 5.86
N LYS A 98 -12.38 -12.37 4.72
CA LYS A 98 -11.12 -12.73 4.08
C LYS A 98 -9.97 -12.40 5.03
N GLY A 99 -10.15 -11.32 5.78
CA GLY A 99 -9.13 -10.90 6.72
C GLY A 99 -8.83 -9.41 6.57
N ILE A 100 -7.98 -8.91 7.45
CA ILE A 100 -7.61 -7.50 7.43
C ILE A 100 -6.84 -7.21 6.14
N LEU A 101 -6.89 -5.95 5.72
CA LEU A 101 -6.21 -5.53 4.51
C LEU A 101 -5.23 -4.41 4.85
N VAL A 102 -4.04 -4.51 4.28
CA VAL A 102 -3.00 -3.52 4.51
C VAL A 102 -2.15 -3.38 3.25
N PHE A 103 -1.77 -2.14 2.96
CA PHE A 103 -0.95 -1.86 1.80
C PHE A 103 0.44 -1.36 2.21
N GLN A 104 1.45 -2.13 1.82
CA GLN A 104 2.83 -1.78 2.14
C GLN A 104 3.58 -1.40 0.86
N LEU A 105 4.29 -0.29 0.95
CA LEU A 105 5.06 0.20 -0.18
C LEU A 105 6.42 -0.51 -0.21
N LYS A 106 6.56 -1.41 -1.18
CA LYS A 106 7.79 -2.16 -1.33
C LYS A 106 8.16 -2.26 -2.81
N ARG A 107 9.35 -2.77 -3.07
CA ARG A 107 9.82 -2.91 -4.43
C ARG A 107 9.08 -4.05 -5.14
N ARG A 108 9.15 -4.03 -6.46
CA ARG A 108 8.48 -5.04 -7.26
C ARG A 108 9.36 -6.30 -7.36
N PRO A 109 8.85 -7.41 -6.79
CA PRO A 109 9.58 -8.66 -6.81
C PRO A 109 9.51 -9.32 -8.18
N PRO A 110 10.69 -9.39 -8.84
CA PRO A 110 10.78 -9.98 -10.17
C PRO A 110 10.68 -11.50 -10.10
N SER A 111 9.94 -12.07 -11.04
CA SER A 111 9.76 -13.52 -11.09
C SER A 111 10.67 -14.11 -12.16
N GLY A 112 11.88 -14.47 -11.74
CA GLY A 112 12.84 -15.05 -12.66
C GLY A 112 13.83 -15.95 -11.91
N PRO A 113 15.06 -16.04 -12.47
CA PRO A 113 16.11 -16.87 -11.86
C PRO A 113 16.68 -16.19 -10.62
N SER A 114 15.81 -15.96 -9.65
CA SER A 114 16.22 -15.33 -8.40
C SER A 114 17.02 -14.07 -8.70
N SER A 115 16.29 -12.98 -8.98
CA SER A 115 16.93 -11.71 -9.28
C SER A 115 17.41 -11.70 -10.74
N GLY A 116 16.76 -10.85 -11.52
CA GLY A 116 17.11 -10.73 -12.93
C GLY A 116 16.99 -9.28 -13.40
N GLY A 1 -3.94 24.59 -6.21
CA GLY A 1 -3.43 24.04 -4.96
C GLY A 1 -4.45 23.10 -4.32
N SER A 2 -4.44 23.09 -2.99
CA SER A 2 -5.34 22.24 -2.24
C SER A 2 -5.98 23.04 -1.10
N SER A 3 -7.13 23.63 -1.40
CA SER A 3 -7.85 24.42 -0.41
C SER A 3 -9.13 23.70 -0.01
N GLY A 4 -9.20 23.32 1.25
CA GLY A 4 -10.36 22.63 1.77
C GLY A 4 -10.20 21.11 1.66
N SER A 5 -11.25 20.41 2.06
CA SER A 5 -11.24 18.95 2.01
C SER A 5 -12.37 18.46 1.10
N SER A 6 -12.00 17.65 0.13
CA SER A 6 -12.96 17.09 -0.80
C SER A 6 -13.47 15.74 -0.30
N GLY A 7 -14.56 15.28 -0.89
CA GLY A 7 -15.14 14.00 -0.51
C GLY A 7 -14.81 12.92 -1.54
N SER A 8 -15.62 11.87 -1.52
CA SER A 8 -15.42 10.76 -2.44
C SER A 8 -14.20 9.95 -2.03
N GLY A 9 -13.06 10.61 -1.99
CA GLY A 9 -11.81 9.97 -1.62
C GLY A 9 -11.72 9.81 -0.09
N GLY A 10 -10.54 9.39 0.35
CA GLY A 10 -10.31 9.20 1.77
C GLY A 10 -8.81 9.13 2.08
N THR A 11 -8.44 8.15 2.88
CA THR A 11 -7.05 7.97 3.27
C THR A 11 -6.62 6.52 3.03
N LEU A 12 -5.31 6.31 3.10
CA LEU A 12 -4.75 4.98 2.90
C LEU A 12 -3.55 4.80 3.82
N ARG A 13 -3.61 3.75 4.62
CA ARG A 13 -2.53 3.45 5.54
C ARG A 13 -1.39 2.73 4.82
N ILE A 14 -0.27 3.42 4.72
CA ILE A 14 0.90 2.87 4.06
C ILE A 14 1.99 2.59 5.10
N TYR A 15 1.94 1.40 5.67
CA TYR A 15 2.91 1.01 6.68
C TYR A 15 4.31 0.89 6.06
N ALA A 16 4.37 0.21 4.92
CA ALA A 16 5.64 0.02 4.23
C ALA A 16 6.71 -0.37 5.24
N ASP A 17 6.47 -1.47 5.93
CA ASP A 17 7.40 -1.97 6.93
C ASP A 17 8.51 -2.75 6.24
N SER A 18 9.49 -2.00 5.73
CA SER A 18 10.61 -2.62 5.03
C SER A 18 11.41 -1.55 4.28
N LEU A 19 10.69 -0.80 3.45
CA LEU A 19 11.32 0.25 2.66
C LEU A 19 11.80 1.36 3.60
N LYS A 20 11.24 1.36 4.81
CA LYS A 20 11.60 2.35 5.80
C LYS A 20 11.18 1.85 7.19
N PRO A 21 12.14 1.17 7.87
CA PRO A 21 11.88 0.64 9.19
C PRO A 21 11.89 1.76 10.25
N ASN A 22 12.72 2.76 9.99
CA ASN A 22 12.84 3.88 10.89
C ASN A 22 11.45 4.46 11.17
N ILE A 23 10.69 4.64 10.09
CA ILE A 23 9.35 5.17 10.20
C ILE A 23 8.37 4.03 10.49
N PRO A 24 7.38 4.32 11.37
CA PRO A 24 6.38 3.33 11.73
C PRO A 24 5.36 3.15 10.61
N TYR A 25 4.50 4.14 10.46
CA TYR A 25 3.47 4.11 9.43
C TYR A 25 3.26 5.49 8.82
N LYS A 26 2.74 5.48 7.60
CA LYS A 26 2.49 6.73 6.89
C LYS A 26 1.03 6.74 6.39
N THR A 27 0.43 7.91 6.44
CA THR A 27 -0.95 8.06 6.00
C THR A 27 -1.06 9.24 5.02
N ILE A 28 -1.34 8.90 3.77
CA ILE A 28 -1.48 9.90 2.74
C ILE A 28 -2.93 9.96 2.27
N LEU A 29 -3.29 11.07 1.64
CA LEU A 29 -4.64 11.26 1.15
C LEU A 29 -4.78 10.57 -0.21
N LEU A 30 -5.63 9.55 -0.24
CA LEU A 30 -5.87 8.81 -1.46
C LEU A 30 -7.31 9.02 -1.92
N SER A 31 -7.54 8.77 -3.20
CA SER A 31 -8.87 8.93 -3.77
C SER A 31 -9.32 7.63 -4.43
N THR A 32 -10.63 7.44 -4.48
CA THR A 32 -11.20 6.25 -5.08
C THR A 32 -11.10 6.32 -6.61
N THR A 33 -9.87 6.50 -7.09
CA THR A 33 -9.64 6.60 -8.52
C THR A 33 -8.14 6.42 -8.82
N ASP A 34 -7.33 7.12 -8.04
CA ASP A 34 -5.88 7.06 -8.21
C ASP A 34 -5.43 5.59 -8.13
N THR A 35 -4.29 5.32 -8.75
CA THR A 35 -3.75 3.98 -8.75
C THR A 35 -2.52 3.91 -7.84
N ALA A 36 -1.93 2.72 -7.79
CA ALA A 36 -0.75 2.50 -6.97
C ALA A 36 0.35 3.46 -7.40
N ASP A 37 0.57 3.52 -8.70
CA ASP A 37 1.59 4.39 -9.25
C ASP A 37 1.58 5.72 -8.50
N PHE A 38 0.39 6.31 -8.43
CA PHE A 38 0.23 7.58 -7.75
C PHE A 38 0.63 7.47 -6.28
N ALA A 39 -0.04 6.57 -5.57
CA ALA A 39 0.24 6.36 -4.16
C ALA A 39 1.75 6.16 -3.97
N VAL A 40 2.30 5.32 -4.83
CA VAL A 40 3.73 5.02 -4.77
C VAL A 40 4.51 6.34 -4.72
N ALA A 41 4.49 7.05 -5.82
CA ALA A 41 5.19 8.32 -5.92
C ALA A 41 4.95 9.12 -4.63
N GLU A 42 3.69 9.21 -4.25
CA GLU A 42 3.32 9.93 -3.05
C GLU A 42 4.11 9.42 -1.85
N SER A 43 3.80 8.19 -1.46
CA SER A 43 4.47 7.57 -0.33
C SER A 43 5.94 7.96 -0.33
N LEU A 44 6.62 7.60 -1.42
CA LEU A 44 8.03 7.91 -1.54
C LEU A 44 8.31 9.31 -1.00
N GLU A 45 7.78 10.30 -1.71
CA GLU A 45 7.97 11.68 -1.32
C GLU A 45 7.54 11.88 0.14
N LYS A 46 6.32 11.46 0.42
CA LYS A 46 5.77 11.58 1.77
C LYS A 46 6.81 11.10 2.78
N TYR A 47 7.45 9.99 2.43
CA TYR A 47 8.47 9.41 3.29
C TYR A 47 9.78 10.18 3.19
N GLY A 48 9.96 10.85 2.05
CA GLY A 48 11.16 11.62 1.83
C GLY A 48 11.99 11.03 0.68
N LEU A 49 11.31 10.26 -0.16
CA LEU A 49 11.97 9.63 -1.30
C LEU A 49 11.64 10.41 -2.57
N GLU A 50 12.16 11.63 -2.63
CA GLU A 50 11.91 12.48 -3.79
C GLU A 50 13.12 12.44 -4.72
N LYS A 51 13.48 11.23 -5.14
CA LYS A 51 14.60 11.05 -6.04
C LYS A 51 14.45 9.72 -6.78
N GLU A 52 14.22 8.67 -6.00
CA GLU A 52 14.05 7.34 -6.57
C GLU A 52 12.94 7.34 -7.61
N ASN A 53 12.70 6.17 -8.18
CA ASN A 53 11.67 6.03 -9.19
C ASN A 53 10.51 5.22 -8.63
N PRO A 54 9.29 5.81 -8.75
CA PRO A 54 8.09 5.15 -8.25
C PRO A 54 7.66 4.00 -9.16
N LYS A 55 8.15 4.06 -10.39
CA LYS A 55 7.84 3.03 -11.37
C LYS A 55 8.63 1.77 -11.04
N ASP A 56 9.47 1.88 -10.03
CA ASP A 56 10.29 0.75 -9.61
C ASP A 56 9.58 0.03 -8.46
N TYR A 57 8.90 0.81 -7.64
CA TYR A 57 8.18 0.26 -6.50
C TYR A 57 6.72 -0.01 -6.85
N CYS A 58 6.11 -0.91 -6.08
CA CYS A 58 4.73 -1.26 -6.29
C CYS A 58 4.04 -1.36 -4.93
N ILE A 59 2.71 -1.29 -4.97
CA ILE A 59 1.93 -1.37 -3.75
C ILE A 59 1.47 -2.82 -3.54
N ALA A 60 2.04 -3.44 -2.52
CA ALA A 60 1.70 -4.81 -2.19
C ALA A 60 0.75 -4.84 -1.00
N ARG A 61 -0.43 -5.40 -1.23
CA ARG A 61 -1.43 -5.49 -0.19
C ARG A 61 -1.26 -6.79 0.60
N VAL A 62 -1.35 -6.67 1.91
CA VAL A 62 -1.21 -7.82 2.79
C VAL A 62 -2.58 -8.18 3.36
N MET A 63 -3.00 -9.41 3.08
CA MET A 63 -4.28 -9.89 3.57
C MET A 63 -4.10 -10.96 4.63
N LEU A 64 -4.78 -10.76 5.76
CA LEU A 64 -4.69 -11.70 6.86
C LEU A 64 -5.42 -13.00 6.48
N PRO A 65 -4.98 -14.11 7.12
CA PRO A 65 -5.58 -15.41 6.85
C PRO A 65 -6.95 -15.52 7.54
N PRO A 66 -7.72 -16.55 7.10
CA PRO A 66 -9.04 -16.78 7.66
C PRO A 66 -8.94 -17.40 9.05
N GLY A 67 -7.79 -17.99 9.33
CA GLY A 67 -7.56 -18.61 10.62
C GLY A 67 -7.40 -17.56 11.72
N ALA A 68 -6.53 -16.60 11.45
CA ALA A 68 -6.28 -15.53 12.40
C ALA A 68 -7.60 -14.89 12.81
N GLN A 69 -7.51 -13.90 13.68
CA GLN A 69 -8.68 -13.19 14.16
C GLN A 69 -8.81 -11.84 13.45
N HIS A 70 -7.76 -11.05 13.54
CA HIS A 70 -7.74 -9.74 12.92
C HIS A 70 -6.40 -9.05 13.20
N SER A 71 -6.17 -8.77 14.48
CA SER A 71 -4.94 -8.13 14.88
C SER A 71 -3.79 -9.13 14.87
N ASP A 72 -2.58 -8.60 15.03
CA ASP A 72 -1.39 -9.43 15.03
C ASP A 72 -1.29 -10.16 13.69
N GLU A 73 -0.26 -9.79 12.93
CA GLU A 73 -0.04 -10.40 11.63
C GLU A 73 0.48 -11.84 11.80
N ARG A 74 -0.47 -12.76 11.89
CA ARG A 74 -0.14 -14.17 12.05
C ARG A 74 -0.16 -14.87 10.69
N GLY A 75 1.03 -15.08 10.15
CA GLY A 75 1.16 -15.75 8.86
C GLY A 75 0.41 -14.98 7.78
N ALA A 76 0.61 -13.67 7.77
CA ALA A 76 -0.04 -12.82 6.80
C ALA A 76 0.70 -12.92 5.46
N LYS A 77 -0.07 -12.95 4.38
CA LYS A 77 0.50 -13.04 3.05
C LYS A 77 0.04 -11.84 2.22
N GLU A 78 0.98 -11.32 1.43
CA GLU A 78 0.69 -10.18 0.58
C GLU A 78 0.91 -10.54 -0.89
N ILE A 79 0.13 -9.90 -1.75
CA ILE A 79 0.23 -10.13 -3.18
C ILE A 79 0.31 -8.80 -3.91
N ILE A 80 1.36 -8.67 -4.72
CA ILE A 80 1.57 -7.44 -5.48
C ILE A 80 0.31 -7.15 -6.30
N LEU A 81 0.19 -5.88 -6.71
CA LEU A 81 -0.96 -5.46 -7.49
C LEU A 81 -0.50 -5.19 -8.93
N ASP A 82 -1.46 -4.80 -9.75
CA ASP A 82 -1.18 -4.50 -11.15
C ASP A 82 -0.51 -3.13 -11.25
N ASP A 83 -0.53 -2.41 -10.14
CA ASP A 83 0.08 -1.10 -10.10
C ASP A 83 -0.88 -0.08 -10.72
N ASP A 84 -2.01 -0.58 -11.18
CA ASP A 84 -3.01 0.26 -11.80
C ASP A 84 -4.36 0.06 -11.10
N GLU A 85 -4.31 -0.69 -10.01
CA GLU A 85 -5.50 -0.97 -9.23
C GLU A 85 -5.80 0.18 -8.27
N CYS A 86 -6.84 0.00 -7.48
CA CYS A 86 -7.25 1.01 -6.52
C CYS A 86 -7.17 0.40 -5.11
N PRO A 87 -6.17 0.88 -4.33
CA PRO A 87 -5.98 0.39 -2.98
C PRO A 87 -7.04 0.95 -2.03
N LEU A 88 -7.77 1.93 -2.54
CA LEU A 88 -8.82 2.57 -1.75
C LEU A 88 -10.16 1.89 -2.06
N GLN A 89 -10.44 1.78 -3.35
CA GLN A 89 -11.68 1.16 -3.79
C GLN A 89 -11.73 -0.30 -3.35
N ILE A 90 -10.59 -0.96 -3.47
CA ILE A 90 -10.49 -2.36 -3.09
C ILE A 90 -10.76 -2.50 -1.59
N PHE A 91 -10.08 -1.68 -0.82
CA PHE A 91 -10.24 -1.70 0.63
C PHE A 91 -11.72 -1.72 1.01
N ARG A 92 -12.40 -0.63 0.65
CA ARG A 92 -13.81 -0.52 0.95
C ARG A 92 -14.56 -1.78 0.53
N GLU A 93 -14.12 -2.35 -0.57
CA GLU A 93 -14.73 -3.57 -1.08
C GLU A 93 -13.89 -4.79 -0.68
N TRP A 94 -13.55 -4.85 0.59
CA TRP A 94 -12.76 -5.95 1.10
C TRP A 94 -13.59 -6.66 2.18
N PRO A 95 -13.68 -8.01 2.04
CA PRO A 95 -14.42 -8.81 2.98
C PRO A 95 -13.66 -8.97 4.30
N SER A 96 -14.07 -8.17 5.28
CA SER A 96 -13.44 -8.21 6.60
C SER A 96 -13.25 -9.66 7.04
N ASP A 97 -14.10 -10.53 6.52
CA ASP A 97 -14.04 -11.93 6.86
C ASP A 97 -12.68 -12.49 6.43
N LYS A 98 -12.28 -12.13 5.22
CA LYS A 98 -11.00 -12.58 4.69
C LYS A 98 -9.87 -12.15 5.62
N GLY A 99 -10.18 -11.15 6.44
CA GLY A 99 -9.21 -10.62 7.38
C GLY A 99 -8.96 -9.13 7.15
N ILE A 100 -7.95 -8.62 7.83
CA ILE A 100 -7.60 -7.21 7.72
C ILE A 100 -6.85 -6.99 6.40
N LEU A 101 -6.90 -5.76 5.93
CA LEU A 101 -6.23 -5.40 4.69
C LEU A 101 -5.23 -4.28 4.96
N VAL A 102 -4.08 -4.39 4.31
CA VAL A 102 -3.03 -3.40 4.47
C VAL A 102 -2.25 -3.26 3.17
N PHE A 103 -1.78 -2.05 2.92
CA PHE A 103 -1.02 -1.78 1.70
C PHE A 103 0.38 -1.24 2.04
N GLN A 104 1.38 -2.01 1.65
CA GLN A 104 2.76 -1.63 1.90
C GLN A 104 3.43 -1.17 0.60
N LEU A 105 4.60 -0.57 0.76
CA LEU A 105 5.35 -0.07 -0.38
C LEU A 105 6.78 -0.61 -0.32
N LYS A 106 7.24 -1.13 -1.45
CA LYS A 106 8.58 -1.67 -1.53
C LYS A 106 8.88 -2.04 -2.99
N ARG A 107 10.06 -2.61 -3.18
CA ARG A 107 10.48 -3.02 -4.51
C ARG A 107 9.61 -4.16 -5.03
N ARG A 108 9.71 -4.40 -6.32
CA ARG A 108 8.93 -5.46 -6.95
C ARG A 108 9.84 -6.35 -7.82
N PRO A 109 9.40 -7.62 -8.00
CA PRO A 109 10.15 -8.56 -8.80
C PRO A 109 10.00 -8.26 -10.30
N PRO A 110 11.17 -8.01 -10.94
CA PRO A 110 11.19 -7.71 -12.36
C PRO A 110 10.94 -8.98 -13.20
N SER A 111 11.40 -10.09 -12.67
CA SER A 111 11.24 -11.37 -13.34
C SER A 111 11.86 -12.48 -12.51
N GLY A 112 11.05 -13.07 -11.64
CA GLY A 112 11.50 -14.14 -10.78
C GLY A 112 11.27 -13.80 -9.30
N PRO A 113 10.18 -14.38 -8.75
CA PRO A 113 9.83 -14.14 -7.35
C PRO A 113 10.77 -14.92 -6.42
N SER A 114 10.99 -14.35 -5.25
CA SER A 114 11.85 -14.98 -4.26
C SER A 114 11.19 -14.95 -2.89
N SER A 115 11.28 -16.08 -2.19
CA SER A 115 10.70 -16.19 -0.87
C SER A 115 10.98 -17.58 -0.30
N GLY A 116 11.52 -17.58 0.92
CA GLY A 116 11.83 -18.83 1.60
C GLY A 116 13.34 -18.93 1.87
N GLY A 1 5.68 22.52 -3.93
CA GLY A 1 5.07 21.20 -4.06
C GLY A 1 3.96 21.01 -3.03
N SER A 2 2.72 21.12 -3.52
CA SER A 2 1.56 20.96 -2.66
C SER A 2 0.29 20.92 -3.51
N SER A 3 -0.73 20.25 -2.96
CA SER A 3 -1.99 20.13 -3.65
C SER A 3 -3.10 19.75 -2.66
N GLY A 4 -4.33 19.99 -3.07
CA GLY A 4 -5.48 19.68 -2.23
C GLY A 4 -6.49 20.82 -2.24
N SER A 5 -7.74 20.46 -2.05
CA SER A 5 -8.81 21.44 -2.04
C SER A 5 -9.98 20.94 -1.18
N SER A 6 -10.51 19.78 -1.57
CA SER A 6 -11.61 19.19 -0.84
C SER A 6 -11.52 17.66 -0.91
N GLY A 7 -11.35 17.07 0.27
CA GLY A 7 -11.23 15.62 0.36
C GLY A 7 -12.53 14.94 -0.08
N SER A 8 -12.37 13.81 -0.75
CA SER A 8 -13.52 13.06 -1.23
C SER A 8 -13.37 11.59 -0.85
N GLY A 9 -12.25 11.01 -1.28
CA GLY A 9 -11.97 9.61 -1.00
C GLY A 9 -11.78 9.38 0.50
N GLY A 10 -10.52 9.45 0.92
CA GLY A 10 -10.18 9.25 2.32
C GLY A 10 -8.67 9.15 2.51
N THR A 11 -8.27 8.17 3.30
CA THR A 11 -6.86 7.96 3.57
C THR A 11 -6.48 6.49 3.34
N LEU A 12 -5.18 6.24 3.30
CA LEU A 12 -4.68 4.89 3.08
C LEU A 12 -3.45 4.66 3.96
N ARG A 13 -3.52 3.60 4.75
CA ARG A 13 -2.42 3.27 5.64
C ARG A 13 -1.30 2.57 4.86
N ILE A 14 -0.16 3.25 4.78
CA ILE A 14 0.98 2.70 4.06
C ILE A 14 2.13 2.45 5.05
N TYR A 15 2.15 1.23 5.59
CA TYR A 15 3.17 0.87 6.55
C TYR A 15 4.53 0.72 5.86
N ALA A 16 4.53 0.03 4.73
CA ALA A 16 5.75 -0.18 3.97
C ALA A 16 6.90 -0.44 4.95
N ASP A 17 6.63 -1.27 5.94
CA ASP A 17 7.63 -1.61 6.93
C ASP A 17 8.74 -2.44 6.28
N SER A 18 9.61 -1.75 5.55
CA SER A 18 10.70 -2.42 4.87
C SER A 18 11.55 -1.39 4.11
N LEU A 19 10.87 -0.41 3.55
CA LEU A 19 11.54 0.65 2.80
C LEU A 19 11.95 1.76 3.76
N LYS A 20 11.11 1.98 4.75
CA LYS A 20 11.36 3.02 5.73
C LYS A 20 10.98 2.50 7.13
N PRO A 21 11.98 1.85 7.79
CA PRO A 21 11.76 1.30 9.12
C PRO A 21 11.74 2.42 10.17
N ASN A 22 12.70 3.33 10.05
CA ASN A 22 12.80 4.44 10.97
C ASN A 22 11.39 4.98 11.27
N ILE A 23 10.76 5.50 10.24
CA ILE A 23 9.42 6.05 10.37
C ILE A 23 8.44 4.91 10.65
N PRO A 24 7.46 5.20 11.55
CA PRO A 24 6.45 4.22 11.91
C PRO A 24 5.42 4.05 10.79
N TYR A 25 4.50 5.00 10.74
CA TYR A 25 3.45 4.97 9.73
C TYR A 25 2.99 6.39 9.38
N LYS A 26 2.48 6.53 8.17
CA LYS A 26 2.00 7.82 7.71
C LYS A 26 0.81 7.61 6.76
N THR A 27 -0.22 8.43 6.96
CA THR A 27 -1.41 8.34 6.14
C THR A 27 -1.41 9.45 5.08
N ILE A 28 -1.54 9.02 3.83
CA ILE A 28 -1.56 9.96 2.73
C ILE A 28 -2.99 10.09 2.20
N LEU A 29 -3.26 11.24 1.59
CA LEU A 29 -4.58 11.49 1.03
C LEU A 29 -4.73 10.75 -0.29
N LEU A 30 -5.52 9.69 -0.26
CA LEU A 30 -5.75 8.88 -1.44
C LEU A 30 -7.20 9.07 -1.90
N SER A 31 -7.45 8.72 -3.16
CA SER A 31 -8.77 8.83 -3.73
C SER A 31 -9.23 7.48 -4.27
N THR A 32 -10.51 7.44 -4.64
CA THR A 32 -11.09 6.22 -5.17
C THR A 32 -10.95 6.18 -6.70
N THR A 33 -9.87 6.77 -7.17
CA THR A 33 -9.60 6.80 -8.61
C THR A 33 -8.12 6.56 -8.88
N ASP A 34 -7.29 7.24 -8.12
CA ASP A 34 -5.85 7.11 -8.27
C ASP A 34 -5.48 5.63 -8.32
N THR A 35 -4.20 5.37 -8.60
CA THR A 35 -3.72 4.01 -8.69
C THR A 35 -2.46 3.84 -7.83
N ALA A 36 -1.82 2.69 -8.00
CA ALA A 36 -0.61 2.40 -7.26
C ALA A 36 0.51 3.33 -7.72
N ASP A 37 0.64 3.44 -9.03
CA ASP A 37 1.67 4.29 -9.61
C ASP A 37 1.62 5.66 -8.94
N PHE A 38 0.44 6.02 -8.48
CA PHE A 38 0.26 7.31 -7.81
C PHE A 38 0.62 7.21 -6.33
N ALA A 39 -0.03 6.28 -5.66
CA ALA A 39 0.20 6.08 -4.24
C ALA A 39 1.69 5.80 -4.01
N VAL A 40 2.29 5.13 -4.99
CA VAL A 40 3.70 4.80 -4.91
C VAL A 40 4.52 6.08 -4.77
N ALA A 41 4.40 6.94 -5.76
CA ALA A 41 5.12 8.20 -5.76
C ALA A 41 4.80 8.96 -4.47
N GLU A 42 3.50 9.19 -4.26
CA GLU A 42 3.05 9.90 -3.07
C GLU A 42 3.83 9.42 -1.85
N SER A 43 3.54 8.20 -1.43
CA SER A 43 4.19 7.62 -0.27
C SER A 43 5.66 8.03 -0.24
N LEU A 44 6.37 7.64 -1.30
CA LEU A 44 7.78 7.96 -1.41
C LEU A 44 8.02 9.40 -0.95
N GLU A 45 7.48 10.34 -1.74
CA GLU A 45 7.63 11.74 -1.42
C GLU A 45 7.23 12.00 0.04
N LYS A 46 6.05 11.53 0.39
CA LYS A 46 5.53 11.70 1.74
C LYS A 46 6.62 11.31 2.74
N TYR A 47 7.14 10.10 2.57
CA TYR A 47 8.18 9.59 3.44
C TYR A 47 9.45 10.43 3.32
N GLY A 48 9.61 11.05 2.16
CA GLY A 48 10.77 11.88 1.91
C GLY A 48 11.64 11.28 0.79
N LEU A 49 11.02 10.43 0.00
CA LEU A 49 11.71 9.79 -1.10
C LEU A 49 11.30 10.44 -2.42
N GLU A 50 11.69 11.70 -2.56
CA GLU A 50 11.37 12.45 -3.76
C GLU A 50 12.54 12.42 -4.74
N LYS A 51 13.08 11.21 -4.93
CA LYS A 51 14.20 11.03 -5.84
C LYS A 51 14.20 9.60 -6.36
N GLU A 52 14.02 8.66 -5.43
CA GLU A 52 14.00 7.26 -5.78
C GLU A 52 13.08 7.02 -7.00
N ASN A 53 13.13 5.80 -7.51
CA ASN A 53 12.32 5.44 -8.66
C ASN A 53 11.08 4.69 -8.19
N PRO A 54 9.90 5.32 -8.43
CA PRO A 54 8.63 4.72 -8.05
C PRO A 54 8.25 3.57 -8.98
N LYS A 55 8.79 3.64 -10.19
CA LYS A 55 8.52 2.61 -11.19
C LYS A 55 9.16 1.30 -10.74
N ASP A 56 10.01 1.40 -9.74
CA ASP A 56 10.69 0.22 -9.20
C ASP A 56 9.86 -0.37 -8.07
N TYR A 57 9.28 0.52 -7.27
CA TYR A 57 8.46 0.09 -6.15
C TYR A 57 7.00 -0.05 -6.56
N CYS A 58 6.31 -0.94 -5.87
CA CYS A 58 4.90 -1.18 -6.15
C CYS A 58 4.13 -1.20 -4.82
N ILE A 59 2.85 -1.48 -4.92
CA ILE A 59 2.00 -1.53 -3.74
C ILE A 59 1.47 -2.96 -3.55
N ALA A 60 2.03 -3.63 -2.55
CA ALA A 60 1.63 -5.00 -2.26
C ALA A 60 0.62 -4.99 -1.12
N ARG A 61 -0.54 -5.58 -1.39
CA ARG A 61 -1.60 -5.64 -0.41
C ARG A 61 -1.45 -6.91 0.44
N VAL A 62 -1.50 -6.72 1.75
CA VAL A 62 -1.37 -7.84 2.67
C VAL A 62 -2.75 -8.18 3.25
N MET A 63 -3.17 -9.41 3.01
CA MET A 63 -4.46 -9.86 3.51
C MET A 63 -4.30 -10.85 4.65
N LEU A 64 -4.95 -10.54 5.77
CA LEU A 64 -4.88 -11.39 6.93
C LEU A 64 -5.74 -12.64 6.70
N PRO A 65 -5.39 -13.72 7.45
CA PRO A 65 -6.11 -14.98 7.34
C PRO A 65 -7.47 -14.89 8.04
N PRO A 66 -8.36 -15.86 7.69
CA PRO A 66 -9.68 -15.91 8.28
C PRO A 66 -9.63 -16.42 9.72
N GLY A 67 -8.50 -17.02 10.05
CA GLY A 67 -8.31 -17.56 11.39
C GLY A 67 -7.27 -16.75 12.16
N ALA A 68 -7.57 -15.48 12.34
CA ALA A 68 -6.66 -14.58 13.05
C ALA A 68 -7.46 -13.42 13.63
N GLN A 69 -6.82 -12.69 14.53
CA GLN A 69 -7.46 -11.55 15.17
C GLN A 69 -6.53 -10.96 16.24
N HIS A 70 -6.41 -9.64 16.21
CA HIS A 70 -5.57 -8.95 17.17
C HIS A 70 -4.09 -9.10 16.76
N SER A 71 -3.22 -8.52 17.58
CA SER A 71 -1.80 -8.59 17.33
C SER A 71 -1.48 -8.00 15.95
N ASP A 72 -0.20 -7.72 15.74
CA ASP A 72 0.24 -7.14 14.48
C ASP A 72 0.14 -8.21 13.38
N GLU A 73 0.60 -7.84 12.20
CA GLU A 73 0.57 -8.75 11.07
C GLU A 73 1.91 -9.48 10.94
N ARG A 74 1.89 -10.76 11.28
CA ARG A 74 3.09 -11.58 11.21
C ARG A 74 2.86 -12.78 10.30
N GLY A 75 1.69 -13.39 10.47
CA GLY A 75 1.32 -14.55 9.68
C GLY A 75 0.28 -14.20 8.63
N ALA A 76 0.68 -13.30 7.74
CA ALA A 76 -0.22 -12.86 6.67
C ALA A 76 0.51 -12.98 5.33
N LYS A 77 -0.29 -13.18 4.28
CA LYS A 77 0.26 -13.31 2.94
C LYS A 77 -0.21 -12.15 2.08
N GLU A 78 0.74 -11.49 1.45
CA GLU A 78 0.44 -10.35 0.60
C GLU A 78 0.65 -10.73 -0.87
N ILE A 79 -0.09 -10.05 -1.74
CA ILE A 79 0.01 -10.29 -3.17
C ILE A 79 0.15 -8.96 -3.90
N ILE A 80 1.23 -8.86 -4.66
CA ILE A 80 1.49 -7.65 -5.43
C ILE A 80 0.26 -7.29 -6.27
N LEU A 81 0.12 -6.00 -6.53
CA LEU A 81 -1.01 -5.52 -7.33
C LEU A 81 -0.55 -5.32 -8.77
N ASP A 82 -1.53 -5.30 -9.67
CA ASP A 82 -1.25 -5.11 -11.08
C ASP A 82 -0.35 -3.88 -11.25
N ASP A 83 -0.96 -2.72 -11.07
CA ASP A 83 -0.23 -1.46 -11.20
C ASP A 83 -1.23 -0.31 -11.27
N ASP A 84 -2.28 -0.52 -12.05
CA ASP A 84 -3.31 0.50 -12.21
C ASP A 84 -4.49 0.16 -11.30
N GLU A 85 -4.19 -0.54 -10.22
CA GLU A 85 -5.22 -0.93 -9.27
C GLU A 85 -5.48 0.20 -8.28
N CYS A 86 -6.58 0.06 -7.55
CA CYS A 86 -6.95 1.06 -6.56
C CYS A 86 -6.85 0.44 -5.17
N PRO A 87 -5.89 0.95 -4.37
CA PRO A 87 -5.69 0.46 -3.02
C PRO A 87 -6.79 0.95 -2.08
N LEU A 88 -7.46 2.00 -2.51
CA LEU A 88 -8.54 2.58 -1.72
C LEU A 88 -9.84 1.83 -2.02
N GLN A 89 -10.26 1.91 -3.28
CA GLN A 89 -11.47 1.25 -3.70
C GLN A 89 -11.46 -0.22 -3.30
N ILE A 90 -10.29 -0.83 -3.50
CA ILE A 90 -10.12 -2.23 -3.16
C ILE A 90 -10.51 -2.45 -1.69
N PHE A 91 -9.88 -1.70 -0.82
CA PHE A 91 -10.15 -1.80 0.60
C PHE A 91 -11.60 -1.46 0.91
N ARG A 92 -12.05 -0.35 0.35
CA ARG A 92 -13.42 0.10 0.55
C ARG A 92 -14.38 -1.08 0.43
N GLU A 93 -14.17 -1.87 -0.60
CA GLU A 93 -15.00 -3.05 -0.84
C GLU A 93 -14.24 -4.32 -0.51
N TRP A 94 -13.53 -4.27 0.60
CA TRP A 94 -12.75 -5.42 1.04
C TRP A 94 -13.51 -6.10 2.18
N PRO A 95 -13.66 -7.45 2.05
CA PRO A 95 -14.36 -8.22 3.06
C PRO A 95 -13.49 -8.40 4.31
N SER A 96 -14.00 -7.87 5.42
CA SER A 96 -13.29 -7.96 6.68
C SER A 96 -13.13 -9.43 7.09
N ASP A 97 -14.06 -10.25 6.61
CA ASP A 97 -14.04 -11.67 6.92
C ASP A 97 -12.77 -12.29 6.31
N LYS A 98 -12.38 -11.76 5.16
CA LYS A 98 -11.20 -12.25 4.48
C LYS A 98 -9.97 -11.99 5.34
N GLY A 99 -10.04 -10.92 6.12
CA GLY A 99 -8.94 -10.55 7.00
C GLY A 99 -8.49 -9.12 6.73
N ILE A 100 -8.04 -8.47 7.80
CA ILE A 100 -7.57 -7.09 7.69
C ILE A 100 -6.78 -6.93 6.38
N LEU A 101 -6.76 -5.70 5.90
CA LEU A 101 -6.04 -5.39 4.67
C LEU A 101 -4.99 -4.32 4.95
N VAL A 102 -3.86 -4.45 4.26
CA VAL A 102 -2.77 -3.50 4.42
C VAL A 102 -2.02 -3.36 3.10
N PHE A 103 -1.59 -2.14 2.83
CA PHE A 103 -0.86 -1.85 1.61
C PHE A 103 0.54 -1.34 1.90
N GLN A 104 1.53 -2.14 1.53
CA GLN A 104 2.92 -1.79 1.75
C GLN A 104 3.55 -1.27 0.45
N LEU A 105 4.72 -0.65 0.61
CA LEU A 105 5.44 -0.12 -0.54
C LEU A 105 6.88 -0.63 -0.52
N LYS A 106 7.26 -1.27 -1.61
CA LYS A 106 8.60 -1.81 -1.73
C LYS A 106 8.85 -2.24 -3.18
N ARG A 107 10.07 -2.67 -3.43
CA ARG A 107 10.45 -3.12 -4.77
C ARG A 107 9.63 -4.35 -5.16
N ARG A 108 9.48 -4.52 -6.47
CA ARG A 108 8.73 -5.64 -7.00
C ARG A 108 9.63 -6.55 -7.84
N PRO A 109 9.20 -7.83 -7.99
CA PRO A 109 9.96 -8.79 -8.77
C PRO A 109 9.82 -8.52 -10.26
N PRO A 110 10.99 -8.31 -10.92
CA PRO A 110 11.01 -8.04 -12.35
C PRO A 110 10.76 -9.31 -13.15
N SER A 111 11.69 -10.24 -13.05
CA SER A 111 11.59 -11.51 -13.76
C SER A 111 12.62 -12.49 -13.23
N GLY A 112 12.29 -13.11 -12.10
CA GLY A 112 13.19 -14.07 -11.49
C GLY A 112 14.21 -13.37 -10.58
N PRO A 113 15.42 -13.98 -10.50
CA PRO A 113 16.49 -13.44 -9.68
C PRO A 113 17.11 -12.21 -10.34
N SER A 114 17.36 -11.21 -9.53
CA SER A 114 17.96 -9.98 -10.02
C SER A 114 19.08 -9.53 -9.09
N SER A 115 18.70 -9.23 -7.85
CA SER A 115 19.67 -8.79 -6.85
C SER A 115 20.87 -9.73 -6.84
N GLY A 116 22.05 -9.13 -6.99
CA GLY A 116 23.29 -9.90 -6.99
C GLY A 116 24.47 -9.03 -6.60
N GLY A 1 4.08 19.42 -6.34
CA GLY A 1 3.30 19.18 -5.15
C GLY A 1 4.15 19.37 -3.89
N SER A 2 3.69 20.30 -3.05
CA SER A 2 4.40 20.60 -1.82
C SER A 2 3.40 20.72 -0.66
N SER A 3 2.45 21.64 -0.84
CA SER A 3 1.44 21.87 0.18
C SER A 3 0.05 21.84 -0.46
N GLY A 4 -0.95 21.58 0.37
CA GLY A 4 -2.32 21.53 -0.10
C GLY A 4 -3.22 20.79 0.90
N SER A 5 -4.47 20.61 0.51
CA SER A 5 -5.43 19.93 1.35
C SER A 5 -6.73 19.70 0.58
N SER A 6 -7.12 18.43 0.50
CA SER A 6 -8.34 18.06 -0.20
C SER A 6 -9.39 17.59 0.80
N GLY A 7 -10.62 17.57 0.33
CA GLY A 7 -11.74 17.14 1.17
C GLY A 7 -12.59 16.09 0.46
N SER A 8 -13.23 15.26 1.26
CA SER A 8 -14.08 14.21 0.72
C SER A 8 -13.28 13.30 -0.22
N GLY A 9 -12.95 12.12 0.30
CA GLY A 9 -12.19 11.16 -0.48
C GLY A 9 -11.96 9.87 0.32
N GLY A 10 -10.77 9.77 0.90
CA GLY A 10 -10.42 8.61 1.69
C GLY A 10 -8.94 8.63 2.06
N THR A 11 -8.63 7.98 3.18
CA THR A 11 -7.26 7.91 3.65
C THR A 11 -6.71 6.49 3.51
N LEU A 12 -5.48 6.41 3.03
CA LEU A 12 -4.83 5.13 2.84
C LEU A 12 -3.59 5.04 3.74
N ARG A 13 -3.55 3.99 4.53
CA ARG A 13 -2.44 3.78 5.44
C ARG A 13 -1.32 3.01 4.75
N ILE A 14 -0.17 3.67 4.66
CA ILE A 14 0.99 3.05 4.01
C ILE A 14 2.09 2.83 5.06
N TYR A 15 2.11 1.62 5.59
CA TYR A 15 3.10 1.26 6.59
C TYR A 15 4.46 1.02 5.95
N ALA A 16 4.45 0.29 4.84
CA ALA A 16 5.67 -0.02 4.13
C ALA A 16 6.76 -0.39 5.14
N ASP A 17 6.51 -1.46 5.87
CA ASP A 17 7.46 -1.92 6.87
C ASP A 17 8.57 -2.72 6.18
N SER A 18 9.60 -1.98 5.77
CA SER A 18 10.73 -2.60 5.10
C SER A 18 11.58 -1.53 4.41
N LEU A 19 10.90 -0.71 3.60
CA LEU A 19 11.58 0.34 2.88
C LEU A 19 11.98 1.45 3.86
N LYS A 20 11.28 1.49 4.98
CA LYS A 20 11.54 2.47 6.00
C LYS A 20 11.22 1.89 7.38
N PRO A 21 12.26 1.26 8.00
CA PRO A 21 12.09 0.65 9.30
C PRO A 21 12.06 1.72 10.40
N ASN A 22 12.76 2.80 10.14
CA ASN A 22 12.82 3.90 11.10
C ASN A 22 11.39 4.41 11.37
N ILE A 23 10.75 4.86 10.29
CA ILE A 23 9.39 5.37 10.41
C ILE A 23 8.42 4.20 10.59
N PRO A 24 7.39 4.44 11.45
CA PRO A 24 6.40 3.42 11.73
C PRO A 24 5.44 3.27 10.55
N TYR A 25 4.48 4.19 10.48
CA TYR A 25 3.50 4.17 9.41
C TYR A 25 3.28 5.57 8.83
N LYS A 26 2.70 5.59 7.65
CA LYS A 26 2.42 6.85 6.98
C LYS A 26 1.01 6.82 6.40
N THR A 27 0.35 7.96 6.47
CA THR A 27 -1.01 8.08 5.95
C THR A 27 -1.11 9.23 4.95
N ILE A 28 -1.29 8.87 3.69
CA ILE A 28 -1.41 9.85 2.63
C ILE A 28 -2.86 9.93 2.16
N LEU A 29 -3.23 11.10 1.68
CA LEU A 29 -4.59 11.32 1.20
C LEU A 29 -4.74 10.66 -0.17
N LEU A 30 -5.66 9.71 -0.22
CA LEU A 30 -5.92 8.98 -1.45
C LEU A 30 -7.38 9.18 -1.86
N SER A 31 -7.65 8.96 -3.14
CA SER A 31 -9.00 9.11 -3.66
C SER A 31 -9.44 7.81 -4.35
N THR A 32 -10.75 7.67 -4.47
CA THR A 32 -11.31 6.48 -5.10
C THR A 32 -11.16 6.57 -6.62
N THR A 33 -9.91 6.52 -7.06
CA THR A 33 -9.63 6.59 -8.49
C THR A 33 -8.12 6.48 -8.74
N ASP A 34 -7.36 7.07 -7.83
CA ASP A 34 -5.91 7.05 -7.94
C ASP A 34 -5.45 5.61 -8.22
N THR A 35 -4.15 5.48 -8.45
CA THR A 35 -3.57 4.18 -8.73
C THR A 35 -2.37 3.92 -7.82
N ALA A 36 -1.76 2.76 -8.02
CA ALA A 36 -0.61 2.38 -7.22
C ALA A 36 0.59 3.24 -7.64
N ASP A 37 0.70 3.45 -8.95
CA ASP A 37 1.80 4.24 -9.49
C ASP A 37 1.81 5.61 -8.80
N PHE A 38 0.65 6.23 -8.75
CA PHE A 38 0.52 7.53 -8.13
C PHE A 38 0.79 7.46 -6.62
N ALA A 39 0.08 6.54 -5.98
CA ALA A 39 0.23 6.35 -4.54
C ALA A 39 1.70 6.12 -4.22
N VAL A 40 2.34 5.26 -5.01
CA VAL A 40 3.74 4.96 -4.82
C VAL A 40 4.52 6.26 -4.66
N ALA A 41 4.57 7.02 -5.73
CA ALA A 41 5.27 8.30 -5.73
C ALA A 41 4.95 9.05 -4.44
N GLU A 42 3.66 9.31 -4.26
CA GLU A 42 3.19 10.03 -3.08
C GLU A 42 3.85 9.47 -1.82
N SER A 43 3.50 8.24 -1.51
CA SER A 43 4.05 7.57 -0.33
C SER A 43 5.53 7.92 -0.19
N LEU A 44 6.27 7.67 -1.27
CA LEU A 44 7.70 7.94 -1.27
C LEU A 44 7.94 9.37 -0.77
N GLU A 45 7.49 10.33 -1.57
CA GLU A 45 7.65 11.72 -1.22
C GLU A 45 7.18 11.97 0.22
N LYS A 46 5.98 11.49 0.51
CA LYS A 46 5.40 11.66 1.83
C LYS A 46 6.39 11.12 2.88
N TYR A 47 6.96 9.97 2.55
CA TYR A 47 7.92 9.35 3.45
C TYR A 47 9.24 10.11 3.47
N GLY A 48 9.60 10.63 2.31
CA GLY A 48 10.84 11.39 2.17
C GLY A 48 11.77 10.74 1.14
N LEU A 49 11.15 10.25 0.07
CA LEU A 49 11.91 9.60 -0.99
C LEU A 49 11.62 10.33 -2.31
N GLU A 50 11.95 11.61 -2.33
CA GLU A 50 11.74 12.41 -3.52
C GLU A 50 12.95 12.32 -4.45
N LYS A 51 13.43 11.09 -4.64
CA LYS A 51 14.59 10.85 -5.49
C LYS A 51 14.53 9.42 -6.01
N GLU A 52 14.26 8.50 -5.11
CA GLU A 52 14.19 7.10 -5.47
C GLU A 52 13.28 6.91 -6.69
N ASN A 53 13.25 5.68 -7.18
CA ASN A 53 12.44 5.36 -8.34
C ASN A 53 11.14 4.67 -7.88
N PRO A 54 9.99 5.35 -8.17
CA PRO A 54 8.70 4.82 -7.80
C PRO A 54 8.29 3.66 -8.71
N LYS A 55 8.74 3.74 -9.95
CA LYS A 55 8.43 2.72 -10.93
C LYS A 55 9.06 1.40 -10.48
N ASP A 56 9.98 1.51 -9.54
CA ASP A 56 10.66 0.32 -9.01
C ASP A 56 9.83 -0.28 -7.88
N TYR A 57 9.25 0.60 -7.08
CA TYR A 57 8.43 0.17 -5.97
C TYR A 57 6.96 0.04 -6.38
N CYS A 58 6.29 -0.93 -5.77
CA CYS A 58 4.89 -1.17 -6.07
C CYS A 58 4.11 -1.19 -4.74
N ILE A 59 2.82 -1.43 -4.86
CA ILE A 59 1.96 -1.47 -3.68
C ILE A 59 1.47 -2.90 -3.47
N ALA A 60 2.13 -3.58 -2.54
CA ALA A 60 1.77 -4.96 -2.24
C ALA A 60 0.78 -4.97 -1.07
N ARG A 61 -0.38 -5.54 -1.33
CA ARG A 61 -1.41 -5.62 -0.31
C ARG A 61 -1.27 -6.92 0.48
N VAL A 62 -1.29 -6.77 1.80
CA VAL A 62 -1.16 -7.92 2.68
C VAL A 62 -2.52 -8.21 3.35
N MET A 63 -3.00 -9.42 3.13
CA MET A 63 -4.27 -9.83 3.70
C MET A 63 -4.07 -10.86 4.81
N LEU A 64 -4.51 -10.49 6.00
CA LEU A 64 -4.39 -11.37 7.15
C LEU A 64 -5.43 -12.49 7.04
N PRO A 65 -5.10 -13.64 7.70
CA PRO A 65 -5.99 -14.79 7.69
C PRO A 65 -7.19 -14.56 8.60
N PRO A 66 -8.19 -15.47 8.47
CA PRO A 66 -9.41 -15.38 9.28
C PRO A 66 -9.13 -15.83 10.72
N GLY A 67 -8.25 -15.09 11.38
CA GLY A 67 -7.90 -15.41 12.76
C GLY A 67 -6.68 -14.60 13.20
N ALA A 68 -5.51 -15.11 12.83
CA ALA A 68 -4.25 -14.45 13.19
C ALA A 68 -4.41 -12.94 13.00
N GLN A 69 -4.11 -12.21 14.06
CA GLN A 69 -4.21 -10.76 14.02
C GLN A 69 -3.91 -10.18 15.41
N HIS A 70 -3.33 -8.98 15.39
CA HIS A 70 -2.98 -8.30 16.62
C HIS A 70 -1.80 -9.00 17.28
N SER A 71 -2.05 -10.24 17.69
CA SER A 71 -1.03 -11.04 18.34
C SER A 71 0.29 -10.94 17.56
N ASP A 72 0.20 -11.26 16.27
CA ASP A 72 1.37 -11.20 15.41
C ASP A 72 1.00 -11.76 14.03
N GLU A 73 1.81 -11.41 13.05
CA GLU A 73 1.58 -11.86 11.69
C GLU A 73 2.39 -13.13 11.41
N ARG A 74 1.68 -14.26 11.44
CA ARG A 74 2.30 -15.54 11.19
C ARG A 74 1.43 -16.39 10.27
N GLY A 75 1.45 -16.04 8.99
CA GLY A 75 0.67 -16.76 8.01
C GLY A 75 0.10 -15.82 6.96
N ALA A 76 0.11 -14.53 7.30
CA ALA A 76 -0.40 -13.51 6.40
C ALA A 76 0.44 -13.48 5.12
N LYS A 77 -0.24 -13.50 3.99
CA LYS A 77 0.43 -13.48 2.71
C LYS A 77 -0.08 -12.29 1.89
N GLU A 78 0.86 -11.62 1.24
CA GLU A 78 0.53 -10.47 0.42
C GLU A 78 0.58 -10.83 -1.06
N ILE A 79 -0.13 -10.04 -1.86
CA ILE A 79 -0.17 -10.27 -3.30
C ILE A 79 0.01 -8.94 -4.03
N ILE A 80 1.13 -8.84 -4.73
CA ILE A 80 1.44 -7.63 -5.47
C ILE A 80 0.22 -7.24 -6.33
N LEU A 81 0.02 -5.94 -6.45
CA LEU A 81 -1.09 -5.42 -7.23
C LEU A 81 -0.62 -5.16 -8.67
N ASP A 82 -1.57 -5.25 -9.58
CA ASP A 82 -1.27 -5.03 -11.00
C ASP A 82 -0.34 -3.83 -11.12
N ASP A 83 -0.92 -2.65 -11.01
CA ASP A 83 -0.15 -1.42 -11.12
C ASP A 83 -1.12 -0.23 -11.18
N ASP A 84 -2.20 -0.42 -11.92
CA ASP A 84 -3.19 0.63 -12.07
C ASP A 84 -4.44 0.27 -11.25
N GLU A 85 -4.19 -0.38 -10.12
CA GLU A 85 -5.26 -0.79 -9.23
C GLU A 85 -5.61 0.34 -8.26
N CYS A 86 -6.72 0.16 -7.57
CA CYS A 86 -7.17 1.14 -6.61
C CYS A 86 -7.02 0.56 -5.20
N PRO A 87 -6.06 1.13 -4.44
CA PRO A 87 -5.81 0.67 -3.07
C PRO A 87 -6.90 1.16 -2.13
N LEU A 88 -7.65 2.15 -2.59
CA LEU A 88 -8.72 2.71 -1.79
C LEU A 88 -9.99 1.89 -2.00
N GLN A 89 -10.51 1.96 -3.22
CA GLN A 89 -11.71 1.22 -3.57
C GLN A 89 -11.58 -0.24 -3.14
N ILE A 90 -10.41 -0.79 -3.36
CA ILE A 90 -10.14 -2.17 -3.00
C ILE A 90 -10.48 -2.39 -1.52
N PHE A 91 -9.84 -1.57 -0.68
CA PHE A 91 -10.06 -1.66 0.75
C PHE A 91 -11.51 -1.34 1.11
N ARG A 92 -12.01 -0.26 0.51
CA ARG A 92 -13.38 0.17 0.75
C ARG A 92 -14.32 -1.04 0.73
N GLU A 93 -14.22 -1.81 -0.35
CA GLU A 93 -15.04 -2.99 -0.51
C GLU A 93 -14.25 -4.26 -0.17
N TRP A 94 -13.56 -4.20 0.96
CA TRP A 94 -12.76 -5.33 1.40
C TRP A 94 -13.57 -6.08 2.47
N PRO A 95 -13.63 -7.43 2.30
CA PRO A 95 -14.35 -8.27 3.22
C PRO A 95 -13.56 -8.45 4.53
N SER A 96 -14.21 -8.08 5.62
CA SER A 96 -13.60 -8.19 6.93
C SER A 96 -13.30 -9.65 7.25
N ASP A 97 -14.26 -10.50 6.91
CA ASP A 97 -14.11 -11.92 7.15
C ASP A 97 -12.79 -12.42 6.53
N LYS A 98 -12.53 -11.92 5.33
CA LYS A 98 -11.31 -12.30 4.63
C LYS A 98 -10.10 -12.03 5.51
N GLY A 99 -10.22 -10.98 6.32
CA GLY A 99 -9.14 -10.61 7.22
C GLY A 99 -8.80 -9.13 7.08
N ILE A 100 -7.73 -8.74 7.76
CA ILE A 100 -7.27 -7.36 7.72
C ILE A 100 -6.55 -7.11 6.38
N LEU A 101 -6.57 -5.85 5.98
CA LEU A 101 -5.93 -5.46 4.72
C LEU A 101 -4.86 -4.39 5.01
N VAL A 102 -3.75 -4.52 4.32
CA VAL A 102 -2.65 -3.58 4.49
C VAL A 102 -1.91 -3.42 3.16
N PHE A 103 -1.52 -2.18 2.88
CA PHE A 103 -0.81 -1.88 1.65
C PHE A 103 0.61 -1.40 1.95
N GLN A 104 1.56 -2.31 1.75
CA GLN A 104 2.96 -1.99 2.00
C GLN A 104 3.65 -1.56 0.70
N LEU A 105 4.56 -0.61 0.83
CA LEU A 105 5.29 -0.11 -0.32
C LEU A 105 6.69 -0.72 -0.35
N LYS A 106 6.97 -1.44 -1.43
CA LYS A 106 8.27 -2.08 -1.59
C LYS A 106 8.51 -2.38 -3.07
N ARG A 107 9.61 -3.05 -3.33
CA ARG A 107 9.97 -3.40 -4.70
C ARG A 107 9.08 -4.55 -5.21
N ARG A 108 9.02 -4.67 -6.52
CA ARG A 108 8.22 -5.71 -7.14
C ARG A 108 9.11 -6.70 -7.89
N PRO A 109 8.60 -7.95 -8.04
CA PRO A 109 9.34 -8.99 -8.73
C PRO A 109 9.31 -8.76 -10.24
N PRO A 110 10.53 -8.54 -10.81
CA PRO A 110 10.65 -8.31 -12.25
C PRO A 110 10.49 -9.61 -13.02
N SER A 111 9.86 -9.50 -14.18
CA SER A 111 9.64 -10.66 -15.02
C SER A 111 10.91 -11.51 -15.09
N GLY A 112 11.95 -10.91 -15.64
CA GLY A 112 13.23 -11.60 -15.77
C GLY A 112 14.14 -11.29 -14.59
N PRO A 113 15.46 -11.48 -14.81
CA PRO A 113 16.45 -11.23 -13.77
C PRO A 113 16.66 -9.73 -13.57
N SER A 114 17.00 -9.07 -14.66
CA SER A 114 17.23 -7.63 -14.62
C SER A 114 18.48 -7.32 -13.79
N SER A 115 19.57 -7.08 -14.49
CA SER A 115 20.84 -6.77 -13.83
C SER A 115 21.09 -5.26 -13.86
N GLY A 116 21.60 -4.77 -12.75
CA GLY A 116 21.89 -3.35 -12.63
C GLY A 116 20.60 -2.54 -12.42
N GLY A 1 0.70 31.01 9.09
CA GLY A 1 -0.13 30.36 10.07
C GLY A 1 -0.23 28.86 9.80
N SER A 2 -1.42 28.32 10.04
CA SER A 2 -1.65 26.90 9.82
C SER A 2 -3.16 26.63 9.76
N SER A 3 -3.54 25.82 8.80
CA SER A 3 -4.94 25.47 8.62
C SER A 3 -5.08 24.32 7.60
N GLY A 4 -6.29 23.80 7.51
CA GLY A 4 -6.56 22.71 6.58
C GLY A 4 -7.41 21.63 7.25
N SER A 5 -8.42 21.17 6.51
CA SER A 5 -9.30 20.14 7.02
C SER A 5 -10.26 19.69 5.92
N SER A 6 -10.22 18.39 5.63
CA SER A 6 -11.08 17.82 4.60
C SER A 6 -11.09 16.30 4.73
N GLY A 7 -12.15 15.70 4.18
CA GLY A 7 -12.30 14.26 4.22
C GLY A 7 -13.49 13.81 3.37
N SER A 8 -13.18 13.16 2.27
CA SER A 8 -14.21 12.68 1.36
C SER A 8 -13.67 11.51 0.53
N GLY A 9 -12.58 11.78 -0.16
CA GLY A 9 -11.96 10.77 -1.00
C GLY A 9 -11.67 9.50 -0.20
N GLY A 10 -10.74 9.63 0.74
CA GLY A 10 -10.36 8.50 1.58
C GLY A 10 -8.88 8.56 1.94
N THR A 11 -8.51 7.75 2.93
CA THR A 11 -7.13 7.71 3.38
C THR A 11 -6.59 6.28 3.29
N LEU A 12 -5.27 6.19 3.17
CA LEU A 12 -4.62 4.89 3.08
C LEU A 12 -3.40 4.88 4.00
N ARG A 13 -3.37 3.88 4.87
CA ARG A 13 -2.26 3.74 5.80
C ARG A 13 -1.16 2.90 5.19
N ILE A 14 -0.11 3.58 4.74
CA ILE A 14 1.02 2.91 4.13
C ILE A 14 2.12 2.72 5.18
N TYR A 15 2.10 1.55 5.80
CA TYR A 15 3.09 1.23 6.81
C TYR A 15 4.48 1.07 6.20
N ALA A 16 4.52 0.36 5.08
CA ALA A 16 5.78 0.11 4.39
C ALA A 16 6.87 -0.22 5.41
N ASP A 17 6.51 -1.07 6.35
CA ASP A 17 7.44 -1.48 7.39
C ASP A 17 8.56 -2.32 6.77
N SER A 18 9.41 -1.65 6.02
CA SER A 18 10.52 -2.31 5.37
C SER A 18 11.45 -1.28 4.72
N LEU A 19 10.85 -0.37 3.97
CA LEU A 19 11.60 0.67 3.29
C LEU A 19 11.96 1.76 4.31
N LYS A 20 11.07 1.96 5.26
CA LYS A 20 11.27 2.97 6.28
C LYS A 20 10.82 2.42 7.64
N PRO A 21 11.80 1.82 8.38
CA PRO A 21 11.52 1.25 9.68
C PRO A 21 11.34 2.35 10.73
N ASN A 22 12.21 3.36 10.65
CA ASN A 22 12.16 4.46 11.58
C ASN A 22 10.70 4.90 11.78
N ILE A 23 10.09 5.31 10.69
CA ILE A 23 8.70 5.76 10.73
C ILE A 23 7.79 4.54 10.90
N PRO A 24 6.73 4.72 11.74
CA PRO A 24 5.78 3.65 11.99
C PRO A 24 4.85 3.45 10.79
N TYR A 25 4.20 4.53 10.40
CA TYR A 25 3.28 4.49 9.28
C TYR A 25 3.04 5.88 8.70
N LYS A 26 2.44 5.91 7.52
CA LYS A 26 2.15 7.17 6.86
C LYS A 26 0.72 7.14 6.32
N THR A 27 0.08 8.30 6.34
CA THR A 27 -1.28 8.42 5.84
C THR A 27 -1.38 9.53 4.80
N ILE A 28 -1.60 9.10 3.56
CA ILE A 28 -1.72 10.05 2.46
C ILE A 28 -3.16 10.04 1.94
N LEU A 29 -3.54 11.16 1.33
CA LEU A 29 -4.88 11.30 0.79
C LEU A 29 -4.98 10.50 -0.51
N LEU A 30 -5.77 9.43 -0.45
CA LEU A 30 -5.96 8.58 -1.60
C LEU A 30 -7.42 8.65 -2.05
N SER A 31 -7.64 8.26 -3.30
CA SER A 31 -8.99 8.28 -3.86
C SER A 31 -9.37 6.88 -4.36
N THR A 32 -10.64 6.55 -4.19
CA THR A 32 -11.14 5.25 -4.61
C THR A 32 -10.49 4.85 -5.94
N THR A 33 -10.16 5.86 -6.74
CA THR A 33 -9.54 5.61 -8.02
C THR A 33 -8.01 5.62 -7.89
N ASP A 34 -7.43 6.78 -8.18
CA ASP A 34 -5.99 6.93 -8.10
C ASP A 34 -5.31 5.73 -8.77
N THR A 35 -4.00 5.66 -8.59
CA THR A 35 -3.23 4.57 -9.17
C THR A 35 -2.08 4.18 -8.23
N ALA A 36 -1.74 2.90 -8.29
CA ALA A 36 -0.66 2.38 -7.46
C ALA A 36 0.63 3.16 -7.74
N ASP A 37 0.83 3.46 -9.02
CA ASP A 37 2.00 4.20 -9.43
C ASP A 37 2.01 5.58 -8.78
N PHE A 38 0.81 6.16 -8.70
CA PHE A 38 0.66 7.47 -8.09
C PHE A 38 0.86 7.39 -6.57
N ALA A 39 0.13 6.47 -5.95
CA ALA A 39 0.22 6.29 -4.52
C ALA A 39 1.67 6.03 -4.13
N VAL A 40 2.32 5.19 -4.91
CA VAL A 40 3.71 4.85 -4.65
C VAL A 40 4.53 6.14 -4.51
N ALA A 41 4.64 6.85 -5.61
CA ALA A 41 5.39 8.10 -5.63
C ALA A 41 5.05 8.90 -4.37
N GLU A 42 3.77 9.17 -4.20
CA GLU A 42 3.31 9.92 -3.04
C GLU A 42 4.02 9.44 -1.77
N SER A 43 3.70 8.22 -1.38
CA SER A 43 4.30 7.63 -0.19
C SER A 43 5.78 8.01 -0.11
N LEU A 44 6.51 7.67 -1.17
CA LEU A 44 7.93 7.97 -1.22
C LEU A 44 8.16 9.41 -0.75
N GLU A 45 7.66 10.35 -1.55
CA GLU A 45 7.80 11.75 -1.22
C GLU A 45 7.31 12.03 0.20
N LYS A 46 6.09 11.58 0.46
CA LYS A 46 5.49 11.76 1.78
C LYS A 46 6.48 11.30 2.86
N TYR A 47 7.15 10.20 2.56
CA TYR A 47 8.12 9.64 3.49
C TYR A 47 9.43 10.44 3.45
N GLY A 48 9.74 10.96 2.27
CA GLY A 48 10.95 11.73 2.08
C GLY A 48 11.76 11.19 0.90
N LEU A 49 11.27 10.10 0.33
CA LEU A 49 11.94 9.49 -0.80
C LEU A 49 11.55 10.22 -2.09
N GLU A 50 11.83 11.51 -2.10
CA GLU A 50 11.51 12.34 -3.26
C GLU A 50 12.67 12.31 -4.26
N LYS A 51 13.17 11.11 -4.50
CA LYS A 51 14.28 10.93 -5.44
C LYS A 51 14.26 9.50 -5.98
N GLU A 52 14.08 8.57 -5.07
CA GLU A 52 14.04 7.16 -5.45
C GLU A 52 13.13 6.96 -6.66
N ASN A 53 13.14 5.75 -7.18
CA ASN A 53 12.32 5.41 -8.34
C ASN A 53 11.05 4.70 -7.88
N PRO A 54 9.89 5.37 -8.12
CA PRO A 54 8.61 4.80 -7.74
C PRO A 54 8.20 3.67 -8.68
N LYS A 55 8.70 3.75 -9.90
CA LYS A 55 8.40 2.75 -10.90
C LYS A 55 8.98 1.40 -10.46
N ASP A 56 9.83 1.47 -9.44
CA ASP A 56 10.46 0.26 -8.92
C ASP A 56 9.60 -0.30 -7.78
N TYR A 57 8.98 0.61 -7.05
CA TYR A 57 8.13 0.22 -5.94
C TYR A 57 6.66 0.13 -6.36
N CYS A 58 6.00 -0.90 -5.85
CA CYS A 58 4.59 -1.11 -6.17
C CYS A 58 3.81 -1.24 -4.86
N ILE A 59 2.50 -1.29 -5.01
CA ILE A 59 1.63 -1.40 -3.84
C ILE A 59 1.23 -2.87 -3.66
N ALA A 60 1.71 -3.46 -2.58
CA ALA A 60 1.42 -4.84 -2.28
C ALA A 60 0.47 -4.91 -1.09
N ARG A 61 -0.68 -5.52 -1.33
CA ARG A 61 -1.69 -5.66 -0.29
C ARG A 61 -1.47 -6.95 0.50
N VAL A 62 -1.51 -6.82 1.82
CA VAL A 62 -1.33 -7.97 2.69
C VAL A 62 -2.67 -8.36 3.31
N MET A 63 -3.13 -9.54 2.93
CA MET A 63 -4.40 -10.05 3.44
C MET A 63 -4.17 -11.23 4.39
N LEU A 64 -4.76 -11.10 5.58
CA LEU A 64 -4.63 -12.14 6.58
C LEU A 64 -5.47 -13.36 6.16
N PRO A 65 -5.03 -14.55 6.65
CA PRO A 65 -5.72 -15.79 6.34
C PRO A 65 -7.04 -15.89 7.12
N PRO A 66 -7.87 -16.88 6.71
CA PRO A 66 -9.16 -17.10 7.35
C PRO A 66 -8.98 -17.78 8.71
N GLY A 67 -7.97 -18.64 8.78
CA GLY A 67 -7.68 -19.35 10.02
C GLY A 67 -6.77 -18.53 10.92
N ALA A 68 -7.13 -17.28 11.10
CA ALA A 68 -6.35 -16.38 11.94
C ALA A 68 -7.29 -15.39 12.63
N GLN A 69 -8.09 -14.71 11.82
CA GLN A 69 -9.03 -13.74 12.34
C GLN A 69 -8.30 -12.71 13.22
N HIS A 70 -7.75 -11.71 12.55
CA HIS A 70 -7.02 -10.67 13.27
C HIS A 70 -6.11 -11.29 14.31
N SER A 71 -5.30 -12.24 13.87
CA SER A 71 -4.37 -12.93 14.75
C SER A 71 -3.03 -12.20 14.77
N ASP A 72 -2.41 -12.16 13.59
CA ASP A 72 -1.12 -11.50 13.45
C ASP A 72 -0.64 -11.61 12.01
N GLU A 73 -0.29 -10.46 11.44
CA GLU A 73 0.18 -10.41 10.07
C GLU A 73 1.18 -11.54 9.81
N ARG A 74 1.90 -11.91 10.86
CA ARG A 74 2.88 -12.97 10.77
C ARG A 74 2.26 -14.21 10.11
N GLY A 75 2.84 -14.60 8.98
CA GLY A 75 2.36 -15.75 8.25
C GLY A 75 1.27 -15.36 7.25
N ALA A 76 1.18 -14.06 7.03
CA ALA A 76 0.18 -13.54 6.10
C ALA A 76 0.71 -13.68 4.67
N LYS A 77 -0.18 -13.42 3.71
CA LYS A 77 0.18 -13.51 2.31
C LYS A 77 -0.29 -12.25 1.59
N GLU A 78 0.67 -11.55 0.99
CA GLU A 78 0.36 -10.33 0.28
C GLU A 78 0.41 -10.58 -1.24
N ILE A 79 -0.36 -9.79 -1.96
CA ILE A 79 -0.42 -9.92 -3.40
C ILE A 79 -0.23 -8.54 -4.04
N ILE A 80 0.80 -8.44 -4.86
CA ILE A 80 1.10 -7.18 -5.54
C ILE A 80 -0.09 -6.79 -6.42
N LEU A 81 -0.14 -5.51 -6.76
CA LEU A 81 -1.20 -4.99 -7.59
C LEU A 81 -0.60 -4.39 -8.87
N ASP A 82 -1.45 -4.29 -9.88
CA ASP A 82 -1.02 -3.73 -11.15
C ASP A 82 -0.44 -2.33 -10.92
N ASP A 83 -0.17 -1.65 -12.03
CA ASP A 83 0.39 -0.31 -11.96
C ASP A 83 -0.72 0.71 -12.24
N ASP A 84 -1.92 0.37 -11.81
CA ASP A 84 -3.06 1.24 -12.01
C ASP A 84 -4.25 0.71 -11.20
N GLU A 85 -3.94 0.15 -10.04
CA GLU A 85 -4.96 -0.39 -9.17
C GLU A 85 -5.46 0.69 -8.21
N CYS A 86 -6.41 0.29 -7.36
CA CYS A 86 -6.98 1.20 -6.38
C CYS A 86 -6.88 0.55 -5.00
N PRO A 87 -5.87 1.01 -4.22
CA PRO A 87 -5.66 0.49 -2.88
C PRO A 87 -6.71 1.02 -1.91
N LEU A 88 -7.40 2.06 -2.35
CA LEU A 88 -8.44 2.68 -1.54
C LEU A 88 -9.75 1.92 -1.73
N GLN A 89 -10.20 1.90 -2.98
CA GLN A 89 -11.44 1.22 -3.32
C GLN A 89 -11.38 -0.24 -2.89
N ILE A 90 -10.27 -0.88 -3.24
CA ILE A 90 -10.07 -2.28 -2.90
C ILE A 90 -10.45 -2.49 -1.42
N PHE A 91 -9.89 -1.64 -0.57
CA PHE A 91 -10.15 -1.74 0.84
C PHE A 91 -11.62 -1.40 1.17
N ARG A 92 -12.10 -0.35 0.50
CA ARG A 92 -13.48 0.07 0.70
C ARG A 92 -14.44 -1.09 0.45
N GLU A 93 -14.02 -1.98 -0.43
CA GLU A 93 -14.83 -3.15 -0.77
C GLU A 93 -14.20 -4.42 -0.20
N TRP A 94 -13.56 -4.27 0.96
CA TRP A 94 -12.91 -5.39 1.62
C TRP A 94 -13.93 -6.04 2.56
N PRO A 95 -13.97 -7.40 2.52
CA PRO A 95 -14.88 -8.14 3.36
C PRO A 95 -14.40 -8.17 4.82
N SER A 96 -13.14 -7.77 4.99
CA SER A 96 -12.55 -7.73 6.31
C SER A 96 -12.34 -9.16 6.84
N ASP A 97 -13.45 -9.87 6.96
CA ASP A 97 -13.40 -11.25 7.44
C ASP A 97 -12.22 -11.97 6.80
N LYS A 98 -12.11 -11.81 5.48
CA LYS A 98 -11.04 -12.44 4.73
C LYS A 98 -9.74 -12.33 5.53
N GLY A 99 -9.56 -11.17 6.14
CA GLY A 99 -8.37 -10.93 6.94
C GLY A 99 -7.91 -9.46 6.80
N ILE A 100 -7.26 -8.98 7.85
CA ILE A 100 -6.78 -7.62 7.86
C ILE A 100 -6.18 -7.28 6.49
N LEU A 101 -6.29 -6.00 6.14
CA LEU A 101 -5.77 -5.54 4.87
C LEU A 101 -4.75 -4.43 5.11
N VAL A 102 -3.62 -4.53 4.43
CA VAL A 102 -2.56 -3.55 4.57
C VAL A 102 -1.82 -3.42 3.24
N PHE A 103 -1.40 -2.20 2.94
CA PHE A 103 -0.68 -1.93 1.71
C PHE A 103 0.75 -1.44 2.01
N GLN A 104 1.70 -2.31 1.73
CA GLN A 104 3.09 -1.98 1.96
C GLN A 104 3.74 -1.48 0.67
N LEU A 105 4.73 -0.60 0.83
CA LEU A 105 5.44 -0.05 -0.30
C LEU A 105 6.85 -0.63 -0.37
N LYS A 106 7.11 -1.35 -1.44
CA LYS A 106 8.42 -1.96 -1.63
C LYS A 106 8.54 -2.45 -3.08
N ARG A 107 9.79 -2.59 -3.52
CA ARG A 107 10.06 -3.04 -4.87
C ARG A 107 9.14 -4.21 -5.23
N ARG A 108 9.00 -4.44 -6.53
CA ARG A 108 8.16 -5.52 -7.02
C ARG A 108 8.90 -6.85 -6.94
N PRO A 109 8.27 -7.81 -6.21
CA PRO A 109 8.86 -9.14 -6.04
C PRO A 109 8.73 -9.96 -7.32
N PRO A 110 9.87 -10.53 -7.77
CA PRO A 110 9.90 -11.34 -8.97
C PRO A 110 9.27 -12.72 -8.72
N SER A 111 9.75 -13.36 -7.67
CA SER A 111 9.24 -14.68 -7.30
C SER A 111 9.82 -15.10 -5.94
N GLY A 112 11.13 -14.95 -5.82
CA GLY A 112 11.81 -15.31 -4.59
C GLY A 112 13.32 -15.25 -4.76
N PRO A 113 13.83 -13.99 -4.91
CA PRO A 113 15.26 -13.78 -5.08
C PRO A 113 16.00 -13.97 -3.75
N SER A 114 15.66 -13.11 -2.79
CA SER A 114 16.28 -13.17 -1.49
C SER A 114 17.78 -12.88 -1.61
N SER A 115 18.12 -11.60 -1.45
CA SER A 115 19.50 -11.18 -1.53
C SER A 115 20.03 -11.39 -2.95
N GLY A 116 20.99 -10.56 -3.33
CA GLY A 116 21.58 -10.64 -4.65
C GLY A 116 21.45 -9.31 -5.40
N GLY A 1 -1.11 22.78 -7.50
CA GLY A 1 -1.99 22.52 -6.38
C GLY A 1 -3.46 22.67 -6.79
N SER A 2 -4.33 22.57 -5.79
CA SER A 2 -5.76 22.70 -6.02
C SER A 2 -6.51 22.74 -4.70
N SER A 3 -6.91 23.94 -4.31
CA SER A 3 -7.63 24.12 -3.05
C SER A 3 -9.13 23.88 -3.29
N GLY A 4 -9.75 23.28 -2.28
CA GLY A 4 -11.18 22.99 -2.36
C GLY A 4 -11.50 21.64 -1.73
N SER A 5 -12.53 21.00 -2.24
CA SER A 5 -12.95 19.71 -1.75
C SER A 5 -13.60 18.90 -2.86
N SER A 6 -13.75 17.60 -2.62
CA SER A 6 -14.35 16.71 -3.58
C SER A 6 -15.55 15.99 -2.96
N GLY A 7 -15.29 15.37 -1.83
CA GLY A 7 -16.34 14.64 -1.12
C GLY A 7 -15.93 13.19 -0.88
N SER A 8 -15.97 12.40 -1.95
CA SER A 8 -15.62 11.00 -1.86
C SER A 8 -14.11 10.86 -1.66
N GLY A 9 -13.72 9.73 -1.09
CA GLY A 9 -12.31 9.46 -0.84
C GLY A 9 -12.06 9.28 0.66
N GLY A 10 -10.82 9.53 1.05
CA GLY A 10 -10.43 9.40 2.44
C GLY A 10 -8.90 9.37 2.58
N THR A 11 -8.44 8.44 3.40
CA THR A 11 -7.01 8.29 3.64
C THR A 11 -6.57 6.84 3.40
N LEU A 12 -5.26 6.66 3.32
CA LEU A 12 -4.71 5.33 3.11
C LEU A 12 -3.50 5.13 4.02
N ARG A 13 -3.55 4.06 4.80
CA ARG A 13 -2.47 3.75 5.72
C ARG A 13 -1.37 2.97 4.99
N ILE A 14 -0.27 3.66 4.73
CA ILE A 14 0.86 3.04 4.05
C ILE A 14 1.96 2.75 5.06
N TYR A 15 1.81 1.61 5.73
CA TYR A 15 2.79 1.20 6.72
C TYR A 15 4.18 1.03 6.09
N ALA A 16 4.20 0.33 4.97
CA ALA A 16 5.45 0.08 4.27
C ALA A 16 6.55 -0.22 5.29
N ASP A 17 6.32 -1.26 6.08
CA ASP A 17 7.28 -1.66 7.09
C ASP A 17 8.41 -2.45 6.43
N SER A 18 9.16 -1.75 5.58
CA SER A 18 10.26 -2.38 4.89
C SER A 18 11.16 -1.30 4.26
N LEU A 19 10.61 -0.60 3.28
CA LEU A 19 11.34 0.44 2.60
C LEU A 19 11.84 1.47 3.63
N LYS A 20 10.98 1.75 4.60
CA LYS A 20 11.31 2.70 5.64
C LYS A 20 10.91 2.12 7.00
N PRO A 21 11.89 1.43 7.64
CA PRO A 21 11.65 0.82 8.93
C PRO A 21 11.63 1.88 10.05
N ASN A 22 12.37 2.95 9.80
CA ASN A 22 12.45 4.04 10.76
C ASN A 22 11.03 4.47 11.16
N ILE A 23 10.28 4.88 10.15
CA ILE A 23 8.91 5.32 10.37
C ILE A 23 8.01 4.10 10.59
N PRO A 24 7.06 4.25 11.56
CA PRO A 24 6.14 3.17 11.86
C PRO A 24 5.07 3.03 10.78
N TYR A 25 4.52 4.16 10.38
CA TYR A 25 3.49 4.18 9.36
C TYR A 25 3.23 5.60 8.86
N LYS A 26 2.64 5.68 7.67
CA LYS A 26 2.34 6.96 7.07
C LYS A 26 0.96 6.91 6.40
N THR A 27 0.27 8.04 6.43
CA THR A 27 -1.05 8.11 5.83
C THR A 27 -1.13 9.31 4.88
N ILE A 28 -1.28 9.00 3.61
CA ILE A 28 -1.37 10.04 2.58
C ILE A 28 -2.81 10.15 2.10
N LEU A 29 -3.12 11.31 1.53
CA LEU A 29 -4.47 11.55 1.02
C LEU A 29 -4.65 10.81 -0.31
N LEU A 30 -5.42 9.74 -0.25
CA LEU A 30 -5.69 8.94 -1.43
C LEU A 30 -7.19 8.98 -1.75
N SER A 31 -7.51 8.67 -2.99
CA SER A 31 -8.90 8.67 -3.43
C SER A 31 -9.25 7.29 -4.00
N THR A 32 -10.51 7.18 -4.42
CA THR A 32 -11.00 5.94 -4.99
C THR A 32 -10.86 5.95 -6.52
N THR A 33 -9.95 6.79 -6.99
CA THR A 33 -9.72 6.91 -8.42
C THR A 33 -8.23 6.76 -8.72
N ASP A 34 -7.42 7.40 -7.90
CA ASP A 34 -5.98 7.34 -8.07
C ASP A 34 -5.55 5.89 -8.29
N THR A 35 -4.30 5.73 -8.68
CA THR A 35 -3.75 4.40 -8.93
C THR A 35 -2.60 4.10 -7.98
N ALA A 36 -2.09 2.89 -8.07
CA ALA A 36 -0.98 2.47 -7.22
C ALA A 36 0.28 3.25 -7.61
N ASP A 37 0.61 3.17 -8.89
CA ASP A 37 1.79 3.86 -9.39
C ASP A 37 1.86 5.25 -8.78
N PHE A 38 0.72 5.92 -8.74
CA PHE A 38 0.64 7.25 -8.18
C PHE A 38 0.95 7.24 -6.69
N ALA A 39 0.21 6.40 -5.97
CA ALA A 39 0.40 6.29 -4.53
C ALA A 39 1.88 6.07 -4.23
N VAL A 40 2.48 5.16 -4.99
CA VAL A 40 3.89 4.86 -4.82
C VAL A 40 4.68 6.16 -4.68
N ALA A 41 4.77 6.88 -5.79
CA ALA A 41 5.50 8.14 -5.82
C ALA A 41 5.15 8.94 -4.57
N GLU A 42 3.85 9.13 -4.37
CA GLU A 42 3.37 9.88 -3.21
C GLU A 42 4.03 9.36 -1.94
N SER A 43 3.65 8.15 -1.57
CA SER A 43 4.19 7.52 -0.37
C SER A 43 5.68 7.84 -0.24
N LEU A 44 6.40 7.61 -1.33
CA LEU A 44 7.83 7.86 -1.36
C LEU A 44 8.09 9.30 -0.90
N GLU A 45 7.64 10.23 -1.72
CA GLU A 45 7.82 11.65 -1.41
C GLU A 45 7.30 11.95 0.00
N LYS A 46 6.06 11.56 0.24
CA LYS A 46 5.45 11.79 1.53
C LYS A 46 6.42 11.37 2.64
N TYR A 47 6.97 10.18 2.48
CA TYR A 47 7.92 9.66 3.45
C TYR A 47 9.21 10.46 3.45
N GLY A 48 9.48 11.09 2.31
CA GLY A 48 10.68 11.90 2.16
C GLY A 48 11.53 11.40 0.99
N LEU A 49 11.13 10.26 0.46
CA LEU A 49 11.85 9.67 -0.66
C LEU A 49 11.50 10.41 -1.94
N GLU A 50 11.89 11.68 -1.99
CA GLU A 50 11.63 12.50 -3.14
C GLU A 50 12.79 12.44 -4.13
N LYS A 51 13.30 11.22 -4.31
CA LYS A 51 14.41 11.00 -5.21
C LYS A 51 14.36 9.57 -5.75
N GLU A 52 14.13 8.64 -4.84
CA GLU A 52 14.04 7.24 -5.21
C GLU A 52 13.17 7.06 -6.46
N ASN A 53 13.20 5.86 -7.00
CA ASN A 53 12.42 5.55 -8.19
C ASN A 53 11.16 4.80 -7.79
N PRO A 54 9.99 5.40 -8.15
CA PRO A 54 8.70 4.81 -7.82
C PRO A 54 8.41 3.61 -8.74
N LYS A 55 9.19 3.53 -9.81
CA LYS A 55 9.01 2.45 -10.76
C LYS A 55 9.72 1.20 -10.23
N ASP A 56 10.53 1.40 -9.21
CA ASP A 56 11.26 0.29 -8.60
C ASP A 56 10.42 -0.31 -7.48
N TYR A 57 9.40 0.43 -7.08
CA TYR A 57 8.52 -0.01 -6.02
C TYR A 57 7.07 -0.07 -6.49
N CYS A 58 6.23 -0.70 -5.68
CA CYS A 58 4.82 -0.82 -6.00
C CYS A 58 4.03 -0.89 -4.70
N ILE A 59 2.74 -1.18 -4.83
CA ILE A 59 1.87 -1.27 -3.68
C ILE A 59 1.43 -2.72 -3.50
N ALA A 60 2.10 -3.40 -2.57
CA ALA A 60 1.79 -4.79 -2.29
C ALA A 60 0.81 -4.86 -1.10
N ARG A 61 -0.36 -5.43 -1.37
CA ARG A 61 -1.37 -5.57 -0.34
C ARG A 61 -1.20 -6.88 0.41
N VAL A 62 -1.27 -6.78 1.73
CA VAL A 62 -1.12 -7.96 2.57
C VAL A 62 -2.47 -8.30 3.20
N MET A 63 -2.92 -9.51 2.93
CA MET A 63 -4.20 -9.97 3.46
C MET A 63 -3.98 -11.03 4.55
N LEU A 64 -4.49 -10.72 5.74
CA LEU A 64 -4.36 -11.63 6.87
C LEU A 64 -5.26 -12.85 6.64
N PRO A 65 -4.85 -13.99 7.26
CA PRO A 65 -5.61 -15.22 7.14
C PRO A 65 -6.86 -15.17 7.99
N PRO A 66 -7.73 -16.21 7.80
CA PRO A 66 -8.97 -16.30 8.55
C PRO A 66 -8.71 -16.72 10.00
N GLY A 67 -7.70 -17.56 10.16
CA GLY A 67 -7.34 -18.06 11.47
C GLY A 67 -6.20 -17.22 12.08
N ALA A 68 -6.54 -15.97 12.37
CA ALA A 68 -5.55 -15.07 12.96
C ALA A 68 -6.26 -13.78 13.42
N GLN A 69 -5.47 -12.88 13.97
CA GLN A 69 -6.01 -11.62 14.45
C GLN A 69 -4.94 -10.53 14.38
N HIS A 70 -3.80 -10.82 14.96
CA HIS A 70 -2.69 -9.87 14.97
C HIS A 70 -1.48 -10.50 15.67
N SER A 71 -0.50 -9.65 15.94
CA SER A 71 0.71 -10.10 16.60
C SER A 71 1.43 -11.14 15.73
N ASP A 72 1.11 -12.41 15.99
CA ASP A 72 1.72 -13.50 15.25
C ASP A 72 1.04 -13.60 13.88
N GLU A 73 1.55 -12.84 12.93
CA GLU A 73 1.01 -12.84 11.58
C GLU A 73 1.64 -13.96 10.76
N ARG A 74 1.72 -15.13 11.37
CA ARG A 74 2.29 -16.29 10.70
C ARG A 74 1.31 -16.86 9.67
N GLY A 75 1.68 -16.72 8.41
CA GLY A 75 0.84 -17.21 7.33
C GLY A 75 0.43 -16.07 6.39
N ALA A 76 0.33 -14.88 6.97
CA ALA A 76 -0.05 -13.71 6.19
C ALA A 76 0.75 -13.68 4.90
N LYS A 77 0.04 -13.53 3.79
CA LYS A 77 0.68 -13.48 2.49
C LYS A 77 0.15 -12.26 1.72
N GLU A 78 1.07 -11.59 1.04
CA GLU A 78 0.71 -10.41 0.26
C GLU A 78 0.80 -10.72 -1.23
N ILE A 79 0.04 -9.96 -2.01
CA ILE A 79 0.01 -10.14 -3.44
C ILE A 79 0.13 -8.78 -4.13
N ILE A 80 1.24 -8.60 -4.83
CA ILE A 80 1.50 -7.36 -5.53
C ILE A 80 0.29 -7.01 -6.41
N LEU A 81 0.08 -5.72 -6.58
CA LEU A 81 -1.04 -5.24 -7.37
C LEU A 81 -0.55 -4.95 -8.79
N ASP A 82 -1.50 -4.88 -9.72
CA ASP A 82 -1.17 -4.61 -11.10
C ASP A 82 -0.30 -3.36 -11.18
N ASP A 83 -0.93 -2.21 -10.99
CA ASP A 83 -0.21 -0.95 -11.03
C ASP A 83 -1.22 0.20 -11.15
N ASP A 84 -2.29 -0.06 -11.88
CA ASP A 84 -3.33 0.93 -12.07
C ASP A 84 -4.54 0.56 -11.21
N GLU A 85 -4.28 -0.19 -10.15
CA GLU A 85 -5.34 -0.60 -9.25
C GLU A 85 -5.67 0.51 -8.26
N CYS A 86 -6.66 0.24 -7.42
CA CYS A 86 -7.08 1.21 -6.42
C CYS A 86 -7.08 0.52 -5.06
N PRO A 87 -6.22 1.05 -4.14
CA PRO A 87 -6.12 0.50 -2.81
C PRO A 87 -7.32 0.89 -1.95
N LEU A 88 -7.77 2.13 -2.15
CA LEU A 88 -8.91 2.64 -1.41
C LEU A 88 -10.16 1.87 -1.82
N GLN A 89 -10.43 1.87 -3.12
CA GLN A 89 -11.59 1.16 -3.64
C GLN A 89 -11.55 -0.30 -3.24
N ILE A 90 -10.38 -0.91 -3.40
CA ILE A 90 -10.20 -2.31 -3.06
C ILE A 90 -10.50 -2.51 -1.57
N PHE A 91 -9.90 -1.66 -0.76
CA PHE A 91 -10.10 -1.73 0.68
C PHE A 91 -11.59 -1.72 1.03
N ARG A 92 -12.29 -0.71 0.52
CA ARG A 92 -13.71 -0.58 0.77
C ARG A 92 -14.44 -1.85 0.35
N GLU A 93 -14.13 -2.31 -0.86
CA GLU A 93 -14.74 -3.51 -1.39
C GLU A 93 -13.89 -4.75 -1.04
N TRP A 94 -13.57 -4.85 0.24
CA TRP A 94 -12.77 -5.97 0.71
C TRP A 94 -13.58 -6.71 1.77
N PRO A 95 -13.65 -8.07 1.61
CA PRO A 95 -14.38 -8.90 2.55
C PRO A 95 -13.61 -9.06 3.85
N SER A 96 -14.00 -8.27 4.84
CA SER A 96 -13.36 -8.32 6.14
C SER A 96 -13.19 -9.78 6.59
N ASP A 97 -14.06 -10.62 6.07
CA ASP A 97 -14.02 -12.03 6.41
C ASP A 97 -12.72 -12.64 5.90
N LYS A 98 -12.34 -12.24 4.69
CA LYS A 98 -11.13 -12.73 4.07
C LYS A 98 -9.95 -12.44 5.00
N GLY A 99 -10.12 -11.42 5.83
CA GLY A 99 -9.09 -11.03 6.77
C GLY A 99 -8.76 -9.54 6.65
N ILE A 100 -7.83 -9.10 7.46
CA ILE A 100 -7.42 -7.70 7.46
C ILE A 100 -6.70 -7.39 6.14
N LEU A 101 -6.76 -6.12 5.76
CA LEU A 101 -6.13 -5.67 4.54
C LEU A 101 -5.11 -4.57 4.86
N VAL A 102 -3.96 -4.67 4.22
CA VAL A 102 -2.90 -3.71 4.42
C VAL A 102 -2.12 -3.50 3.11
N PHE A 103 -1.77 -2.25 2.86
CA PHE A 103 -1.03 -1.91 1.67
C PHE A 103 0.38 -1.42 2.00
N GLN A 104 1.35 -2.29 1.76
CA GLN A 104 2.74 -1.96 2.02
C GLN A 104 3.44 -1.54 0.74
N LEU A 105 4.44 -0.68 0.90
CA LEU A 105 5.20 -0.18 -0.25
C LEU A 105 6.63 -0.70 -0.14
N LYS A 106 7.03 -1.44 -1.17
CA LYS A 106 8.37 -2.00 -1.22
C LYS A 106 8.69 -2.44 -2.65
N ARG A 107 9.93 -2.85 -2.84
CA ARG A 107 10.37 -3.31 -4.15
C ARG A 107 9.43 -4.39 -4.68
N ARG A 108 9.40 -4.50 -6.00
CA ARG A 108 8.55 -5.49 -6.65
C ARG A 108 9.33 -6.78 -6.91
N PRO A 109 8.77 -7.90 -6.40
CA PRO A 109 9.41 -9.20 -6.57
C PRO A 109 9.23 -9.72 -8.00
N PRO A 110 10.38 -9.80 -8.73
CA PRO A 110 10.36 -10.27 -10.09
C PRO A 110 10.16 -11.80 -10.16
N SER A 111 10.76 -12.47 -9.17
CA SER A 111 10.67 -13.92 -9.11
C SER A 111 11.32 -14.43 -7.82
N GLY A 112 10.52 -14.46 -6.76
CA GLY A 112 11.02 -14.92 -5.47
C GLY A 112 10.63 -13.94 -4.35
N PRO A 113 10.90 -14.37 -3.10
CA PRO A 113 10.59 -13.55 -1.94
C PRO A 113 11.59 -12.40 -1.80
N SER A 114 11.11 -11.31 -1.23
CA SER A 114 11.95 -10.14 -1.03
C SER A 114 12.44 -10.09 0.42
N SER A 115 13.69 -9.67 0.57
CA SER A 115 14.29 -9.58 1.88
C SER A 115 15.09 -8.27 2.01
N GLY A 116 14.78 -7.53 3.06
CA GLY A 116 15.45 -6.26 3.30
C GLY A 116 15.06 -5.68 4.65
N GLY A 1 -6.82 31.69 -4.71
CA GLY A 1 -7.06 30.40 -4.07
C GLY A 1 -8.56 30.17 -3.87
N SER A 2 -8.94 28.89 -3.91
CA SER A 2 -10.32 28.52 -3.73
C SER A 2 -10.71 28.63 -2.26
N SER A 3 -11.99 28.91 -2.04
CA SER A 3 -12.50 29.06 -0.69
C SER A 3 -13.39 27.87 -0.33
N GLY A 4 -12.80 26.91 0.36
CA GLY A 4 -13.52 25.72 0.77
C GLY A 4 -12.59 24.70 1.41
N SER A 5 -13.19 23.64 1.94
CA SER A 5 -12.42 22.59 2.58
C SER A 5 -12.20 21.43 1.61
N SER A 6 -13.29 20.88 1.13
CA SER A 6 -13.23 19.76 0.19
C SER A 6 -12.47 18.60 0.82
N GLY A 7 -12.69 17.42 0.26
CA GLY A 7 -12.03 16.22 0.74
C GLY A 7 -12.47 14.99 -0.05
N SER A 8 -12.14 15.01 -1.34
CA SER A 8 -12.50 13.91 -2.21
C SER A 8 -11.67 12.67 -1.86
N GLY A 9 -12.37 11.60 -1.55
CA GLY A 9 -11.71 10.35 -1.19
C GLY A 9 -11.46 10.28 0.31
N GLY A 10 -10.66 9.30 0.70
CA GLY A 10 -10.32 9.11 2.10
C GLY A 10 -8.81 9.09 2.31
N THR A 11 -8.37 8.16 3.14
CA THR A 11 -6.96 8.02 3.44
C THR A 11 -6.52 6.58 3.26
N LEU A 12 -5.20 6.38 3.26
CA LEU A 12 -4.64 5.05 3.09
C LEU A 12 -3.37 4.94 3.95
N ARG A 13 -3.38 3.95 4.83
CA ARG A 13 -2.24 3.72 5.71
C ARG A 13 -1.18 2.87 4.99
N ILE A 14 -0.08 3.50 4.66
CA ILE A 14 1.01 2.81 3.98
C ILE A 14 2.13 2.52 4.99
N TYR A 15 1.97 1.43 5.72
CA TYR A 15 2.96 1.05 6.71
C TYR A 15 4.35 0.94 6.08
N ALA A 16 4.41 0.24 4.96
CA ALA A 16 5.67 0.07 4.25
C ALA A 16 6.78 -0.21 5.27
N ASP A 17 6.76 -1.41 5.81
CA ASP A 17 7.75 -1.80 6.79
C ASP A 17 8.91 -2.51 6.08
N SER A 18 9.33 -1.93 4.97
CA SER A 18 10.42 -2.49 4.19
C SER A 18 10.89 -1.48 3.15
N LEU A 19 11.11 -0.25 3.60
CA LEU A 19 11.55 0.80 2.72
C LEU A 19 11.90 2.04 3.55
N LYS A 20 11.06 2.30 4.53
CA LYS A 20 11.27 3.45 5.41
C LYS A 20 11.25 2.99 6.86
N PRO A 21 12.44 2.55 7.35
CA PRO A 21 12.55 2.09 8.73
C PRO A 21 12.54 3.25 9.71
N ASN A 22 12.40 2.92 10.98
CA ASN A 22 12.37 3.92 12.03
C ASN A 22 10.97 4.52 12.11
N ILE A 23 10.51 5.04 10.99
CA ILE A 23 9.18 5.64 10.93
C ILE A 23 8.13 4.58 11.23
N PRO A 24 7.06 5.02 11.96
CA PRO A 24 5.99 4.11 12.33
C PRO A 24 5.08 3.82 11.12
N TYR A 25 4.19 4.76 10.86
CA TYR A 25 3.27 4.61 9.74
C TYR A 25 3.00 5.97 9.07
N LYS A 26 2.68 5.90 7.79
CA LYS A 26 2.39 7.11 7.03
C LYS A 26 0.98 7.00 6.43
N THR A 27 0.33 8.15 6.35
CA THR A 27 -1.02 8.20 5.79
C THR A 27 -1.12 9.32 4.76
N ILE A 28 -1.28 8.91 3.50
CA ILE A 28 -1.40 9.86 2.41
C ILE A 28 -2.84 9.89 1.91
N LEU A 29 -3.22 11.03 1.34
CA LEU A 29 -4.56 11.18 0.81
C LEU A 29 -4.70 10.39 -0.49
N LEU A 30 -5.61 9.42 -0.45
CA LEU A 30 -5.85 8.59 -1.62
C LEU A 30 -7.31 8.72 -2.04
N SER A 31 -7.57 8.38 -3.30
CA SER A 31 -8.91 8.45 -3.84
C SER A 31 -9.32 7.10 -4.39
N THR A 32 -10.60 7.00 -4.74
CA THR A 32 -11.13 5.75 -5.29
C THR A 32 -10.89 5.70 -6.80
N THR A 33 -10.15 6.68 -7.30
CA THR A 33 -9.84 6.75 -8.71
C THR A 33 -8.33 6.65 -8.94
N ASP A 34 -7.59 7.24 -8.01
CA ASP A 34 -6.14 7.23 -8.09
C ASP A 34 -5.66 5.81 -8.36
N THR A 35 -4.35 5.68 -8.53
CA THR A 35 -3.76 4.37 -8.80
C THR A 35 -2.62 4.10 -7.80
N ALA A 36 -1.95 2.98 -8.02
CA ALA A 36 -0.84 2.60 -7.16
C ALA A 36 0.36 3.49 -7.47
N ASP A 37 0.72 3.53 -8.74
CA ASP A 37 1.85 4.33 -9.18
C ASP A 37 1.80 5.70 -8.49
N PHE A 38 0.60 6.28 -8.49
CA PHE A 38 0.40 7.57 -7.87
C PHE A 38 0.71 7.53 -6.36
N ALA A 39 0.00 6.64 -5.69
CA ALA A 39 0.18 6.49 -4.25
C ALA A 39 1.66 6.25 -3.95
N VAL A 40 2.25 5.35 -4.74
CA VAL A 40 3.66 5.02 -4.57
C VAL A 40 4.48 6.32 -4.53
N ALA A 41 4.54 6.97 -5.68
CA ALA A 41 5.28 8.22 -5.78
C ALA A 41 5.02 9.07 -4.54
N GLU A 42 3.75 9.21 -4.21
CA GLU A 42 3.35 9.99 -3.06
C GLU A 42 4.02 9.45 -1.79
N SER A 43 3.79 8.17 -1.54
CA SER A 43 4.37 7.53 -0.36
C SER A 43 5.87 7.85 -0.28
N LEU A 44 6.56 7.61 -1.38
CA LEU A 44 7.99 7.86 -1.44
C LEU A 44 8.28 9.26 -0.89
N GLU A 45 7.84 10.27 -1.63
CA GLU A 45 8.04 11.65 -1.22
C GLU A 45 7.59 11.83 0.23
N LYS A 46 6.33 11.56 0.47
CA LYS A 46 5.77 11.70 1.81
C LYS A 46 6.78 11.20 2.83
N TYR A 47 7.29 10.00 2.59
CA TYR A 47 8.26 9.40 3.48
C TYR A 47 9.60 10.14 3.42
N GLY A 48 9.93 10.61 2.23
CA GLY A 48 11.16 11.35 2.03
C GLY A 48 12.02 10.68 0.94
N LEU A 49 11.35 10.21 -0.09
CA LEU A 49 12.05 9.55 -1.19
C LEU A 49 11.69 10.25 -2.50
N GLU A 50 12.00 11.53 -2.56
CA GLU A 50 11.72 12.32 -3.75
C GLU A 50 12.92 12.31 -4.69
N LYS A 51 13.40 11.12 -4.99
CA LYS A 51 14.54 10.96 -5.87
C LYS A 51 14.49 9.58 -6.54
N GLU A 52 14.22 8.58 -5.71
CA GLU A 52 14.14 7.21 -6.21
C GLU A 52 13.14 7.12 -7.35
N ASN A 53 12.85 5.90 -7.75
CA ASN A 53 11.91 5.65 -8.83
C ASN A 53 10.67 4.93 -8.28
N PRO A 54 9.49 5.58 -8.48
CA PRO A 54 8.24 5.01 -8.01
C PRO A 54 7.80 3.83 -8.90
N LYS A 55 8.21 3.91 -10.16
CA LYS A 55 7.86 2.87 -11.12
C LYS A 55 8.54 1.56 -10.70
N ASP A 56 9.46 1.67 -9.76
CA ASP A 56 10.18 0.51 -9.26
C ASP A 56 9.42 -0.10 -8.09
N TYR A 57 8.77 0.77 -7.32
CA TYR A 57 8.00 0.34 -6.17
C TYR A 57 6.51 0.32 -6.49
N CYS A 58 5.86 -0.77 -6.09
CA CYS A 58 4.43 -0.93 -6.32
C CYS A 58 3.74 -1.01 -4.96
N ILE A 59 2.41 -1.14 -5.02
CA ILE A 59 1.63 -1.23 -3.80
C ILE A 59 1.23 -2.69 -3.57
N ALA A 60 1.88 -3.30 -2.60
CA ALA A 60 1.62 -4.68 -2.26
C ALA A 60 0.67 -4.74 -1.07
N ARG A 61 -0.49 -5.36 -1.30
CA ARG A 61 -1.49 -5.48 -0.26
C ARG A 61 -1.27 -6.77 0.54
N VAL A 62 -1.25 -6.61 1.85
CA VAL A 62 -1.05 -7.76 2.74
C VAL A 62 -2.37 -8.10 3.43
N MET A 63 -2.82 -9.32 3.21
CA MET A 63 -4.06 -9.79 3.80
C MET A 63 -3.79 -10.80 4.91
N LEU A 64 -4.34 -10.51 6.09
CA LEU A 64 -4.17 -11.39 7.23
C LEU A 64 -5.15 -12.56 7.13
N PRO A 65 -4.66 -13.75 7.57
CA PRO A 65 -5.49 -14.95 7.53
C PRO A 65 -6.54 -14.93 8.63
N PRO A 66 -7.54 -15.84 8.49
CA PRO A 66 -8.62 -15.93 9.47
C PRO A 66 -8.13 -16.61 10.75
N GLY A 67 -7.53 -15.82 11.61
CA GLY A 67 -7.02 -16.33 12.87
C GLY A 67 -5.49 -16.43 12.85
N ALA A 68 -4.86 -15.33 13.22
CA ALA A 68 -3.40 -15.28 13.24
C ALA A 68 -2.95 -14.36 14.38
N GLN A 69 -1.64 -14.28 14.54
CA GLN A 69 -1.06 -13.44 15.58
C GLN A 69 -1.19 -11.96 15.20
N HIS A 70 -0.80 -11.11 16.14
CA HIS A 70 -0.87 -9.67 15.92
C HIS A 70 0.53 -9.13 15.64
N SER A 71 1.35 -9.13 16.68
CA SER A 71 2.71 -8.64 16.57
C SER A 71 3.39 -9.28 15.35
N ASP A 72 3.48 -10.60 15.38
CA ASP A 72 4.11 -11.33 14.30
C ASP A 72 3.08 -11.56 13.19
N GLU A 73 3.60 -11.76 11.99
CA GLU A 73 2.74 -11.97 10.83
C GLU A 73 2.99 -13.37 10.25
N ARG A 74 2.65 -14.37 11.04
CA ARG A 74 2.82 -15.75 10.61
C ARG A 74 1.65 -16.20 9.74
N GLY A 75 1.95 -16.42 8.48
CA GLY A 75 0.93 -16.85 7.53
C GLY A 75 0.55 -15.72 6.57
N ALA A 76 0.53 -14.50 7.13
CA ALA A 76 0.18 -13.34 6.34
C ALA A 76 0.96 -13.37 5.02
N LYS A 77 0.20 -13.29 3.93
CA LYS A 77 0.80 -13.31 2.61
C LYS A 77 0.21 -12.16 1.77
N GLU A 78 1.11 -11.32 1.26
CA GLU A 78 0.69 -10.20 0.45
C GLU A 78 0.76 -10.56 -1.04
N ILE A 79 -0.01 -9.82 -1.82
CA ILE A 79 -0.06 -10.06 -3.26
C ILE A 79 0.08 -8.72 -3.99
N ILE A 80 1.19 -8.58 -4.70
CA ILE A 80 1.44 -7.36 -5.45
C ILE A 80 0.22 -7.02 -6.30
N LEU A 81 0.10 -5.74 -6.62
CA LEU A 81 -1.02 -5.27 -7.42
C LEU A 81 -0.52 -4.94 -8.83
N ASP A 82 -1.44 -5.05 -9.78
CA ASP A 82 -1.11 -4.77 -11.17
C ASP A 82 -0.27 -3.49 -11.24
N ASP A 83 -0.95 -2.36 -11.13
CA ASP A 83 -0.29 -1.07 -11.17
C ASP A 83 -1.34 0.04 -11.21
N ASP A 84 -2.32 -0.16 -12.06
CA ASP A 84 -3.39 0.81 -12.21
C ASP A 84 -4.55 0.43 -11.28
N GLU A 85 -4.22 -0.31 -10.24
CA GLU A 85 -5.21 -0.76 -9.28
C GLU A 85 -5.53 0.37 -8.30
N CYS A 86 -6.44 0.09 -7.39
CA CYS A 86 -6.85 1.06 -6.39
C CYS A 86 -6.84 0.39 -5.02
N PRO A 87 -5.88 0.84 -4.16
CA PRO A 87 -5.76 0.29 -2.83
C PRO A 87 -6.87 0.81 -1.91
N LEU A 88 -7.57 1.82 -2.40
CA LEU A 88 -8.65 2.42 -1.65
C LEU A 88 -9.97 1.73 -2.01
N GLN A 89 -10.27 1.75 -3.31
CA GLN A 89 -11.48 1.13 -3.80
C GLN A 89 -11.50 -0.37 -3.46
N ILE A 90 -10.31 -0.96 -3.49
CA ILE A 90 -10.17 -2.37 -3.20
C ILE A 90 -10.57 -2.62 -1.73
N PHE A 91 -10.03 -1.79 -0.86
CA PHE A 91 -10.31 -1.91 0.56
C PHE A 91 -11.82 -1.88 0.83
N ARG A 92 -12.43 -0.78 0.41
CA ARG A 92 -13.87 -0.61 0.58
C ARG A 92 -14.61 -1.89 0.17
N GLU A 93 -14.02 -2.60 -0.78
CA GLU A 93 -14.60 -3.83 -1.28
C GLU A 93 -13.79 -5.04 -0.80
N TRP A 94 -13.38 -4.98 0.46
CA TRP A 94 -12.60 -6.06 1.05
C TRP A 94 -13.44 -6.70 2.16
N PRO A 95 -13.50 -8.06 2.11
CA PRO A 95 -14.27 -8.81 3.09
C PRO A 95 -13.51 -8.87 4.43
N SER A 96 -14.09 -8.20 5.42
CA SER A 96 -13.49 -8.16 6.74
C SER A 96 -13.33 -9.59 7.27
N ASP A 97 -14.10 -10.50 6.71
CA ASP A 97 -14.05 -11.89 7.11
C ASP A 97 -12.72 -12.50 6.69
N LYS A 98 -12.35 -12.23 5.44
CA LYS A 98 -11.10 -12.74 4.89
C LYS A 98 -9.96 -12.41 5.86
N GLY A 99 -10.06 -11.25 6.48
CA GLY A 99 -9.05 -10.81 7.42
C GLY A 99 -8.78 -9.31 7.27
N ILE A 100 -7.70 -8.88 7.89
CA ILE A 100 -7.30 -7.47 7.84
C ILE A 100 -6.63 -7.19 6.49
N LEU A 101 -6.71 -5.93 6.09
CA LEU A 101 -6.12 -5.52 4.83
C LEU A 101 -5.10 -4.40 5.10
N VAL A 102 -3.97 -4.50 4.39
CA VAL A 102 -2.91 -3.52 4.55
C VAL A 102 -2.18 -3.35 3.21
N PHE A 103 -1.80 -2.11 2.93
CA PHE A 103 -1.10 -1.81 1.70
C PHE A 103 0.29 -1.22 1.98
N GLN A 104 1.30 -2.03 1.72
CA GLN A 104 2.67 -1.60 1.94
C GLN A 104 3.31 -1.14 0.63
N LEU A 105 4.47 -0.51 0.75
CA LEU A 105 5.18 -0.01 -0.40
C LEU A 105 6.53 -0.72 -0.52
N LYS A 106 6.58 -1.69 -1.41
CA LYS A 106 7.79 -2.46 -1.61
C LYS A 106 8.11 -2.52 -3.11
N ARG A 107 9.28 -3.05 -3.42
CA ARG A 107 9.70 -3.17 -4.81
C ARG A 107 9.04 -4.38 -5.47
N ARG A 108 8.30 -4.11 -6.53
CA ARG A 108 7.62 -5.15 -7.26
C ARG A 108 8.62 -6.20 -7.76
N PRO A 109 8.08 -7.40 -8.08
CA PRO A 109 8.91 -8.50 -8.56
C PRO A 109 9.32 -8.26 -10.02
N PRO A 110 10.66 -8.19 -10.23
CA PRO A 110 11.21 -7.98 -11.55
C PRO A 110 11.11 -9.24 -12.40
N SER A 111 11.53 -10.35 -11.81
CA SER A 111 11.49 -11.63 -12.50
C SER A 111 11.76 -12.76 -11.51
N GLY A 112 10.69 -13.34 -11.01
CA GLY A 112 10.79 -14.43 -10.06
C GLY A 112 9.94 -14.16 -8.81
N PRO A 113 9.54 -15.27 -8.13
CA PRO A 113 8.73 -15.17 -6.94
C PRO A 113 9.57 -14.71 -5.74
N SER A 114 10.60 -15.48 -5.45
CA SER A 114 11.49 -15.17 -4.34
C SER A 114 12.01 -13.74 -4.48
N SER A 115 12.83 -13.53 -5.51
CA SER A 115 13.40 -12.22 -5.75
C SER A 115 14.44 -11.89 -4.69
N GLY A 116 15.70 -11.97 -5.09
CA GLY A 116 16.80 -11.68 -4.18
C GLY A 116 17.78 -12.85 -4.13
N GLY A 1 1.89 13.82 -10.46
CA GLY A 1 0.54 13.95 -9.94
C GLY A 1 0.42 15.20 -9.06
N SER A 2 0.25 16.33 -9.72
CA SER A 2 0.11 17.60 -9.02
C SER A 2 -1.04 17.52 -8.02
N SER A 3 -1.00 18.42 -7.05
CA SER A 3 -2.03 18.46 -6.02
C SER A 3 -3.41 18.66 -6.67
N GLY A 4 -4.44 18.38 -5.88
CA GLY A 4 -5.80 18.52 -6.37
C GLY A 4 -6.80 18.47 -5.22
N SER A 5 -7.78 19.37 -5.27
CA SER A 5 -8.80 19.43 -4.25
C SER A 5 -10.11 18.83 -4.77
N SER A 6 -10.51 17.73 -4.14
CA SER A 6 -11.74 17.05 -4.52
C SER A 6 -12.65 16.90 -3.30
N GLY A 7 -12.45 17.78 -2.34
CA GLY A 7 -13.25 17.75 -1.12
C GLY A 7 -12.58 16.90 -0.05
N SER A 8 -12.75 15.59 -0.17
CA SER A 8 -12.18 14.66 0.79
C SER A 8 -11.34 13.62 0.04
N GLY A 9 -12.03 12.63 -0.51
CA GLY A 9 -11.37 11.57 -1.24
C GLY A 9 -11.33 10.28 -0.42
N GLY A 10 -10.23 10.10 0.30
CA GLY A 10 -10.07 8.92 1.13
C GLY A 10 -8.64 8.84 1.70
N THR A 11 -8.47 7.93 2.64
CA THR A 11 -7.16 7.75 3.27
C THR A 11 -6.69 6.32 3.07
N LEU A 12 -5.41 6.11 3.38
CA LEU A 12 -4.81 4.79 3.24
C LEU A 12 -3.57 4.70 4.12
N ARG A 13 -3.48 3.61 4.86
CA ARG A 13 -2.35 3.39 5.74
C ARG A 13 -1.23 2.64 5.01
N ILE A 14 -0.18 3.37 4.68
CA ILE A 14 0.95 2.78 3.98
C ILE A 14 2.09 2.53 4.97
N TYR A 15 1.97 1.43 5.70
CA TYR A 15 2.97 1.08 6.69
C TYR A 15 4.36 0.97 6.05
N ALA A 16 4.40 0.24 4.94
CA ALA A 16 5.65 0.04 4.22
C ALA A 16 6.74 -0.36 5.20
N ASP A 17 6.85 -1.67 5.42
CA ASP A 17 7.84 -2.19 6.34
C ASP A 17 8.98 -2.83 5.54
N SER A 18 9.52 -2.04 4.62
CA SER A 18 10.61 -2.51 3.78
C SER A 18 11.07 -1.39 2.84
N LEU A 19 11.28 -0.22 3.42
CA LEU A 19 11.72 0.93 2.66
C LEU A 19 12.11 2.06 3.62
N LYS A 20 11.28 2.22 4.64
CA LYS A 20 11.53 3.26 5.64
C LYS A 20 11.29 2.69 7.03
N PRO A 21 12.39 2.20 7.65
CA PRO A 21 12.31 1.62 8.98
C PRO A 21 12.17 2.71 10.05
N ASN A 22 13.00 3.74 9.89
CA ASN A 22 12.97 4.86 10.83
C ASN A 22 11.52 5.22 11.15
N ILE A 23 10.78 5.56 10.10
CA ILE A 23 9.38 5.93 10.26
C ILE A 23 8.54 4.66 10.38
N PRO A 24 7.53 4.72 11.29
CA PRO A 24 6.64 3.59 11.51
C PRO A 24 5.64 3.44 10.36
N TYR A 25 4.61 4.26 10.41
CA TYR A 25 3.58 4.24 9.39
C TYR A 25 3.31 5.64 8.84
N LYS A 26 2.77 5.68 7.63
CA LYS A 26 2.46 6.95 6.99
C LYS A 26 1.04 6.89 6.42
N THR A 27 0.35 8.01 6.52
CA THR A 27 -1.01 8.09 6.02
C THR A 27 -1.14 9.26 5.03
N ILE A 28 -1.34 8.90 3.77
CA ILE A 28 -1.48 9.89 2.73
C ILE A 28 -2.93 9.91 2.23
N LEU A 29 -3.32 11.04 1.67
CA LEU A 29 -4.67 11.20 1.16
C LEU A 29 -4.78 10.52 -0.21
N LEU A 30 -5.47 9.40 -0.22
CA LEU A 30 -5.66 8.64 -1.45
C LEU A 30 -7.07 8.87 -1.98
N SER A 31 -7.24 8.62 -3.27
CA SER A 31 -8.53 8.79 -3.90
C SER A 31 -8.97 7.49 -4.58
N THR A 32 -10.27 7.22 -4.51
CA THR A 32 -10.81 6.02 -5.11
C THR A 32 -10.41 5.91 -6.58
N THR A 33 -10.08 7.07 -7.15
CA THR A 33 -9.68 7.12 -8.54
C THR A 33 -8.18 6.86 -8.67
N ASP A 34 -7.42 7.42 -7.74
CA ASP A 34 -5.99 7.25 -7.74
C ASP A 34 -5.65 5.76 -7.78
N THR A 35 -4.40 5.48 -8.13
CA THR A 35 -3.93 4.11 -8.21
C THR A 35 -2.68 3.91 -7.37
N ALA A 36 -2.04 2.76 -7.55
CA ALA A 36 -0.83 2.44 -6.82
C ALA A 36 0.32 3.28 -7.36
N ASP A 37 0.42 3.31 -8.67
CA ASP A 37 1.47 4.07 -9.32
C ASP A 37 1.53 5.48 -8.72
N PHE A 38 0.36 6.07 -8.56
CA PHE A 38 0.25 7.40 -8.00
C PHE A 38 0.57 7.39 -6.50
N ALA A 39 -0.14 6.53 -5.78
CA ALA A 39 0.05 6.42 -4.35
C ALA A 39 1.54 6.19 -4.06
N VAL A 40 2.14 5.31 -4.84
CA VAL A 40 3.55 5.00 -4.68
C VAL A 40 4.35 6.31 -4.60
N ALA A 41 4.40 7.00 -5.72
CA ALA A 41 5.12 8.26 -5.79
C ALA A 41 4.85 9.06 -4.52
N GLU A 42 3.58 9.27 -4.23
CA GLU A 42 3.18 10.02 -3.06
C GLU A 42 3.92 9.51 -1.82
N SER A 43 3.59 8.29 -1.44
CA SER A 43 4.21 7.67 -0.29
C SER A 43 5.69 8.02 -0.24
N LEU A 44 6.37 7.74 -1.35
CA LEU A 44 7.79 8.02 -1.45
C LEU A 44 8.06 9.46 -0.98
N GLU A 45 7.55 10.39 -1.77
CA GLU A 45 7.73 11.80 -1.45
C GLU A 45 7.30 12.08 -0.01
N LYS A 46 6.07 11.67 0.30
CA LYS A 46 5.54 11.87 1.64
C LYS A 46 6.59 11.45 2.67
N TYR A 47 7.09 10.23 2.51
CA TYR A 47 8.08 9.71 3.42
C TYR A 47 9.38 10.51 3.33
N GLY A 48 9.59 11.11 2.17
CA GLY A 48 10.79 11.91 1.94
C GLY A 48 11.66 11.28 0.85
N LEU A 49 11.01 10.62 -0.09
CA LEU A 49 11.71 9.98 -1.19
C LEU A 49 11.32 10.64 -2.51
N GLU A 50 11.70 11.90 -2.63
CA GLU A 50 11.39 12.65 -3.83
C GLU A 50 12.57 12.62 -4.80
N LYS A 51 13.12 11.42 -4.96
CA LYS A 51 14.26 11.23 -5.85
C LYS A 51 14.25 9.79 -6.38
N GLU A 52 14.06 8.86 -5.45
CA GLU A 52 14.02 7.45 -5.81
C GLU A 52 13.09 7.23 -7.00
N ASN A 53 13.02 5.98 -7.42
CA ASN A 53 12.16 5.61 -8.55
C ASN A 53 10.95 4.84 -8.03
N PRO A 54 9.75 5.38 -8.35
CA PRO A 54 8.51 4.75 -7.93
C PRO A 54 8.21 3.51 -8.76
N LYS A 55 8.74 3.51 -9.98
CA LYS A 55 8.54 2.40 -10.89
C LYS A 55 9.23 1.15 -10.32
N ASP A 56 10.04 1.39 -9.30
CA ASP A 56 10.78 0.30 -8.67
C ASP A 56 9.93 -0.28 -7.53
N TYR A 57 9.16 0.60 -6.90
CA TYR A 57 8.31 0.20 -5.80
C TYR A 57 6.84 0.08 -6.25
N CYS A 58 6.17 -0.92 -5.71
CA CYS A 58 4.77 -1.16 -6.04
C CYS A 58 3.98 -1.24 -4.73
N ILE A 59 2.67 -1.35 -4.90
CA ILE A 59 1.79 -1.45 -3.74
C ILE A 59 1.34 -2.91 -3.56
N ALA A 60 1.84 -3.51 -2.49
CA ALA A 60 1.51 -4.90 -2.20
C ALA A 60 0.48 -4.93 -1.07
N ARG A 61 -0.66 -5.55 -1.36
CA ARG A 61 -1.72 -5.67 -0.38
C ARG A 61 -1.55 -6.95 0.44
N VAL A 62 -1.56 -6.77 1.75
CA VAL A 62 -1.41 -7.90 2.65
C VAL A 62 -2.78 -8.32 3.18
N MET A 63 -3.19 -9.53 2.81
CA MET A 63 -4.47 -10.05 3.24
C MET A 63 -4.30 -11.22 4.21
N LEU A 64 -4.95 -11.10 5.35
CA LEU A 64 -4.87 -12.13 6.38
C LEU A 64 -5.74 -13.31 5.96
N PRO A 65 -5.05 -14.46 5.70
CA PRO A 65 -5.75 -15.67 5.29
C PRO A 65 -6.45 -16.32 6.49
N PRO A 66 -7.38 -17.26 6.16
CA PRO A 66 -8.13 -17.97 7.18
C PRO A 66 -7.26 -19.02 7.87
N GLY A 67 -6.31 -19.55 7.11
CA GLY A 67 -5.42 -20.56 7.62
C GLY A 67 -4.09 -19.94 8.08
N ALA A 68 -4.20 -18.97 8.97
CA ALA A 68 -3.04 -18.29 9.50
C ALA A 68 -3.21 -18.07 11.01
N GLN A 69 -4.31 -17.41 11.35
CA GLN A 69 -4.60 -17.12 12.74
C GLN A 69 -6.11 -17.03 12.96
N HIS A 70 -6.54 -17.44 14.14
CA HIS A 70 -7.95 -17.40 14.48
C HIS A 70 -8.50 -16.00 14.24
N SER A 71 -8.12 -15.09 15.13
CA SER A 71 -8.56 -13.71 15.02
C SER A 71 -7.37 -12.76 15.18
N ASP A 72 -6.44 -12.87 14.24
CA ASP A 72 -5.25 -12.03 14.26
C ASP A 72 -4.46 -12.24 12.97
N GLU A 73 -3.41 -11.44 12.83
CA GLU A 73 -2.57 -11.53 11.64
C GLU A 73 -1.10 -11.62 12.05
N ARG A 74 -0.48 -12.72 11.66
CA ARG A 74 0.92 -12.95 11.98
C ARG A 74 1.67 -13.46 10.74
N GLY A 75 1.20 -14.59 10.23
CA GLY A 75 1.82 -15.19 9.07
C GLY A 75 0.96 -14.94 7.82
N ALA A 76 0.32 -13.79 7.80
CA ALA A 76 -0.52 -13.43 6.67
C ALA A 76 0.30 -13.46 5.39
N LYS A 77 -0.40 -13.34 4.27
CA LYS A 77 0.26 -13.35 2.97
C LYS A 77 -0.25 -12.18 2.13
N GLU A 78 0.68 -11.55 1.43
CA GLU A 78 0.33 -10.42 0.58
C GLU A 78 0.53 -10.77 -0.89
N ILE A 79 -0.11 -9.99 -1.75
CA ILE A 79 -0.01 -10.22 -3.19
C ILE A 79 0.15 -8.87 -3.89
N ILE A 80 1.26 -8.75 -4.61
CA ILE A 80 1.55 -7.53 -5.34
C ILE A 80 0.38 -7.20 -6.25
N LEU A 81 0.24 -5.91 -6.56
CA LEU A 81 -0.84 -5.45 -7.41
C LEU A 81 -0.28 -5.16 -8.81
N ASP A 82 -1.20 -4.99 -9.75
CA ASP A 82 -0.81 -4.71 -11.12
C ASP A 82 0.01 -3.41 -11.16
N ASP A 83 -0.71 -2.30 -11.07
CA ASP A 83 -0.05 -1.00 -11.09
C ASP A 83 -1.13 0.10 -11.19
N ASP A 84 -2.11 -0.16 -12.03
CA ASP A 84 -3.20 0.79 -12.22
C ASP A 84 -4.39 0.38 -11.36
N GLU A 85 -4.08 -0.36 -10.30
CA GLU A 85 -5.12 -0.82 -9.39
C GLU A 85 -5.53 0.31 -8.44
N CYS A 86 -6.38 -0.05 -7.48
CA CYS A 86 -6.86 0.91 -6.51
C CYS A 86 -6.79 0.28 -5.12
N PRO A 87 -5.81 0.77 -4.31
CA PRO A 87 -5.62 0.25 -2.97
C PRO A 87 -6.72 0.77 -2.03
N LEU A 88 -7.22 1.95 -2.35
CA LEU A 88 -8.26 2.57 -1.55
C LEU A 88 -9.61 1.90 -1.87
N GLN A 89 -10.00 2.01 -3.13
CA GLN A 89 -11.25 1.42 -3.57
C GLN A 89 -11.33 -0.05 -3.16
N ILE A 90 -10.21 -0.74 -3.34
CA ILE A 90 -10.14 -2.15 -3.00
C ILE A 90 -10.47 -2.32 -1.51
N PHE A 91 -9.82 -1.51 -0.69
CA PHE A 91 -10.04 -1.56 0.75
C PHE A 91 -11.49 -1.20 1.09
N ARG A 92 -11.98 -0.16 0.44
CA ARG A 92 -13.35 0.29 0.67
C ARG A 92 -14.32 -0.88 0.54
N GLU A 93 -14.06 -1.72 -0.44
CA GLU A 93 -14.90 -2.88 -0.69
C GLU A 93 -14.12 -4.17 -0.41
N TRP A 94 -13.58 -4.26 0.80
CA TRP A 94 -12.81 -5.42 1.19
C TRP A 94 -13.55 -6.09 2.35
N PRO A 95 -13.71 -7.44 2.22
CA PRO A 95 -14.39 -8.21 3.25
C PRO A 95 -13.49 -8.41 4.47
N SER A 96 -13.96 -7.90 5.60
CA SER A 96 -13.22 -8.01 6.84
C SER A 96 -13.02 -9.49 7.20
N ASP A 97 -14.03 -10.28 6.87
CA ASP A 97 -13.98 -11.70 7.15
C ASP A 97 -12.77 -12.32 6.44
N LYS A 98 -12.56 -11.89 5.21
CA LYS A 98 -11.45 -12.38 4.42
C LYS A 98 -10.15 -12.18 5.20
N GLY A 99 -10.12 -11.13 5.99
CA GLY A 99 -8.95 -10.82 6.79
C GLY A 99 -8.58 -9.33 6.67
N ILE A 100 -7.69 -8.91 7.56
CA ILE A 100 -7.25 -7.52 7.55
C ILE A 100 -6.56 -7.21 6.22
N LEU A 101 -6.60 -5.95 5.85
CA LEU A 101 -5.99 -5.51 4.60
C LEU A 101 -4.96 -4.42 4.90
N VAL A 102 -3.81 -4.55 4.26
CA VAL A 102 -2.74 -3.58 4.45
C VAL A 102 -1.97 -3.41 3.13
N PHE A 103 -1.63 -2.16 2.84
CA PHE A 103 -0.90 -1.85 1.62
C PHE A 103 0.50 -1.32 1.95
N GLN A 104 1.49 -2.12 1.61
CA GLN A 104 2.87 -1.74 1.85
C GLN A 104 3.51 -1.20 0.56
N LEU A 105 4.66 -0.56 0.73
CA LEU A 105 5.38 0.00 -0.40
C LEU A 105 6.84 -0.45 -0.34
N LYS A 106 7.25 -1.15 -1.38
CA LYS A 106 8.61 -1.65 -1.46
C LYS A 106 8.91 -2.09 -2.90
N ARG A 107 10.16 -2.48 -3.12
CA ARG A 107 10.58 -2.92 -4.44
C ARG A 107 9.83 -4.19 -4.83
N ARG A 108 9.50 -4.28 -6.11
CA ARG A 108 8.79 -5.45 -6.62
C ARG A 108 9.53 -6.74 -6.24
N PRO A 109 8.82 -7.60 -5.47
CA PRO A 109 9.39 -8.86 -5.03
C PRO A 109 9.44 -9.86 -6.18
N PRO A 110 10.68 -10.34 -6.48
CA PRO A 110 10.88 -11.30 -7.55
C PRO A 110 10.42 -12.69 -7.13
N SER A 111 9.16 -12.76 -6.74
CA SER A 111 8.58 -14.03 -6.32
C SER A 111 7.09 -13.85 -5.99
N GLY A 112 6.39 -14.97 -5.90
CA GLY A 112 4.97 -14.94 -5.60
C GLY A 112 4.71 -15.40 -4.17
N PRO A 113 4.68 -16.75 -3.99
CA PRO A 113 4.44 -17.33 -2.68
C PRO A 113 5.67 -17.20 -1.79
N SER A 114 5.47 -16.58 -0.64
CA SER A 114 6.56 -16.39 0.32
C SER A 114 6.07 -16.69 1.73
N SER A 115 7.00 -17.12 2.56
CA SER A 115 6.69 -17.44 3.95
C SER A 115 7.95 -17.36 4.81
N GLY A 116 7.83 -16.67 5.93
CA GLY A 116 8.94 -16.51 6.84
C GLY A 116 9.96 -15.51 6.30
N GLY A 1 4.40 25.30 2.42
CA GLY A 1 3.95 23.93 2.31
C GLY A 1 2.66 23.84 1.49
N SER A 2 2.15 22.62 1.38
CA SER A 2 0.92 22.39 0.63
C SER A 2 0.25 21.11 1.11
N SER A 3 -0.73 21.29 1.99
CA SER A 3 -1.46 20.15 2.53
C SER A 3 -2.94 20.53 2.73
N GLY A 4 -3.78 19.92 1.91
CA GLY A 4 -5.21 20.17 1.98
C GLY A 4 -5.91 19.72 0.70
N SER A 5 -6.87 18.82 0.87
CA SER A 5 -7.62 18.31 -0.26
C SER A 5 -9.11 18.58 -0.06
N SER A 6 -9.65 19.46 -0.91
CA SER A 6 -11.05 19.81 -0.83
C SER A 6 -11.90 18.77 -1.59
N GLY A 7 -12.80 18.15 -0.85
CA GLY A 7 -13.67 17.15 -1.44
C GLY A 7 -13.60 15.85 -0.64
N SER A 8 -14.68 15.08 -0.73
CA SER A 8 -14.76 13.81 -0.03
C SER A 8 -13.97 12.74 -0.80
N GLY A 9 -12.91 12.29 -0.18
CA GLY A 9 -12.06 11.27 -0.78
C GLY A 9 -11.88 10.07 0.16
N GLY A 10 -10.65 9.90 0.61
CA GLY A 10 -10.32 8.81 1.52
C GLY A 10 -8.85 8.85 1.91
N THR A 11 -8.50 7.96 2.83
CA THR A 11 -7.12 7.88 3.30
C THR A 11 -6.57 6.46 3.12
N LEU A 12 -5.27 6.34 3.27
CA LEU A 12 -4.61 5.06 3.11
C LEU A 12 -3.41 4.98 4.07
N ARG A 13 -3.40 3.93 4.87
CA ARG A 13 -2.32 3.74 5.82
C ARG A 13 -1.20 2.89 5.19
N ILE A 14 -0.20 3.59 4.66
CA ILE A 14 0.92 2.92 4.03
C ILE A 14 1.99 2.62 5.09
N TYR A 15 1.82 1.48 5.73
CA TYR A 15 2.76 1.07 6.77
C TYR A 15 4.19 0.98 6.21
N ALA A 16 4.30 0.31 5.07
CA ALA A 16 5.59 0.14 4.43
C ALA A 16 6.66 -0.12 5.49
N ASP A 17 6.40 -1.14 6.31
CA ASP A 17 7.33 -1.50 7.37
C ASP A 17 8.45 -2.36 6.78
N SER A 18 9.27 -1.71 5.96
CA SER A 18 10.38 -2.39 5.33
C SER A 18 11.28 -1.38 4.61
N LEU A 19 10.66 -0.57 3.76
CA LEU A 19 11.38 0.44 3.01
C LEU A 19 12.05 1.40 3.99
N LYS A 20 11.39 1.62 5.11
CA LYS A 20 11.91 2.52 6.13
C LYS A 20 11.72 1.88 7.51
N PRO A 21 12.77 1.13 7.95
CA PRO A 21 12.74 0.47 9.25
C PRO A 21 12.92 1.48 10.38
N ASN A 22 12.14 2.55 10.32
CA ASN A 22 12.20 3.59 11.33
C ASN A 22 10.79 4.14 11.58
N ILE A 23 10.17 4.60 10.50
CA ILE A 23 8.83 5.15 10.60
C ILE A 23 7.83 4.01 10.84
N PRO A 24 6.81 4.32 11.69
CA PRO A 24 5.79 3.34 12.01
C PRO A 24 4.82 3.15 10.84
N TYR A 25 4.20 4.25 10.45
CA TYR A 25 3.25 4.23 9.34
C TYR A 25 3.02 5.63 8.77
N LYS A 26 2.52 5.66 7.55
CA LYS A 26 2.25 6.93 6.89
C LYS A 26 0.84 6.90 6.30
N THR A 27 0.21 8.08 6.32
CA THR A 27 -1.15 8.21 5.80
C THR A 27 -1.21 9.33 4.77
N ILE A 28 -1.42 8.94 3.52
CA ILE A 28 -1.51 9.90 2.44
C ILE A 28 -2.95 9.98 1.95
N LEU A 29 -3.29 11.13 1.39
CA LEU A 29 -4.63 11.35 0.88
C LEU A 29 -4.80 10.60 -0.44
N LEU A 30 -5.61 9.56 -0.40
CA LEU A 30 -5.87 8.74 -1.58
C LEU A 30 -7.31 8.97 -2.04
N SER A 31 -7.55 8.63 -3.31
CA SER A 31 -8.87 8.79 -3.88
C SER A 31 -9.37 7.44 -4.43
N THR A 32 -10.66 7.21 -4.23
CA THR A 32 -11.26 5.97 -4.71
C THR A 32 -10.81 5.67 -6.14
N THR A 33 -10.49 6.72 -6.86
CA THR A 33 -10.04 6.58 -8.23
C THR A 33 -8.56 6.95 -8.35
N ASP A 34 -7.74 6.23 -7.58
CA ASP A 34 -6.31 6.48 -7.59
C ASP A 34 -5.59 5.24 -8.14
N THR A 35 -4.31 5.41 -8.41
CA THR A 35 -3.50 4.31 -8.93
C THR A 35 -2.33 4.02 -7.99
N ALA A 36 -1.89 2.76 -8.03
CA ALA A 36 -0.79 2.34 -7.19
C ALA A 36 0.48 3.10 -7.60
N ASP A 37 0.69 3.16 -8.90
CA ASP A 37 1.86 3.85 -9.44
C ASP A 37 1.89 5.29 -8.90
N PHE A 38 0.69 5.86 -8.76
CA PHE A 38 0.57 7.21 -8.26
C PHE A 38 0.86 7.28 -6.76
N ALA A 39 0.19 6.40 -6.02
CA ALA A 39 0.37 6.35 -4.59
C ALA A 39 1.85 6.18 -4.26
N VAL A 40 2.48 5.26 -4.98
CA VAL A 40 3.90 5.00 -4.79
C VAL A 40 4.65 6.32 -4.67
N ALA A 41 4.66 7.06 -5.76
CA ALA A 41 5.34 8.34 -5.81
C ALA A 41 5.06 9.10 -4.50
N GLU A 42 3.78 9.29 -4.23
CA GLU A 42 3.36 9.98 -3.03
C GLU A 42 4.12 9.45 -1.81
N SER A 43 3.80 8.22 -1.45
CA SER A 43 4.44 7.58 -0.32
C SER A 43 5.92 7.95 -0.27
N LEU A 44 6.61 7.67 -1.37
CA LEU A 44 8.02 7.98 -1.47
C LEU A 44 8.28 9.38 -0.93
N GLU A 45 7.75 10.36 -1.65
CA GLU A 45 7.92 11.75 -1.26
C GLU A 45 7.44 11.95 0.18
N LYS A 46 6.22 11.51 0.43
CA LYS A 46 5.64 11.64 1.75
C LYS A 46 6.66 11.17 2.80
N TYR A 47 7.19 9.98 2.55
CA TYR A 47 8.17 9.40 3.46
C TYR A 47 9.45 10.23 3.49
N GLY A 48 9.73 10.87 2.37
CA GLY A 48 10.92 11.70 2.25
C GLY A 48 11.83 11.21 1.12
N LEU A 49 11.32 10.22 0.39
CA LEU A 49 12.07 9.66 -0.72
C LEU A 49 11.76 10.45 -2.00
N GLU A 50 11.96 11.75 -1.91
CA GLU A 50 11.70 12.63 -3.04
C GLU A 50 12.91 12.63 -3.99
N LYS A 51 13.35 11.43 -4.34
CA LYS A 51 14.49 11.29 -5.23
C LYS A 51 14.43 9.91 -5.89
N GLU A 52 14.17 8.90 -5.06
CA GLU A 52 14.10 7.54 -5.56
C GLU A 52 13.12 7.45 -6.74
N ASN A 53 13.12 6.29 -7.39
CA ASN A 53 12.26 6.08 -8.53
C ASN A 53 11.01 5.30 -8.08
N PRO A 54 9.83 5.87 -8.41
CA PRO A 54 8.57 5.24 -8.05
C PRO A 54 8.28 4.02 -8.94
N LYS A 55 9.18 3.80 -9.88
CA LYS A 55 9.04 2.68 -10.80
C LYS A 55 9.78 1.47 -10.23
N ASP A 56 10.32 1.65 -9.04
CA ASP A 56 11.06 0.58 -8.38
C ASP A 56 10.24 0.06 -7.19
N TYR A 57 9.19 0.81 -6.87
CA TYR A 57 8.33 0.43 -5.76
C TYR A 57 6.86 0.38 -6.21
N CYS A 58 6.14 -0.59 -5.66
CA CYS A 58 4.74 -0.76 -5.99
C CYS A 58 3.95 -0.85 -4.69
N ILE A 59 2.65 -1.10 -4.83
CA ILE A 59 1.77 -1.21 -3.68
C ILE A 59 1.36 -2.67 -3.51
N ALA A 60 1.98 -3.33 -2.54
CA ALA A 60 1.66 -4.72 -2.27
C ALA A 60 0.68 -4.80 -1.10
N ARG A 61 -0.47 -5.40 -1.37
CA ARG A 61 -1.49 -5.55 -0.35
C ARG A 61 -1.30 -6.86 0.42
N VAL A 62 -1.40 -6.75 1.74
CA VAL A 62 -1.23 -7.90 2.59
C VAL A 62 -2.60 -8.31 3.17
N MET A 63 -3.05 -9.48 2.77
CA MET A 63 -4.33 -10.00 3.23
C MET A 63 -4.14 -11.19 4.16
N LEU A 64 -4.83 -11.14 5.29
CA LEU A 64 -4.75 -12.21 6.27
C LEU A 64 -5.52 -13.43 5.76
N PRO A 65 -5.08 -14.63 6.24
CA PRO A 65 -5.72 -15.87 5.83
C PRO A 65 -7.07 -16.05 6.54
N PRO A 66 -7.82 -17.08 6.09
CA PRO A 66 -9.13 -17.37 6.67
C PRO A 66 -8.99 -18.02 8.04
N GLY A 67 -8.49 -17.23 8.98
CA GLY A 67 -8.30 -17.71 10.34
C GLY A 67 -7.06 -17.08 10.99
N ALA A 68 -5.95 -17.76 10.83
CA ALA A 68 -4.69 -17.28 11.40
C ALA A 68 -4.80 -17.24 12.91
N GLN A 69 -3.68 -16.91 13.55
CA GLN A 69 -3.64 -16.84 15.00
C GLN A 69 -2.29 -16.28 15.46
N HIS A 70 -2.16 -16.13 16.78
CA HIS A 70 -0.93 -15.61 17.36
C HIS A 70 -0.70 -14.18 16.86
N SER A 71 0.05 -13.43 17.65
CA SER A 71 0.36 -12.06 17.30
C SER A 71 0.94 -11.99 15.89
N ASP A 72 2.00 -12.76 15.69
CA ASP A 72 2.67 -12.80 14.39
C ASP A 72 1.66 -13.22 13.32
N GLU A 73 1.69 -12.50 12.21
CA GLU A 73 0.78 -12.79 11.10
C GLU A 73 0.69 -14.30 10.88
N ARG A 74 1.80 -14.86 10.41
CA ARG A 74 1.84 -16.29 10.15
C ARG A 74 0.70 -16.70 9.21
N GLY A 75 1.05 -16.91 7.95
CA GLY A 75 0.07 -17.29 6.95
C GLY A 75 -0.21 -16.15 5.99
N ALA A 76 -0.49 -14.99 6.55
CA ALA A 76 -0.78 -13.81 5.76
C ALA A 76 0.23 -13.70 4.62
N LYS A 77 -0.29 -13.58 3.41
CA LYS A 77 0.56 -13.48 2.23
C LYS A 77 0.08 -12.30 1.37
N GLU A 78 1.00 -11.38 1.12
CA GLU A 78 0.68 -10.22 0.32
C GLU A 78 0.86 -10.53 -1.17
N ILE A 79 0.08 -9.84 -2.00
CA ILE A 79 0.14 -10.04 -3.43
C ILE A 79 0.19 -8.68 -4.13
N ILE A 80 1.29 -8.44 -4.83
CA ILE A 80 1.47 -7.20 -5.54
C ILE A 80 0.21 -6.88 -6.34
N LEU A 81 0.01 -5.60 -6.60
CA LEU A 81 -1.14 -5.15 -7.35
C LEU A 81 -0.73 -4.84 -8.79
N ASP A 82 -1.70 -4.92 -9.68
CA ASP A 82 -1.45 -4.65 -11.09
C ASP A 82 -0.52 -3.44 -11.21
N ASP A 83 -1.11 -2.27 -11.12
CA ASP A 83 -0.35 -1.03 -11.21
C ASP A 83 -1.30 0.16 -11.15
N ASP A 84 -2.42 0.01 -11.85
CA ASP A 84 -3.42 1.07 -11.88
C ASP A 84 -4.65 0.63 -11.07
N GLU A 85 -4.38 -0.11 -10.01
CA GLU A 85 -5.45 -0.59 -9.14
C GLU A 85 -5.89 0.50 -8.18
N CYS A 86 -6.84 0.14 -7.32
CA CYS A 86 -7.35 1.09 -6.34
C CYS A 86 -7.31 0.41 -4.97
N PRO A 87 -6.34 0.87 -4.13
CA PRO A 87 -6.18 0.32 -2.80
C PRO A 87 -7.27 0.84 -1.86
N LEU A 88 -7.74 2.04 -2.15
CA LEU A 88 -8.78 2.66 -1.35
C LEU A 88 -10.12 1.99 -1.65
N GLN A 89 -10.45 1.93 -2.93
CA GLN A 89 -11.70 1.32 -3.35
C GLN A 89 -11.73 -0.15 -2.93
N ILE A 90 -10.58 -0.80 -3.08
CA ILE A 90 -10.46 -2.21 -2.73
C ILE A 90 -10.72 -2.37 -1.23
N PHE A 91 -10.04 -1.54 -0.45
CA PHE A 91 -10.18 -1.58 0.99
C PHE A 91 -11.65 -1.56 1.40
N ARG A 92 -12.38 -0.63 0.82
CA ARG A 92 -13.80 -0.48 1.12
C ARG A 92 -14.55 -1.75 0.72
N GLU A 93 -14.29 -2.20 -0.50
CA GLU A 93 -14.93 -3.41 -1.01
C GLU A 93 -14.07 -4.63 -0.70
N TRP A 94 -13.64 -4.72 0.55
CA TRP A 94 -12.82 -5.83 0.98
C TRP A 94 -13.60 -6.61 2.05
N PRO A 95 -13.63 -7.96 1.87
CA PRO A 95 -14.33 -8.82 2.81
C PRO A 95 -13.54 -8.97 4.11
N SER A 96 -14.22 -8.69 5.21
CA SER A 96 -13.59 -8.80 6.52
C SER A 96 -13.29 -10.26 6.84
N ASP A 97 -14.16 -11.13 6.35
CA ASP A 97 -14.00 -12.56 6.57
C ASP A 97 -12.69 -13.03 5.93
N LYS A 98 -12.34 -12.37 4.83
CA LYS A 98 -11.13 -12.71 4.11
C LYS A 98 -9.91 -12.43 5.00
N GLY A 99 -10.09 -11.46 5.90
CA GLY A 99 -9.02 -11.09 6.80
C GLY A 99 -8.69 -9.60 6.69
N ILE A 100 -7.77 -9.16 7.52
CA ILE A 100 -7.35 -7.77 7.52
C ILE A 100 -6.64 -7.46 6.20
N LEU A 101 -6.74 -6.21 5.79
CA LEU A 101 -6.10 -5.77 4.55
C LEU A 101 -5.16 -4.60 4.85
N VAL A 102 -3.99 -4.66 4.23
CA VAL A 102 -3.00 -3.61 4.43
C VAL A 102 -2.20 -3.42 3.13
N PHE A 103 -1.76 -2.20 2.92
CA PHE A 103 -0.98 -1.88 1.73
C PHE A 103 0.42 -1.38 2.10
N GLN A 104 1.41 -2.13 1.66
CA GLN A 104 2.80 -1.78 1.93
C GLN A 104 3.49 -1.29 0.66
N LEU A 105 4.62 -0.64 0.85
CA LEU A 105 5.39 -0.12 -0.27
C LEU A 105 6.83 -0.62 -0.17
N LYS A 106 7.24 -1.33 -1.21
CA LYS A 106 8.59 -1.86 -1.25
C LYS A 106 8.94 -2.25 -2.69
N ARG A 107 10.17 -2.71 -2.87
CA ARG A 107 10.64 -3.11 -4.18
C ARG A 107 9.82 -4.30 -4.70
N ARG A 108 9.51 -4.25 -5.98
CA ARG A 108 8.73 -5.31 -6.61
C ARG A 108 9.38 -6.67 -6.35
N PRO A 109 8.73 -7.47 -5.48
CA PRO A 109 9.24 -8.78 -5.13
C PRO A 109 8.99 -9.78 -6.27
N PRO A 110 9.96 -10.71 -6.45
CA PRO A 110 9.86 -11.71 -7.49
C PRO A 110 8.85 -12.79 -7.12
N SER A 111 9.01 -13.32 -5.91
CA SER A 111 8.12 -14.37 -5.42
C SER A 111 6.69 -13.85 -5.40
N GLY A 112 6.00 -14.07 -6.52
CA GLY A 112 4.62 -13.64 -6.63
C GLY A 112 3.88 -14.44 -7.70
N PRO A 113 3.06 -13.71 -8.52
CA PRO A 113 2.31 -14.35 -9.58
C PRO A 113 3.21 -14.71 -10.75
N SER A 114 4.24 -15.50 -10.45
CA SER A 114 5.18 -15.93 -11.46
C SER A 114 4.48 -16.83 -12.48
N SER A 115 3.88 -17.90 -11.97
CA SER A 115 3.17 -18.84 -12.81
C SER A 115 2.40 -18.10 -13.91
N GLY A 116 2.52 -18.60 -15.13
CA GLY A 116 1.85 -17.99 -16.26
C GLY A 116 1.36 -19.05 -17.24
#